data_4HW9
#
_entry.id   4HW9
#
_cell.length_a   113.920
_cell.length_b   143.100
_cell.length_c   178.370
_cell.angle_alpha   90.00
_cell.angle_beta   90.00
_cell.angle_gamma   90.00
#
_symmetry.space_group_name_H-M   'P 21 21 21'
#
_entity_poly.entity_id   1
_entity_poly.type   'polypeptide(L)'
_entity_poly.pdbx_seq_one_letter_code
;MGSSHHHHHHSSGLVPRGSHTLINMDEIKTLLVDFFPQAKHFGIILIKAVIVFCIGFYFSFFLRNKTMKLLSKKDEILAN
FVAQVTFILILIITTIIALSTLGVQTTSIITVLGTVGIAVALALKDYLSSIAGGIILIILHPFKKGDIIEISGLEGKVEA
LNFFNTSLRLHDGRLAVLPNRSVANSNIINSNNTACRRIEWVCGVGYGSDIELVHKTIKDVIDTMEKIDKNMPTFIGITD
FGSSSLNFTIRVWAKIEDGIFNVRSELIERIKNALDANHIEIPFNKLDIAIKNQDSPKLINDYKDDDDK
;
_entity_poly.pdbx_strand_id   A,B,C,D,E,F,G
#
# COMPACT_ATOMS: atom_id res chain seq x y z
N PHE A 42 27.62 -51.87 -30.32
CA PHE A 42 26.97 -50.82 -29.49
C PHE A 42 27.57 -49.39 -29.55
N GLY A 43 28.81 -49.31 -30.00
CA GLY A 43 29.70 -48.14 -29.99
C GLY A 43 29.45 -46.68 -30.38
N ILE A 44 29.01 -46.47 -31.61
CA ILE A 44 28.81 -45.14 -32.15
C ILE A 44 28.18 -44.10 -31.23
N ILE A 45 27.00 -44.36 -30.65
CA ILE A 45 26.45 -43.35 -29.73
C ILE A 45 27.27 -43.06 -28.51
N LEU A 46 27.86 -44.10 -27.97
CA LEU A 46 28.77 -44.06 -26.85
C LEU A 46 29.96 -43.08 -27.15
N ILE A 47 30.23 -42.95 -28.45
CA ILE A 47 31.38 -42.20 -28.97
C ILE A 47 30.95 -40.83 -29.46
N LYS A 48 29.85 -40.80 -30.19
CA LYS A 48 29.18 -39.60 -30.72
C LYS A 48 28.94 -38.63 -29.58
N ALA A 49 28.84 -39.18 -28.35
CA ALA A 49 28.66 -38.38 -27.12
C ALA A 49 29.87 -37.57 -26.79
N VAL A 50 31.00 -38.22 -26.62
CA VAL A 50 32.21 -37.49 -26.30
C VAL A 50 32.71 -36.73 -27.55
N ILE A 51 32.19 -37.06 -28.72
CA ILE A 51 32.38 -36.29 -29.93
C ILE A 51 31.74 -34.96 -29.76
N VAL A 52 30.43 -34.99 -29.59
CA VAL A 52 29.59 -33.81 -29.43
C VAL A 52 29.93 -32.96 -28.22
N PHE A 53 29.93 -33.64 -27.08
CA PHE A 53 30.14 -33.06 -25.78
C PHE A 53 31.33 -32.17 -25.72
N CYS A 54 32.37 -32.61 -26.42
CA CYS A 54 33.63 -31.89 -26.47
C CYS A 54 33.56 -30.86 -27.58
N ILE A 55 32.92 -31.23 -28.68
CA ILE A 55 32.78 -30.32 -29.79
C ILE A 55 32.25 -28.97 -29.26
N GLY A 56 31.18 -29.02 -28.50
CA GLY A 56 30.68 -27.79 -27.91
C GLY A 56 31.51 -27.31 -26.73
N PHE A 57 32.05 -28.28 -26.01
CA PHE A 57 32.73 -28.02 -24.75
C PHE A 57 33.90 -27.05 -24.97
N TYR A 58 34.53 -27.14 -26.14
CA TYR A 58 35.52 -26.15 -26.56
C TYR A 58 34.86 -24.78 -26.74
N PHE A 59 33.72 -24.85 -27.39
CA PHE A 59 33.01 -23.65 -27.73
C PHE A 59 32.61 -22.85 -26.42
N SER A 60 32.87 -23.49 -25.25
CA SER A 60 32.75 -22.84 -23.92
C SER A 60 33.93 -21.89 -23.76
N PHE A 61 35.11 -22.30 -24.19
CA PHE A 61 36.23 -21.37 -24.22
C PHE A 61 36.00 -20.23 -25.20
N PHE A 62 35.73 -20.55 -26.48
CA PHE A 62 35.61 -19.44 -27.47
C PHE A 62 34.43 -18.50 -27.13
N LEU A 63 33.46 -18.95 -26.32
CA LEU A 63 32.36 -18.03 -25.97
C LEU A 63 32.49 -17.54 -24.52
N ARG A 64 33.43 -18.09 -23.77
CA ARG A 64 33.82 -17.45 -22.52
C ARG A 64 34.74 -16.28 -22.81
N ASN A 65 35.60 -16.52 -23.78
CA ASN A 65 36.51 -15.54 -24.32
C ASN A 65 36.14 -14.69 -25.61
N LYS A 66 34.89 -14.71 -26.07
CA LYS A 66 34.34 -13.72 -27.06
C LYS A 66 33.25 -12.97 -26.31
N THR A 67 33.09 -13.41 -25.07
CA THR A 67 32.33 -12.71 -24.05
C THR A 67 33.35 -11.77 -23.45
N MET A 68 34.45 -12.37 -23.01
CA MET A 68 35.61 -11.63 -22.54
C MET A 68 36.24 -10.79 -23.70
N LYS A 69 36.00 -11.15 -24.97
CA LYS A 69 36.59 -10.38 -26.09
C LYS A 69 35.83 -9.12 -26.55
N LEU A 70 34.54 -9.19 -26.87
CA LEU A 70 33.98 -7.93 -27.31
C LEU A 70 33.31 -7.09 -26.18
N LEU A 71 33.24 -7.63 -24.94
CA LEU A 71 32.70 -6.92 -23.75
C LEU A 71 33.51 -6.65 -22.48
N SER A 72 34.50 -7.50 -22.18
CA SER A 72 35.26 -7.38 -20.92
C SER A 72 36.16 -6.15 -20.89
N LYS A 73 37.00 -6.10 -19.87
CA LYS A 73 37.83 -4.92 -19.56
C LYS A 73 37.15 -3.56 -19.32
N LYS A 74 35.96 -3.61 -18.73
CA LYS A 74 35.06 -2.51 -18.43
C LYS A 74 35.09 -2.62 -16.92
N ASP A 75 35.13 -3.83 -16.39
CA ASP A 75 35.20 -4.04 -14.95
C ASP A 75 35.48 -5.53 -14.65
N GLU A 76 35.87 -5.85 -13.41
CA GLU A 76 36.20 -7.21 -12.91
C GLU A 76 35.03 -8.06 -12.54
N ILE A 77 34.10 -7.31 -12.00
CA ILE A 77 32.77 -7.75 -11.69
C ILE A 77 31.97 -8.07 -12.95
N LEU A 78 32.09 -7.22 -13.98
CA LEU A 78 31.35 -7.40 -15.23
C LEU A 78 32.02 -8.39 -16.18
N ALA A 79 33.33 -8.29 -16.32
CA ALA A 79 34.01 -9.19 -17.21
C ALA A 79 33.95 -10.64 -16.69
N ASN A 80 33.90 -10.81 -15.37
CA ASN A 80 33.87 -12.20 -14.88
C ASN A 80 32.46 -12.64 -14.49
N PHE A 81 31.52 -11.73 -14.62
CA PHE A 81 30.16 -12.17 -14.40
C PHE A 81 29.55 -12.60 -15.73
N VAL A 82 29.66 -11.76 -16.76
CA VAL A 82 29.14 -12.20 -18.06
C VAL A 82 30.03 -13.31 -18.63
N ALA A 83 31.31 -13.35 -18.21
CA ALA A 83 32.09 -14.51 -18.62
C ALA A 83 31.92 -15.70 -17.68
N GLN A 84 31.35 -15.53 -16.50
CA GLN A 84 31.08 -16.77 -15.78
C GLN A 84 29.78 -17.35 -16.20
N VAL A 85 28.74 -16.55 -16.08
CA VAL A 85 27.45 -16.99 -16.53
C VAL A 85 27.39 -17.45 -17.99
N THR A 86 27.91 -16.67 -18.97
CA THR A 86 27.70 -17.10 -20.39
C THR A 86 28.39 -18.43 -20.54
N PHE A 87 29.45 -18.54 -19.78
CA PHE A 87 30.13 -19.76 -19.81
C PHE A 87 29.27 -20.93 -19.25
N ILE A 88 29.04 -20.94 -17.93
CA ILE A 88 28.42 -22.05 -17.16
C ILE A 88 27.12 -22.50 -17.86
N LEU A 89 26.49 -21.52 -18.48
CA LEU A 89 25.30 -21.74 -19.26
C LEU A 89 25.51 -22.54 -20.52
N ILE A 90 26.50 -22.10 -21.31
CA ILE A 90 26.93 -22.76 -22.55
C ILE A 90 27.43 -24.16 -22.25
N LEU A 91 27.77 -24.33 -21.00
CA LEU A 91 28.22 -25.59 -20.50
C LEU A 91 27.08 -26.54 -20.22
N ILE A 92 26.09 -26.05 -19.49
CA ILE A 92 24.97 -26.88 -19.09
C ILE A 92 24.03 -27.21 -20.26
N ILE A 93 24.04 -26.32 -21.24
CA ILE A 93 23.38 -26.60 -22.47
C ILE A 93 24.15 -27.72 -23.18
N THR A 94 25.50 -27.68 -23.15
CA THR A 94 26.29 -28.73 -23.85
C THR A 94 26.15 -30.06 -23.19
N THR A 95 26.12 -30.08 -21.87
CA THR A 95 25.93 -31.32 -21.18
C THR A 95 24.64 -31.96 -21.56
N ILE A 96 23.55 -31.19 -21.36
CA ILE A 96 22.21 -31.66 -21.72
C ILE A 96 22.08 -32.19 -23.14
N ILE A 97 22.69 -31.47 -24.06
CA ILE A 97 22.68 -31.88 -25.45
C ILE A 97 23.39 -33.20 -25.74
N ALA A 98 24.54 -33.34 -25.09
CA ALA A 98 25.38 -34.52 -25.26
C ALA A 98 24.67 -35.73 -24.61
N LEU A 99 23.90 -35.54 -23.50
CA LEU A 99 23.13 -36.68 -22.92
C LEU A 99 21.96 -36.99 -23.80
N SER A 100 21.62 -36.02 -24.64
CA SER A 100 20.51 -36.22 -25.56
C SER A 100 20.91 -37.13 -26.70
N THR A 101 22.13 -36.96 -27.21
CA THR A 101 22.55 -37.82 -28.32
C THR A 101 22.76 -39.28 -27.89
N LEU A 102 22.87 -39.54 -26.60
CA LEU A 102 22.94 -40.90 -26.03
C LEU A 102 21.56 -41.58 -25.90
N GLY A 103 20.48 -40.81 -25.92
CA GLY A 103 19.14 -41.38 -25.82
C GLY A 103 18.52 -41.28 -24.45
N VAL A 104 19.11 -40.41 -23.64
CA VAL A 104 18.66 -40.12 -22.28
C VAL A 104 17.48 -39.11 -22.19
N GLN A 105 16.53 -39.32 -21.27
CA GLN A 105 15.42 -38.37 -21.12
C GLN A 105 15.85 -37.04 -20.53
N THR A 106 15.96 -36.01 -21.34
CA THR A 106 16.42 -34.75 -20.81
C THR A 106 15.24 -33.88 -20.32
N THR A 107 14.07 -34.49 -20.27
CA THR A 107 12.88 -33.76 -19.87
C THR A 107 13.02 -33.38 -18.39
N SER A 108 13.69 -34.24 -17.65
CA SER A 108 13.86 -34.04 -16.25
C SER A 108 14.78 -32.84 -15.90
N ILE A 109 15.86 -32.76 -16.65
CA ILE A 109 16.83 -31.69 -16.48
C ILE A 109 16.29 -30.45 -17.07
N ILE A 110 15.75 -30.53 -18.26
CA ILE A 110 15.18 -29.32 -18.76
C ILE A 110 14.20 -28.71 -17.79
N THR A 111 13.34 -29.52 -17.17
CA THR A 111 12.37 -28.97 -16.21
C THR A 111 13.00 -28.23 -15.00
N VAL A 112 14.18 -28.71 -14.67
CA VAL A 112 14.89 -27.99 -13.66
C VAL A 112 15.49 -26.70 -14.25
N LEU A 113 16.15 -26.78 -15.40
CA LEU A 113 16.74 -25.61 -16.07
C LEU A 113 15.76 -24.51 -16.31
N GLY A 114 14.58 -24.94 -16.67
CA GLY A 114 13.46 -24.07 -16.83
C GLY A 114 13.18 -23.40 -15.53
N THR A 115 12.84 -24.22 -14.53
CA THR A 115 12.38 -23.66 -13.27
C THR A 115 13.45 -22.89 -12.54
N VAL A 116 14.65 -22.98 -13.03
CA VAL A 116 15.73 -22.14 -12.57
C VAL A 116 15.67 -20.79 -13.24
N GLY A 117 15.74 -20.89 -14.58
CA GLY A 117 15.76 -19.75 -15.45
C GLY A 117 14.62 -18.84 -15.06
N ILE A 118 13.51 -19.41 -14.62
CA ILE A 118 12.38 -18.62 -14.19
C ILE A 118 12.54 -17.78 -12.97
N ALA A 119 13.28 -18.32 -11.97
CA ALA A 119 13.56 -17.59 -10.74
C ALA A 119 14.52 -16.47 -11.03
N VAL A 120 15.23 -16.67 -12.15
CA VAL A 120 16.14 -15.67 -12.65
C VAL A 120 15.37 -14.55 -13.35
N ALA A 121 14.40 -14.93 -14.18
CA ALA A 121 13.52 -14.02 -14.91
C ALA A 121 12.94 -13.09 -13.96
N LEU A 122 12.61 -13.66 -12.82
CA LEU A 122 11.98 -12.95 -11.75
C LEU A 122 12.78 -11.99 -10.91
N ALA A 123 14.04 -12.32 -10.67
CA ALA A 123 14.82 -11.40 -9.88
C ALA A 123 15.05 -10.10 -10.66
N LEU A 124 15.15 -10.20 -11.97
CA LEU A 124 15.52 -9.08 -12.80
C LEU A 124 14.34 -8.44 -13.42
N LYS A 125 13.18 -8.61 -12.81
CA LYS A 125 11.96 -8.12 -13.38
C LYS A 125 12.06 -6.60 -13.30
N ASP A 126 12.23 -6.17 -12.07
CA ASP A 126 12.30 -4.78 -11.63
C ASP A 126 13.48 -3.94 -12.09
N TYR A 127 14.61 -4.60 -12.29
CA TYR A 127 15.79 -3.96 -12.84
C TYR A 127 15.65 -3.71 -14.35
N LEU A 128 15.25 -4.73 -15.04
CA LEU A 128 15.05 -4.65 -16.45
C LEU A 128 13.85 -3.76 -16.80
N SER A 129 13.03 -3.46 -15.82
CA SER A 129 11.91 -2.59 -16.11
C SER A 129 12.41 -1.19 -15.78
N SER A 130 13.57 -1.06 -15.12
CA SER A 130 14.18 0.28 -15.00
C SER A 130 14.89 0.54 -16.32
N ILE A 131 15.45 -0.51 -16.86
CA ILE A 131 16.08 -0.41 -18.13
C ILE A 131 15.18 0.01 -19.26
N ALA A 132 14.17 -0.82 -19.57
CA ALA A 132 13.24 -0.44 -20.61
C ALA A 132 12.43 0.75 -20.14
N GLY A 133 12.56 1.09 -18.87
CA GLY A 133 12.02 2.34 -18.39
C GLY A 133 12.76 3.44 -19.07
N GLY A 134 14.07 3.41 -18.92
CA GLY A 134 14.88 4.41 -19.57
C GLY A 134 14.69 4.39 -21.07
N ILE A 135 14.66 3.20 -21.67
CA ILE A 135 14.48 3.11 -23.12
C ILE A 135 13.34 3.88 -23.66
N ILE A 136 12.20 3.72 -22.99
CA ILE A 136 11.00 4.52 -23.25
C ILE A 136 11.20 5.99 -22.94
N LEU A 137 11.91 6.28 -21.87
CA LEU A 137 12.14 7.66 -21.38
C LEU A 137 12.92 8.56 -22.29
N ILE A 138 13.99 7.96 -22.78
CA ILE A 138 14.87 8.50 -23.75
C ILE A 138 14.19 8.67 -25.10
N ILE A 139 13.51 7.60 -25.47
CA ILE A 139 12.87 7.56 -26.76
C ILE A 139 11.69 8.52 -26.95
N LEU A 140 10.76 8.49 -26.00
CA LEU A 140 9.50 9.20 -26.19
C LEU A 140 9.46 10.50 -25.41
N HIS A 141 10.62 11.03 -25.04
CA HIS A 141 10.63 11.96 -23.95
C HIS A 141 9.70 13.17 -23.99
N PRO A 142 8.95 13.39 -22.87
CA PRO A 142 8.21 14.63 -22.57
C PRO A 142 9.11 15.44 -21.67
N PHE A 143 10.25 14.80 -21.43
CA PHE A 143 11.23 15.41 -20.60
C PHE A 143 12.66 15.35 -21.15
N LYS A 144 13.52 16.36 -20.93
CA LYS A 144 14.89 16.17 -21.43
C LYS A 144 15.78 17.01 -20.49
N LYS A 145 17.11 16.86 -20.57
CA LYS A 145 18.03 17.51 -19.60
C LYS A 145 18.13 19.03 -19.55
N GLY A 146 17.90 19.58 -18.37
CA GLY A 146 18.02 20.99 -18.15
C GLY A 146 16.64 21.44 -17.69
N ASP A 147 15.62 20.62 -17.94
CA ASP A 147 14.26 20.97 -17.51
C ASP A 147 14.21 20.85 -15.98
N ILE A 148 13.26 21.52 -15.33
CA ILE A 148 13.14 21.24 -13.90
C ILE A 148 11.84 20.54 -13.76
N ILE A 149 11.79 19.52 -12.91
CA ILE A 149 10.50 18.90 -12.63
C ILE A 149 10.15 18.62 -11.20
N GLU A 150 9.00 17.97 -11.02
CA GLU A 150 8.50 17.60 -9.70
C GLU A 150 7.99 16.17 -9.65
N ILE A 151 8.92 15.25 -9.77
CA ILE A 151 8.64 13.83 -9.59
C ILE A 151 8.33 13.37 -8.18
N SER A 152 7.07 12.99 -7.93
CA SER A 152 6.65 12.49 -6.62
C SER A 152 6.93 13.44 -5.44
N GLY A 153 6.68 14.75 -5.59
CA GLY A 153 6.95 15.70 -4.50
C GLY A 153 8.38 16.25 -4.37
N LEU A 154 9.28 15.65 -5.15
CA LEU A 154 10.70 15.96 -5.12
C LEU A 154 11.12 16.81 -6.35
N GLU A 155 11.25 18.15 -6.19
CA GLU A 155 11.51 18.99 -7.37
C GLU A 155 12.96 19.41 -7.48
N GLY A 156 13.51 19.22 -8.67
CA GLY A 156 14.90 19.60 -8.92
C GLY A 156 15.24 19.61 -10.39
N LYS A 157 16.36 20.27 -10.74
CA LYS A 157 16.79 20.25 -12.15
C LYS A 157 17.51 18.98 -12.45
N VAL A 158 17.25 18.46 -13.65
CA VAL A 158 17.75 17.18 -14.11
C VAL A 158 19.21 17.28 -14.54
N GLU A 159 20.01 16.32 -14.09
CA GLU A 159 21.43 16.21 -14.38
C GLU A 159 21.88 14.94 -15.11
N ALA A 160 21.11 13.86 -14.98
CA ALA A 160 21.48 12.55 -15.53
C ALA A 160 20.39 11.60 -16.00
N LEU A 161 20.62 10.96 -17.15
CA LEU A 161 19.80 9.83 -17.63
C LEU A 161 20.69 8.62 -17.84
N ASN A 162 20.85 7.95 -16.74
CA ASN A 162 21.60 6.75 -16.60
C ASN A 162 20.81 5.68 -17.36
N PHE A 163 21.43 4.53 -17.46
CA PHE A 163 20.80 3.52 -18.22
C PHE A 163 19.48 3.04 -17.53
N PHE A 164 19.59 2.68 -16.23
CA PHE A 164 18.60 2.48 -15.10
C PHE A 164 18.11 3.65 -14.29
N ASN A 165 18.98 4.63 -14.12
CA ASN A 165 18.76 5.77 -13.23
C ASN A 165 18.75 7.09 -13.89
N THR A 166 18.24 8.01 -13.09
CA THR A 166 17.91 9.38 -13.44
C THR A 166 18.48 10.23 -12.33
N SER A 167 19.08 11.38 -12.60
CA SER A 167 19.60 12.07 -11.45
C SER A 167 19.12 13.50 -11.42
N LEU A 168 18.74 14.01 -10.25
CA LEU A 168 18.41 15.41 -10.15
C LEU A 168 19.37 16.11 -9.21
N ARG A 169 19.88 17.28 -9.59
CA ARG A 169 20.47 18.11 -8.56
C ARG A 169 19.27 18.99 -8.05
N LEU A 170 18.96 18.78 -6.77
CA LEU A 170 17.85 19.40 -6.07
C LEU A 170 18.12 20.89 -5.91
N HIS A 171 17.11 21.66 -5.48
CA HIS A 171 17.41 23.01 -5.04
C HIS A 171 18.10 22.97 -3.73
N ASP A 172 18.10 21.81 -3.10
CA ASP A 172 18.99 21.54 -1.98
C ASP A 172 20.43 21.57 -2.46
N GLY A 173 20.67 21.02 -3.64
CA GLY A 173 22.02 20.95 -4.16
C GLY A 173 22.68 19.60 -4.01
N ARG A 174 21.99 18.63 -3.39
CA ARG A 174 22.49 17.27 -3.43
C ARG A 174 21.89 16.63 -4.66
N LEU A 175 22.37 15.45 -5.04
CA LEU A 175 21.90 14.77 -6.26
C LEU A 175 21.20 13.50 -5.94
N ALA A 176 19.90 13.51 -6.14
CA ALA A 176 19.07 12.32 -6.01
C ALA A 176 19.28 11.43 -7.23
N VAL A 177 19.19 10.11 -7.06
CA VAL A 177 19.37 9.09 -8.12
C VAL A 177 18.19 8.16 -8.26
N LEU A 178 17.20 8.66 -8.93
CA LEU A 178 15.92 8.03 -9.10
C LEU A 178 15.85 6.93 -10.11
N PRO A 179 15.62 5.68 -9.67
CA PRO A 179 15.69 4.59 -10.65
C PRO A 179 14.63 4.77 -11.80
N ASN A 180 14.94 4.55 -13.08
CA ASN A 180 14.04 4.81 -14.22
C ASN A 180 12.67 4.19 -14.03
N ARG A 181 12.61 2.97 -13.47
CA ARG A 181 11.36 2.24 -13.12
C ARG A 181 10.29 3.07 -12.46
N SER A 182 10.75 3.84 -11.45
CA SER A 182 10.03 4.83 -10.63
C SER A 182 9.50 6.06 -11.36
N VAL A 183 10.35 6.56 -12.23
CA VAL A 183 10.10 7.77 -12.95
C VAL A 183 9.08 7.60 -14.06
N ALA A 184 9.31 6.58 -14.88
CA ALA A 184 8.55 6.29 -16.08
C ALA A 184 7.07 6.10 -15.80
N ASN A 185 6.75 5.88 -14.52
CA ASN A 185 5.37 5.62 -14.09
C ASN A 185 4.68 6.59 -13.13
N SER A 186 5.42 7.57 -12.62
CA SER A 186 4.78 8.56 -11.80
C SER A 186 4.38 9.80 -12.64
N ASN A 187 3.65 10.73 -12.03
CA ASN A 187 3.26 11.96 -12.71
C ASN A 187 4.48 12.84 -12.81
N ILE A 188 5.03 12.97 -13.99
CA ILE A 188 6.18 13.81 -14.20
C ILE A 188 5.85 15.25 -14.41
N ILE A 189 6.08 16.13 -13.46
CA ILE A 189 5.58 17.49 -13.65
C ILE A 189 6.62 18.50 -14.12
N ASN A 190 6.62 18.74 -15.42
CA ASN A 190 7.56 19.61 -16.07
C ASN A 190 7.16 21.03 -15.69
N SER A 191 8.11 21.85 -15.21
CA SER A 191 7.82 23.26 -14.83
C SER A 191 8.40 24.11 -15.94
N ASN A 192 9.39 23.55 -16.62
CA ASN A 192 10.09 24.21 -17.70
C ASN A 192 9.37 24.23 -19.06
N ASN A 193 8.36 23.39 -19.21
CA ASN A 193 7.73 23.15 -20.51
C ASN A 193 6.74 24.30 -20.86
N THR A 194 6.28 24.99 -19.82
CA THR A 194 5.45 26.18 -20.03
C THR A 194 6.11 27.42 -19.39
N ALA A 195 6.23 28.50 -20.16
CA ALA A 195 7.01 29.71 -19.78
C ALA A 195 6.52 30.60 -18.60
N CYS A 196 5.23 30.51 -18.22
CA CYS A 196 4.60 31.33 -17.14
C CYS A 196 3.88 30.55 -16.02
N ARG A 197 4.00 31.00 -14.76
CA ARG A 197 3.34 30.27 -13.64
C ARG A 197 2.60 31.15 -12.65
N ARG A 198 1.48 30.61 -12.16
CA ARG A 198 0.66 31.33 -11.19
C ARG A 198 1.36 31.37 -9.84
N ILE A 199 0.94 32.34 -9.03
CA ILE A 199 1.48 32.62 -7.72
C ILE A 199 0.29 32.88 -6.85
N GLU A 200 0.41 32.62 -5.54
CA GLU A 200 -0.74 32.85 -4.65
C GLU A 200 -0.46 33.27 -3.20
N TRP A 201 -1.52 33.87 -2.64
CA TRP A 201 -1.67 34.17 -1.20
C TRP A 201 -3.06 33.98 -0.65
N VAL A 202 -3.07 34.00 0.69
CA VAL A 202 -4.21 34.30 1.55
C VAL A 202 -3.69 35.33 2.55
N CYS A 203 -3.62 36.61 2.13
CA CYS A 203 -3.17 37.76 2.94
C CYS A 203 -4.28 38.23 3.87
N GLY A 204 -4.15 37.85 5.14
CA GLY A 204 -5.06 38.24 6.22
C GLY A 204 -5.02 39.75 6.44
N VAL A 205 -6.18 40.36 6.59
CA VAL A 205 -6.28 41.80 6.86
C VAL A 205 -6.97 42.11 8.16
N GLY A 206 -7.11 43.42 8.51
CA GLY A 206 -7.84 43.83 9.70
C GLY A 206 -9.11 43.24 9.20
N TYR A 207 -9.78 42.53 10.08
CA TYR A 207 -11.01 41.88 9.70
C TYR A 207 -12.13 42.95 9.51
N GLY A 208 -11.87 44.20 9.91
CA GLY A 208 -12.79 45.33 9.81
C GLY A 208 -12.59 46.35 8.68
N SER A 209 -11.55 46.20 7.84
CA SER A 209 -11.26 47.07 6.67
C SER A 209 -12.25 46.89 5.49
N ASP A 210 -12.27 47.76 4.47
CA ASP A 210 -13.34 47.66 3.44
C ASP A 210 -13.05 46.73 2.22
N ILE A 211 -14.12 46.09 1.74
CA ILE A 211 -14.10 45.13 0.62
C ILE A 211 -13.35 45.65 -0.61
N GLU A 212 -13.25 46.96 -0.71
CA GLU A 212 -12.68 47.62 -1.88
C GLU A 212 -11.43 48.44 -1.56
N LEU A 213 -11.27 48.83 -0.30
CA LEU A 213 -10.11 49.61 0.16
C LEU A 213 -8.88 48.82 -0.19
N VAL A 214 -8.82 47.66 0.45
CA VAL A 214 -7.76 46.69 0.21
C VAL A 214 -7.81 46.21 -1.25
N HIS A 215 -9.03 46.09 -1.81
CA HIS A 215 -9.24 45.64 -3.21
C HIS A 215 -8.55 46.58 -4.21
N LYS A 216 -8.26 47.78 -3.73
CA LYS A 216 -7.55 48.74 -4.54
C LYS A 216 -6.09 48.88 -4.07
N THR A 217 -5.79 48.82 -2.76
CA THR A 217 -4.37 48.93 -2.37
C THR A 217 -3.54 47.81 -3.03
N ILE A 218 -4.10 46.60 -3.04
CA ILE A 218 -3.47 45.52 -3.79
C ILE A 218 -3.49 45.76 -5.30
N LYS A 219 -4.63 46.13 -5.90
CA LYS A 219 -4.69 46.39 -7.34
C LYS A 219 -3.66 47.46 -7.72
N ASP A 220 -3.23 48.23 -6.73
CA ASP A 220 -2.23 49.28 -6.91
C ASP A 220 -0.85 48.74 -6.78
N VAL A 221 -0.60 47.94 -5.76
CA VAL A 221 0.71 47.31 -5.55
C VAL A 221 1.03 46.31 -6.69
N ILE A 222 0.00 45.66 -7.22
CA ILE A 222 0.07 44.80 -8.42
C ILE A 222 0.74 45.52 -9.58
N ASP A 223 0.19 46.68 -9.91
CA ASP A 223 0.68 47.45 -11.02
C ASP A 223 2.10 47.98 -10.79
N THR A 224 2.35 48.46 -9.56
CA THR A 224 3.66 49.06 -9.23
C THR A 224 4.75 48.03 -9.38
N MET A 225 4.37 46.76 -9.59
CA MET A 225 5.36 45.71 -9.68
C MET A 225 5.85 45.60 -11.11
N GLU A 226 7.17 45.52 -11.08
CA GLU A 226 8.01 45.43 -12.21
C GLU A 226 7.98 44.08 -12.86
N LYS A 227 7.96 43.11 -11.96
CA LYS A 227 8.01 41.72 -12.30
C LYS A 227 6.56 41.17 -12.33
N ILE A 228 5.72 41.60 -13.25
CA ILE A 228 4.34 41.11 -13.25
C ILE A 228 3.67 41.16 -14.61
N ASP A 229 2.78 40.21 -14.90
CA ASP A 229 2.13 40.23 -16.19
C ASP A 229 0.72 40.78 -16.09
N LYS A 230 0.38 41.61 -17.08
CA LYS A 230 -0.92 42.22 -17.19
C LYS A 230 -1.84 41.44 -18.15
N ASN A 231 -1.23 40.74 -19.12
CA ASN A 231 -1.96 39.84 -20.05
C ASN A 231 -2.45 38.60 -19.32
N MET A 232 -1.81 38.24 -18.23
CA MET A 232 -2.34 37.17 -17.38
C MET A 232 -3.18 37.81 -16.26
N PRO A 233 -4.42 37.33 -16.07
CA PRO A 233 -5.34 37.91 -15.08
C PRO A 233 -4.85 37.85 -13.64
N THR A 234 -5.44 38.70 -12.79
CA THR A 234 -5.30 38.61 -11.33
C THR A 234 -6.69 38.47 -10.66
N PHE A 235 -6.90 37.41 -9.86
CA PHE A 235 -8.16 37.20 -9.09
C PHE A 235 -8.01 37.50 -7.60
N ILE A 236 -8.17 38.76 -7.26
CA ILE A 236 -8.01 39.22 -5.88
C ILE A 236 -9.32 39.61 -5.23
N GLY A 237 -9.82 38.73 -4.38
CA GLY A 237 -11.06 38.99 -3.72
C GLY A 237 -11.04 38.24 -2.42
N ILE A 238 -12.03 38.54 -1.60
CA ILE A 238 -12.15 37.95 -0.28
C ILE A 238 -12.39 36.46 -0.37
N THR A 239 -11.41 35.67 -0.02
CA THR A 239 -11.59 34.25 -0.13
C THR A 239 -12.39 33.66 0.98
N ASP A 240 -11.99 33.97 2.21
CA ASP A 240 -12.77 33.43 3.36
C ASP A 240 -12.72 34.19 4.70
N PHE A 241 -13.84 34.01 5.42
CA PHE A 241 -14.05 34.50 6.76
C PHE A 241 -12.97 33.82 7.47
N GLY A 242 -12.19 34.56 8.24
CA GLY A 242 -11.15 33.95 9.05
C GLY A 242 -11.55 33.87 10.49
N SER A 243 -10.78 33.10 11.27
CA SER A 243 -10.96 33.04 12.72
C SER A 243 -10.61 34.35 13.48
N SER A 244 -9.48 34.95 13.15
CA SER A 244 -9.13 36.17 13.84
C SER A 244 -8.83 37.31 12.84
N SER A 245 -8.77 36.95 11.57
CA SER A 245 -8.41 37.87 10.50
C SER A 245 -9.26 37.53 9.33
N LEU A 246 -9.55 38.52 8.49
CA LEU A 246 -10.18 38.25 7.19
C LEU A 246 -9.14 37.86 6.13
N ASN A 247 -9.53 36.93 5.26
CA ASN A 247 -8.57 36.39 4.37
C ASN A 247 -8.76 36.70 2.92
N PHE A 248 -7.78 37.43 2.33
CA PHE A 248 -7.78 37.71 0.87
C PHE A 248 -6.88 36.82 0.03
N THR A 249 -7.43 36.11 -0.96
CA THR A 249 -6.57 35.46 -1.96
C THR A 249 -6.01 36.45 -2.97
N ILE A 250 -4.75 36.21 -3.32
CA ILE A 250 -4.12 36.90 -4.43
C ILE A 250 -3.67 35.84 -5.41
N ARG A 251 -4.31 35.77 -6.58
CA ARG A 251 -3.88 34.89 -7.67
C ARG A 251 -3.19 35.86 -8.64
N VAL A 252 -1.89 35.69 -8.92
CA VAL A 252 -1.19 36.57 -9.90
C VAL A 252 -0.29 35.75 -10.79
N TRP A 253 -0.02 36.18 -12.02
CA TRP A 253 0.98 35.44 -12.82
C TRP A 253 2.34 36.09 -12.99
N ALA A 254 3.36 35.25 -13.27
CA ALA A 254 4.72 35.76 -13.50
C ALA A 254 5.53 34.88 -14.48
N LYS A 255 6.75 35.31 -14.82
CA LYS A 255 7.59 34.56 -15.77
C LYS A 255 8.65 33.67 -15.11
N ILE A 256 8.85 32.45 -15.61
CA ILE A 256 9.86 31.49 -15.10
C ILE A 256 11.29 32.02 -14.93
N GLU A 257 11.62 32.92 -15.85
CA GLU A 257 12.90 33.60 -16.04
C GLU A 257 13.55 34.15 -14.76
N ASP A 258 12.79 34.86 -13.93
CA ASP A 258 13.37 35.47 -12.75
C ASP A 258 12.47 35.43 -11.54
N GLY A 259 11.60 34.44 -11.58
CA GLY A 259 10.57 34.12 -10.58
C GLY A 259 10.86 33.30 -9.34
N ILE A 260 10.34 32.08 -9.22
CA ILE A 260 10.63 31.27 -8.02
C ILE A 260 10.25 32.13 -6.85
N PHE A 261 11.28 32.21 -5.99
CA PHE A 261 11.33 32.94 -4.73
C PHE A 261 11.16 34.41 -4.80
N ASN A 262 11.95 34.98 -5.71
CA ASN A 262 11.99 36.43 -5.75
C ASN A 262 10.69 37.16 -5.87
N VAL A 263 9.96 36.92 -6.93
CA VAL A 263 8.65 37.53 -7.08
C VAL A 263 7.66 37.54 -5.94
N ARG A 264 7.39 36.36 -5.36
CA ARG A 264 6.36 36.30 -4.33
C ARG A 264 6.89 37.04 -3.09
N SER A 265 8.18 36.83 -2.78
CA SER A 265 8.69 37.50 -1.59
C SER A 265 8.66 39.04 -1.76
N GLU A 266 9.03 39.56 -2.95
CA GLU A 266 8.96 41.01 -3.10
C GLU A 266 7.54 41.49 -3.11
N LEU A 267 6.65 40.72 -3.74
CA LEU A 267 5.23 41.08 -3.79
C LEU A 267 4.67 41.28 -2.38
N ILE A 268 5.04 40.37 -1.51
CA ILE A 268 4.63 40.58 -0.17
C ILE A 268 5.36 41.80 0.42
N GLU A 269 6.63 42.05 0.03
CA GLU A 269 7.39 43.17 0.64
C GLU A 269 6.78 44.53 0.32
N ARG A 270 5.96 44.56 -0.73
CA ARG A 270 5.30 45.80 -1.13
C ARG A 270 3.87 45.80 -0.64
N ILE A 271 3.18 44.64 -0.63
CA ILE A 271 1.84 44.54 0.00
C ILE A 271 1.89 44.66 1.56
N LYS A 272 3.09 44.62 2.11
CA LYS A 272 3.26 45.06 3.46
C LYS A 272 3.59 46.54 3.46
N ASN A 273 4.59 46.94 2.68
CA ASN A 273 4.93 48.37 2.63
C ASN A 273 3.69 49.29 2.42
N ALA A 274 2.71 48.76 1.69
CA ALA A 274 1.44 49.46 1.41
C ALA A 274 0.36 49.14 2.42
N LEU A 275 0.07 47.87 2.74
CA LEU A 275 -0.97 47.63 3.76
C LEU A 275 -0.66 48.19 5.15
N ASP A 276 0.62 48.17 5.49
CA ASP A 276 1.08 48.77 6.74
C ASP A 276 0.84 50.28 6.67
N ALA A 277 1.00 50.81 5.44
CA ALA A 277 0.93 52.24 5.17
C ALA A 277 -0.50 52.82 5.14
N ASN A 278 -1.54 52.02 4.85
CA ASN A 278 -2.87 52.58 4.70
C ASN A 278 -3.75 52.53 5.94
N HIS A 279 -3.12 52.45 7.11
CA HIS A 279 -3.84 52.41 8.40
C HIS A 279 -4.88 51.26 8.34
N ILE A 280 -4.52 50.23 7.56
CA ILE A 280 -5.20 48.93 7.37
C ILE A 280 -4.50 47.92 8.27
N GLU A 281 -5.23 47.32 9.21
CA GLU A 281 -4.61 46.42 10.18
C GLU A 281 -4.38 44.99 9.74
N ILE A 282 -3.19 44.44 10.01
CA ILE A 282 -3.07 42.99 9.99
C ILE A 282 -3.13 42.41 11.40
N PRO A 283 -4.14 41.57 11.67
CA PRO A 283 -4.37 41.33 13.09
C PRO A 283 -3.58 40.15 13.63
N PHE A 284 -3.12 40.29 14.86
CA PHE A 284 -2.70 39.18 15.68
C PHE A 284 -3.99 38.55 16.09
N ASN A 285 -3.92 37.26 16.41
CA ASN A 285 -5.12 36.53 16.69
C ASN A 285 -6.04 37.18 17.71
N LYS A 286 -7.24 37.48 17.27
CA LYS A 286 -8.18 38.13 18.13
C LYS A 286 -9.02 37.12 18.88
N LEU A 287 -9.35 37.51 20.10
CA LEU A 287 -10.03 36.66 21.05
C LEU A 287 -10.99 37.48 21.90
N ASP A 288 -12.24 36.99 22.00
CA ASP A 288 -13.30 37.74 22.69
C ASP A 288 -13.56 37.13 24.06
N ILE A 289 -12.89 37.66 25.06
CA ILE A 289 -13.01 37.11 26.40
C ILE A 289 -14.26 37.56 27.10
N ALA A 290 -15.02 36.61 27.60
CA ALA A 290 -16.10 36.96 28.52
C ALA A 290 -15.67 36.50 29.89
N ILE A 291 -16.02 37.25 30.96
CA ILE A 291 -15.56 36.89 32.32
C ILE A 291 -16.74 36.73 33.29
N LYS A 292 -16.63 35.72 34.14
CA LYS A 292 -17.61 35.36 35.16
C LYS A 292 -16.92 34.55 36.26
N ASN A 293 -17.22 34.79 37.53
CA ASN A 293 -16.53 34.08 38.60
C ASN A 293 -17.37 32.92 39.16
N GLN A 294 -16.71 32.02 39.91
CA GLN A 294 -17.37 30.85 40.50
C GLN A 294 -16.78 30.41 41.83
N PHE B 42 28.07 -39.75 -44.93
CA PHE B 42 27.46 -38.99 -43.80
C PHE B 42 26.99 -37.54 -44.08
N GLY B 43 27.50 -37.03 -45.17
CA GLY B 43 27.41 -35.65 -45.60
C GLY B 43 26.28 -34.64 -45.60
N ILE B 44 25.16 -34.99 -46.24
CA ILE B 44 24.03 -34.05 -46.44
C ILE B 44 23.53 -33.25 -45.23
N ILE B 45 23.30 -33.88 -44.09
CA ILE B 45 22.87 -33.15 -42.90
C ILE B 45 23.85 -31.99 -42.64
N LEU B 46 25.12 -32.42 -42.54
CA LEU B 46 26.34 -31.66 -42.24
C LEU B 46 26.46 -30.43 -43.16
N ILE B 47 25.80 -30.54 -44.32
CA ILE B 47 25.86 -29.54 -45.39
C ILE B 47 24.58 -28.71 -45.38
N LYS B 48 23.44 -29.41 -45.24
CA LYS B 48 22.08 -28.89 -45.14
C LYS B 48 22.05 -27.86 -44.04
N ALA B 49 22.96 -28.01 -43.07
CA ALA B 49 23.09 -27.06 -41.95
C ALA B 49 23.59 -25.71 -42.40
N VAL B 50 24.76 -25.66 -43.03
CA VAL B 50 25.33 -24.40 -43.52
C VAL B 50 24.54 -23.91 -44.74
N ILE B 51 23.77 -24.81 -45.32
CA ILE B 51 22.80 -24.42 -46.31
C ILE B 51 21.79 -23.52 -45.64
N VAL B 52 21.05 -24.10 -44.70
CA VAL B 52 19.97 -23.46 -43.94
C VAL B 52 20.41 -22.26 -43.16
N PHE B 53 21.40 -22.52 -42.34
CA PHE B 53 21.98 -21.56 -41.46
C PHE B 53 22.32 -20.27 -42.13
N CYS B 54 22.81 -20.37 -43.35
CA CYS B 54 23.20 -19.18 -44.08
C CYS B 54 21.98 -18.60 -44.79
N ILE B 55 21.13 -19.50 -45.29
CA ILE B 55 19.89 -19.12 -45.99
C ILE B 55 19.11 -18.10 -45.16
N GLY B 56 18.92 -18.43 -43.88
CA GLY B 56 18.27 -17.51 -42.96
C GLY B 56 19.23 -16.38 -42.50
N PHE B 57 20.51 -16.73 -42.40
CA PHE B 57 21.55 -15.82 -41.89
C PHE B 57 21.64 -14.51 -42.71
N TYR B 58 21.47 -14.61 -44.03
CA TYR B 58 21.28 -13.42 -44.90
C TYR B 58 20.01 -12.61 -44.53
N PHE B 59 18.95 -13.36 -44.32
CA PHE B 59 17.63 -12.82 -44.04
C PHE B 59 17.70 -11.99 -42.72
N SER B 60 18.87 -12.07 -42.04
CA SER B 60 19.23 -11.20 -40.89
C SER B 60 19.56 -9.78 -41.41
N PHE B 61 20.29 -9.69 -42.51
CA PHE B 61 20.48 -8.41 -43.18
C PHE B 61 19.16 -7.83 -43.71
N PHE B 62 18.43 -8.60 -44.55
CA PHE B 62 17.20 -8.01 -45.14
C PHE B 62 16.15 -7.66 -44.05
N LEU B 63 16.25 -8.25 -42.86
CA LEU B 63 15.24 -7.91 -41.82
C LEU B 63 15.88 -7.04 -40.73
N ARG B 64 17.19 -6.81 -40.82
CA ARG B 64 17.78 -5.73 -40.04
C ARG B 64 17.57 -4.40 -40.73
N ASN B 65 17.67 -4.51 -42.04
CA ASN B 65 17.44 -3.42 -42.98
C ASN B 65 16.03 -3.26 -43.68
N LYS B 66 15.00 -4.00 -43.26
CA LYS B 66 13.58 -3.71 -43.62
C LYS B 66 12.93 -3.34 -42.29
N THR B 67 13.77 -3.41 -41.26
CA THR B 67 13.54 -2.87 -39.92
C THR B 67 14.02 -1.44 -40.02
N MET B 68 15.28 -1.31 -40.41
CA MET B 68 15.85 -0.04 -40.72
C MET B 68 15.15 0.62 -41.94
N LYS B 69 14.47 -0.16 -42.80
CA LYS B 69 13.80 0.45 -44.01
C LYS B 69 12.39 1.06 -43.81
N LEU B 70 11.44 0.32 -43.25
CA LEU B 70 10.12 0.95 -43.12
C LEU B 70 9.91 1.67 -41.75
N LEU B 71 10.88 1.55 -40.81
CA LEU B 71 10.83 2.24 -39.48
C LEU B 71 11.94 3.24 -39.05
N SER B 72 13.19 3.01 -39.48
CA SER B 72 14.32 3.81 -38.94
C SER B 72 14.23 5.28 -39.36
N LYS B 73 15.22 6.06 -38.90
CA LYS B 73 15.55 7.45 -39.27
C LYS B 73 14.62 8.38 -38.44
N LYS B 74 13.82 7.76 -37.58
CA LYS B 74 12.93 8.43 -36.68
C LYS B 74 13.90 8.97 -35.50
N ASP B 75 14.82 8.09 -35.07
CA ASP B 75 15.86 8.35 -34.02
C ASP B 75 17.02 7.33 -34.14
N GLU B 76 18.16 7.63 -33.52
CA GLU B 76 19.33 6.73 -33.44
C GLU B 76 19.21 5.58 -32.47
N ILE B 77 18.56 5.95 -31.39
CA ILE B 77 18.15 5.08 -30.32
C ILE B 77 17.11 4.08 -30.80
N LEU B 78 16.15 4.55 -31.58
CA LEU B 78 15.09 3.67 -32.07
C LEU B 78 15.49 2.87 -33.33
N ALA B 79 16.20 3.52 -34.26
CA ALA B 79 16.61 2.82 -35.48
C ALA B 79 17.61 1.74 -35.17
N ASN B 80 18.44 1.93 -34.14
CA ASN B 80 19.42 0.89 -33.85
C ASN B 80 18.98 -0.01 -32.70
N PHE B 81 17.83 0.28 -32.12
CA PHE B 81 17.32 -0.62 -31.11
C PHE B 81 16.42 -1.64 -31.77
N VAL B 82 15.44 -1.19 -32.57
CA VAL B 82 14.62 -2.15 -33.30
C VAL B 82 15.47 -2.83 -34.40
N ALA B 83 16.51 -2.16 -34.90
CA ALA B 83 17.37 -2.91 -35.80
C ALA B 83 18.43 -3.74 -35.04
N GLN B 84 18.66 -3.52 -33.75
CA GLN B 84 19.55 -4.48 -33.09
C GLN B 84 18.79 -5.71 -32.62
N VAL B 85 17.80 -5.49 -31.79
CA VAL B 85 16.96 -6.58 -31.36
C VAL B 85 16.34 -7.40 -32.48
N THR B 86 15.66 -6.79 -33.49
CA THR B 86 14.94 -7.62 -34.49
C THR B 86 15.99 -8.49 -35.10
N PHE B 87 17.17 -7.89 -35.20
CA PHE B 87 18.26 -8.63 -35.75
C PHE B 87 18.74 -9.82 -34.90
N ILE B 88 19.30 -9.55 -33.73
CA ILE B 88 19.91 -10.58 -32.88
C ILE B 88 18.92 -11.69 -32.60
N LEU B 89 17.65 -11.32 -32.70
CA LEU B 89 16.56 -12.25 -32.56
C LEU B 89 16.48 -13.22 -33.70
N ILE B 90 16.38 -12.64 -34.90
CA ILE B 90 16.28 -13.41 -36.15
C ILE B 90 17.51 -14.26 -36.36
N LEU B 91 18.53 -13.87 -35.63
CA LEU B 91 19.80 -14.56 -35.66
C LEU B 91 19.78 -15.84 -34.85
N ILE B 92 19.31 -15.69 -33.59
CA ILE B 92 19.24 -16.77 -32.59
C ILE B 92 18.15 -17.80 -32.88
N ILE B 93 17.14 -17.31 -33.60
CA ILE B 93 16.17 -18.15 -34.26
C ILE B 93 16.84 -18.98 -35.43
N THR B 94 17.73 -18.34 -36.23
CA THR B 94 18.35 -19.11 -37.31
C THR B 94 19.44 -20.07 -36.89
N THR B 95 20.09 -19.76 -35.78
CA THR B 95 21.02 -20.68 -35.17
C THR B 95 20.32 -21.90 -34.69
N ILE B 96 19.36 -21.69 -33.79
CA ILE B 96 18.55 -22.80 -33.23
C ILE B 96 17.95 -23.69 -34.28
N ILE B 97 17.42 -23.07 -35.31
CA ILE B 97 16.87 -23.82 -36.43
C ILE B 97 17.93 -24.64 -37.25
N ALA B 98 19.08 -24.03 -37.49
CA ALA B 98 20.09 -24.69 -38.28
C ALA B 98 20.64 -25.88 -37.45
N LEU B 99 20.67 -25.79 -36.10
CA LEU B 99 21.16 -26.93 -35.25
C LEU B 99 20.07 -27.98 -35.20
N SER B 100 18.88 -27.55 -35.55
CA SER B 100 17.79 -28.49 -35.55
C SER B 100 17.88 -29.39 -36.77
N THR B 101 18.29 -28.82 -37.92
CA THR B 101 18.39 -29.65 -39.14
C THR B 101 19.52 -30.69 -39.02
N LEU B 102 20.48 -30.48 -38.11
CA LEU B 102 21.57 -31.42 -37.79
C LEU B 102 21.15 -32.57 -36.87
N GLY B 103 20.04 -32.41 -36.14
CA GLY B 103 19.57 -33.48 -35.26
C GLY B 103 19.85 -33.31 -33.79
N VAL B 104 20.19 -32.07 -33.45
CA VAL B 104 20.51 -31.63 -32.08
C VAL B 104 19.29 -31.33 -31.18
N GLN B 105 19.34 -31.66 -29.88
CA GLN B 105 18.22 -31.33 -29.00
C GLN B 105 18.16 -29.83 -28.68
N THR B 106 17.22 -29.13 -29.27
CA THR B 106 17.19 -27.70 -29.04
C THR B 106 16.23 -27.38 -27.89
N THR B 107 15.82 -28.42 -27.16
CA THR B 107 14.85 -28.25 -26.09
C THR B 107 15.59 -27.46 -25.01
N SER B 108 16.89 -27.68 -24.94
CA SER B 108 17.69 -27.03 -23.95
C SER B 108 17.75 -25.49 -24.19
N ILE B 109 18.02 -25.15 -25.44
CA ILE B 109 18.14 -23.76 -25.81
C ILE B 109 16.81 -23.11 -25.83
N ILE B 110 15.81 -23.75 -26.39
CA ILE B 110 14.54 -23.09 -26.35
C ILE B 110 14.14 -22.81 -24.91
N THR B 111 14.45 -23.69 -23.96
CA THR B 111 14.12 -23.40 -22.55
C THR B 111 14.74 -22.14 -22.04
N VAL B 112 15.97 -21.93 -22.49
CA VAL B 112 16.60 -20.68 -22.12
C VAL B 112 15.96 -19.49 -22.87
N LEU B 113 15.78 -19.59 -24.19
CA LEU B 113 15.14 -18.56 -24.96
C LEU B 113 13.75 -18.18 -24.47
N GLY B 114 12.99 -19.19 -24.04
CA GLY B 114 11.69 -19.07 -23.40
C GLY B 114 11.87 -18.24 -22.16
N THR B 115 12.66 -18.76 -21.23
CA THR B 115 12.77 -18.10 -19.94
C THR B 115 13.52 -16.77 -20.00
N VAL B 116 14.09 -16.41 -21.13
CA VAL B 116 14.59 -15.09 -21.33
C VAL B 116 13.46 -14.18 -21.72
N GLY B 117 12.79 -14.63 -22.76
CA GLY B 117 11.70 -13.88 -23.35
C GLY B 117 10.72 -13.49 -22.28
N ILE B 118 10.58 -14.34 -21.28
CA ILE B 118 9.68 -14.09 -20.15
C ILE B 118 10.07 -12.97 -19.19
N ALA B 119 11.37 -12.81 -18.98
CA ALA B 119 11.82 -11.69 -18.17
C ALA B 119 11.65 -10.42 -18.97
N VAL B 120 11.61 -10.61 -20.29
CA VAL B 120 11.39 -9.45 -21.14
C VAL B 120 9.91 -9.07 -21.05
N ALA B 121 9.02 -10.07 -21.15
CA ALA B 121 7.53 -9.91 -21.07
C ALA B 121 7.23 -9.12 -19.84
N LEU B 122 8.04 -9.44 -18.86
CA LEU B 122 7.90 -8.82 -17.60
C LEU B 122 8.42 -7.39 -17.41
N ALA B 123 9.49 -7.01 -18.07
CA ALA B 123 9.95 -5.64 -17.91
C ALA B 123 8.99 -4.70 -18.50
N LEU B 124 8.33 -5.13 -19.55
CA LEU B 124 7.44 -4.28 -20.34
C LEU B 124 5.96 -4.47 -20.04
N LYS B 125 5.67 -4.96 -18.86
CA LYS B 125 4.32 -5.24 -18.53
C LYS B 125 3.64 -3.88 -18.40
N ASP B 126 4.19 -3.08 -17.51
CA ASP B 126 3.77 -1.76 -17.12
C ASP B 126 3.79 -0.65 -18.17
N TYR B 127 4.76 -0.76 -19.06
CA TYR B 127 4.83 0.17 -20.18
C TYR B 127 3.76 -0.03 -21.24
N LEU B 128 3.68 -1.27 -21.63
CA LEU B 128 2.73 -1.75 -22.55
C LEU B 128 1.26 -1.66 -22.00
N SER B 129 1.13 -1.47 -20.71
CA SER B 129 -0.20 -1.35 -20.17
C SER B 129 -0.46 0.17 -20.10
N SER B 130 0.58 0.97 -20.31
CA SER B 130 0.34 2.41 -20.51
C SER B 130 -0.11 2.58 -21.96
N ILE B 131 0.50 1.82 -22.82
CA ILE B 131 0.09 1.84 -24.20
C ILE B 131 -1.32 1.43 -24.41
N ALA B 132 -1.68 0.18 -24.08
CA ALA B 132 -3.07 -0.24 -24.26
C ALA B 132 -3.97 0.49 -23.29
N GLY B 133 -3.35 1.23 -22.36
CA GLY B 133 -4.06 2.22 -21.55
C GLY B 133 -4.57 3.31 -22.45
N GLY B 134 -3.65 3.90 -23.23
CA GLY B 134 -3.97 4.91 -24.23
C GLY B 134 -4.94 4.40 -25.27
N ILE B 135 -4.70 3.21 -25.81
CA ILE B 135 -5.62 2.63 -26.77
C ILE B 135 -7.06 2.58 -26.32
N ILE B 136 -7.28 2.09 -25.13
CA ILE B 136 -8.62 2.11 -24.56
C ILE B 136 -9.08 3.56 -24.31
N LEU B 137 -8.18 4.47 -23.91
CA LEU B 137 -8.52 5.87 -23.60
C LEU B 137 -9.04 6.68 -24.76
N ILE B 138 -8.31 6.56 -25.86
CA ILE B 138 -8.59 7.20 -27.13
C ILE B 138 -9.86 6.60 -27.70
N ILE B 139 -9.97 5.29 -27.61
CA ILE B 139 -11.07 4.61 -28.25
C ILE B 139 -12.40 4.81 -27.56
N LEU B 140 -12.44 4.63 -26.25
CA LEU B 140 -13.72 4.60 -25.55
C LEU B 140 -13.98 5.88 -24.80
N HIS B 141 -13.36 6.97 -25.20
CA HIS B 141 -13.22 8.07 -24.28
C HIS B 141 -14.47 8.64 -23.61
N PRO B 142 -14.43 8.77 -22.26
CA PRO B 142 -15.37 9.64 -21.55
C PRO B 142 -14.67 10.91 -21.21
N PHE B 143 -13.54 11.04 -21.89
CA PHE B 143 -12.74 12.21 -21.79
C PHE B 143 -12.08 12.60 -23.10
N LYS B 144 -11.98 13.90 -23.41
CA LYS B 144 -11.35 14.32 -24.68
C LYS B 144 -10.69 15.68 -24.47
N LYS B 145 -9.75 16.08 -25.35
CA LYS B 145 -8.98 17.33 -25.12
C LYS B 145 -9.74 18.65 -25.03
N GLY B 146 -9.52 19.36 -23.93
CA GLY B 146 -10.14 20.65 -23.74
C GLY B 146 -10.98 20.56 -22.50
N ASP B 147 -11.31 19.34 -22.07
CA ASP B 147 -12.09 19.12 -20.85
C ASP B 147 -11.19 19.44 -19.68
N ILE B 148 -11.75 19.74 -18.53
CA ILE B 148 -10.87 19.87 -17.40
C ILE B 148 -11.24 18.71 -16.51
N ILE B 149 -10.24 18.09 -15.93
CA ILE B 149 -10.57 17.06 -14.94
C ILE B 149 -9.84 17.09 -13.63
N GLU B 150 -10.14 16.07 -12.83
CA GLU B 150 -9.51 15.93 -11.53
C GLU B 150 -9.03 14.49 -11.31
N ILE B 151 -7.99 14.12 -12.05
CA ILE B 151 -7.33 12.85 -11.85
C ILE B 151 -6.51 12.72 -10.55
N SER B 152 -6.98 11.90 -9.61
CA SER B 152 -6.24 11.67 -8.36
C SER B 152 -5.90 12.97 -7.56
N GLY B 153 -6.85 13.90 -7.42
CA GLY B 153 -6.59 15.12 -6.65
C GLY B 153 -5.90 16.24 -7.40
N LEU B 154 -5.42 15.93 -8.61
CA LEU B 154 -4.65 16.84 -9.47
C LEU B 154 -5.52 17.39 -10.61
N GLU B 155 -6.03 18.61 -10.47
CA GLU B 155 -6.99 19.12 -11.48
C GLU B 155 -6.38 20.08 -12.49
N GLY B 156 -6.65 19.82 -13.75
CA GLY B 156 -6.12 20.66 -14.82
C GLY B 156 -6.78 20.41 -16.15
N LYS B 157 -6.62 21.38 -17.06
CA LYS B 157 -7.12 21.19 -18.40
C LYS B 157 -6.16 20.36 -19.17
N VAL B 158 -6.70 19.46 -19.98
CA VAL B 158 -5.94 18.49 -20.75
C VAL B 158 -5.32 19.12 -22.00
N GLU B 159 -4.06 18.82 -22.22
CA GLU B 159 -3.29 19.31 -23.34
C GLU B 159 -2.74 18.24 -24.29
N ALA B 160 -2.61 17.01 -23.80
CA ALA B 160 -2.01 15.97 -24.63
C ALA B 160 -2.48 14.54 -24.39
N LEU B 161 -2.67 13.80 -25.48
CA LEU B 161 -2.84 12.34 -25.44
C LEU B 161 -1.71 11.67 -26.28
N ASN B 162 -0.59 11.47 -25.58
CA ASN B 162 0.63 10.81 -26.00
C ASN B 162 0.30 9.32 -26.14
N PHE B 163 1.24 8.60 -26.70
CA PHE B 163 0.99 7.22 -26.92
C PHE B 163 0.80 6.44 -25.56
N PHE B 164 1.77 6.66 -24.66
CA PHE B 164 1.74 6.28 -23.24
C PHE B 164 1.36 7.31 -22.23
N ASN B 165 1.44 8.59 -22.60
CA ASN B 165 1.30 9.68 -21.61
C ASN B 165 0.21 10.58 -21.95
N THR B 166 -0.16 11.37 -20.97
CA THR B 166 -1.32 12.26 -20.93
C THR B 166 -0.75 13.53 -20.37
N SER B 167 -1.14 14.69 -20.87
CA SER B 167 -0.50 15.88 -20.29
C SER B 167 -1.57 16.87 -19.85
N LEU B 168 -1.41 17.48 -18.67
CA LEU B 168 -2.32 18.51 -18.22
C LEU B 168 -1.54 19.77 -18.03
N ARG B 169 -2.06 20.88 -18.54
CA ARG B 169 -1.54 22.15 -18.07
C ARG B 169 -2.49 22.49 -16.87
N LEU B 170 -1.84 22.55 -15.71
CA LEU B 170 -2.51 22.75 -14.45
C LEU B 170 -3.02 24.19 -14.35
N HIS B 171 -3.87 24.46 -13.38
CA HIS B 171 -4.17 25.83 -12.95
C HIS B 171 -2.88 26.56 -12.64
N ASP B 172 -1.98 25.80 -12.07
CA ASP B 172 -0.67 26.32 -11.75
C ASP B 172 0.01 26.81 -13.06
N GLY B 173 -0.20 26.08 -14.16
CA GLY B 173 0.35 26.45 -15.44
C GLY B 173 1.58 25.66 -15.85
N ARG B 174 2.15 24.87 -14.96
CA ARG B 174 3.04 23.82 -15.43
C ARG B 174 2.28 22.69 -16.10
N LEU B 175 3.01 21.80 -16.78
CA LEU B 175 2.40 20.67 -17.49
C LEU B 175 2.82 19.36 -16.91
N ALA B 176 1.89 18.71 -16.22
CA ALA B 176 2.07 17.37 -15.69
C ALA B 176 1.98 16.35 -16.85
N VAL B 177 2.72 15.27 -16.77
CA VAL B 177 2.76 14.23 -17.76
C VAL B 177 2.42 12.87 -17.17
N LEU B 178 1.13 12.64 -17.05
CA LEU B 178 0.57 11.46 -16.42
C LEU B 178 0.55 10.18 -17.24
N PRO B 179 1.35 9.16 -16.91
CA PRO B 179 1.42 7.97 -17.79
C PRO B 179 0.05 7.26 -17.97
N ASN B 180 -0.32 6.82 -19.18
CA ASN B 180 -1.68 6.33 -19.50
C ASN B 180 -2.16 5.24 -18.57
N ARG B 181 -1.23 4.38 -18.15
CA ARG B 181 -1.44 3.32 -17.16
C ARG B 181 -2.21 3.74 -15.90
N SER B 182 -1.78 4.89 -15.36
CA SER B 182 -2.30 5.60 -14.19
C SER B 182 -3.71 6.14 -14.36
N VAL B 183 -3.89 6.72 -15.53
CA VAL B 183 -5.09 7.42 -15.82
C VAL B 183 -6.25 6.51 -16.06
N ALA B 184 -6.02 5.54 -16.95
CA ALA B 184 -7.05 4.62 -17.40
C ALA B 184 -7.69 3.86 -16.21
N ASN B 185 -7.04 3.91 -15.03
CA ASN B 185 -7.52 3.19 -13.87
C ASN B 185 -7.95 3.98 -12.63
N SER B 186 -7.74 5.28 -12.64
CA SER B 186 -8.22 6.04 -11.53
C SER B 186 -9.60 6.67 -11.82
N ASN B 187 -10.19 7.27 -10.81
CA ASN B 187 -11.47 7.94 -10.97
C ASN B 187 -11.20 9.23 -11.72
N ILE B 188 -11.58 9.25 -12.98
CA ILE B 188 -11.45 10.42 -13.85
C ILE B 188 -12.58 11.39 -13.68
N ILE B 189 -12.34 12.51 -13.02
CA ILE B 189 -13.49 13.36 -12.70
C ILE B 189 -13.62 14.56 -13.63
N ASN B 190 -14.52 14.39 -14.61
CA ASN B 190 -14.79 15.36 -15.67
C ASN B 190 -15.60 16.46 -15.03
N SER B 191 -15.18 17.73 -15.18
CA SER B 191 -15.87 18.88 -14.59
C SER B 191 -16.60 19.55 -15.73
N ASN B 192 -16.04 19.32 -16.92
CA ASN B 192 -16.52 19.87 -18.18
C ASN B 192 -17.76 19.20 -18.78
N ASN B 193 -18.07 17.99 -18.31
CA ASN B 193 -19.09 17.17 -18.95
C ASN B 193 -20.49 17.49 -18.40
N THR B 194 -20.57 18.27 -17.33
CA THR B 194 -21.84 18.82 -16.82
C THR B 194 -21.78 20.37 -16.65
N ALA B 195 -22.71 21.10 -17.24
CA ALA B 195 -22.62 22.57 -17.34
C ALA B 195 -22.72 23.43 -16.04
N CYS B 196 -23.26 22.90 -14.95
CA CYS B 196 -23.45 23.63 -13.66
C CYS B 196 -22.87 22.98 -12.43
N ARG B 197 -22.30 23.77 -11.51
CA ARG B 197 -21.69 23.18 -10.30
C ARG B 197 -22.05 23.85 -9.01
N ARG B 198 -22.18 23.01 -7.98
CA ARG B 198 -22.55 23.51 -6.66
C ARG B 198 -21.37 24.25 -6.07
N ILE B 199 -21.68 25.08 -5.10
CA ILE B 199 -20.74 25.95 -4.40
C ILE B 199 -21.13 25.83 -2.94
N GLU B 200 -20.15 26.04 -2.05
CA GLU B 200 -20.46 25.96 -0.63
C GLU B 200 -19.70 26.86 0.36
N TRP B 201 -20.44 27.10 1.45
CA TRP B 201 -20.02 27.65 2.75
C TRP B 201 -20.43 27.01 4.06
N VAL B 202 -19.67 27.44 5.06
CA VAL B 202 -20.01 27.41 6.44
C VAL B 202 -19.72 28.82 6.99
N CYS B 203 -20.60 29.79 6.72
CA CYS B 203 -20.44 31.19 7.16
C CYS B 203 -20.83 31.39 8.62
N GLY B 204 -19.81 31.55 9.50
CA GLY B 204 -19.93 31.80 10.94
C GLY B 204 -20.59 33.15 11.21
N VAL B 205 -21.63 33.15 12.06
CA VAL B 205 -22.36 34.34 12.49
C VAL B 205 -22.22 34.65 13.98
N GLY B 206 -22.70 35.83 14.43
CA GLY B 206 -22.74 36.16 15.86
C GLY B 206 -23.51 34.95 16.26
N TYR B 207 -23.08 34.34 17.35
CA TYR B 207 -23.72 33.10 17.80
C TYR B 207 -25.11 33.44 18.44
N GLY B 208 -25.35 34.74 18.65
CA GLY B 208 -26.60 35.24 19.20
C GLY B 208 -27.67 35.84 18.24
N SER B 209 -27.42 35.95 16.93
CA SER B 209 -28.37 36.47 15.88
C SER B 209 -29.54 35.50 15.57
N ASP B 210 -30.59 35.94 14.86
CA ASP B 210 -31.80 35.07 14.75
C ASP B 210 -31.80 34.09 13.51
N ILE B 211 -32.40 32.93 13.78
CA ILE B 211 -32.54 31.79 12.87
C ILE B 211 -33.05 32.21 11.51
N GLU B 212 -33.74 33.34 11.46
CA GLU B 212 -34.39 33.83 10.26
C GLU B 212 -33.84 35.17 9.80
N LEU B 213 -33.20 35.92 10.70
CA LEU B 213 -32.63 37.23 10.37
C LEU B 213 -31.63 37.04 9.28
N VAL B 214 -30.62 36.29 9.63
CA VAL B 214 -29.61 35.93 8.68
C VAL B 214 -30.21 35.05 7.51
N HIS B 215 -31.21 34.22 7.83
CA HIS B 215 -31.85 33.35 6.85
C HIS B 215 -32.45 34.17 5.75
N LYS B 216 -32.66 35.46 6.01
CA LYS B 216 -33.21 36.35 5.01
C LYS B 216 -32.09 37.23 4.48
N THR B 217 -31.14 37.65 5.31
CA THR B 217 -30.09 38.54 4.75
C THR B 217 -29.38 37.81 3.63
N ILE B 218 -29.11 36.53 3.85
CA ILE B 218 -28.55 35.69 2.78
C ILE B 218 -29.57 35.47 1.65
N LYS B 219 -30.81 35.07 1.95
CA LYS B 219 -31.80 34.88 0.87
C LYS B 219 -31.94 36.14 0.00
N ASP B 220 -31.54 37.27 0.57
CA ASP B 220 -31.57 38.54 -0.12
C ASP B 220 -30.29 38.75 -0.92
N VAL B 221 -29.11 38.48 -0.34
CA VAL B 221 -27.84 38.63 -1.07
C VAL B 221 -27.74 37.60 -2.24
N ILE B 222 -28.37 36.42 -2.05
CA ILE B 222 -28.54 35.40 -3.09
C ILE B 222 -29.13 35.96 -4.37
N ASP B 223 -30.28 36.60 -4.19
CA ASP B 223 -31.02 37.15 -5.31
C ASP B 223 -30.24 38.31 -5.95
N THR B 224 -29.65 39.19 -5.15
CA THR B 224 -28.95 40.38 -5.67
C THR B 224 -27.78 39.95 -6.52
N MET B 225 -27.48 38.65 -6.52
CA MET B 225 -26.35 38.19 -7.30
C MET B 225 -26.79 37.91 -8.71
N GLU B 226 -25.90 38.44 -9.52
CA GLU B 226 -26.06 38.41 -10.91
C GLU B 226 -25.70 37.08 -11.44
N LYS B 227 -24.62 36.57 -10.88
CA LYS B 227 -24.09 35.30 -11.25
C LYS B 227 -24.70 34.19 -10.42
N ILE B 228 -25.99 33.90 -10.59
CA ILE B 228 -26.62 32.81 -9.83
C ILE B 228 -27.83 32.20 -10.47
N ASP B 229 -28.07 30.92 -10.21
CA ASP B 229 -29.20 30.25 -10.78
C ASP B 229 -30.32 30.08 -9.77
N LYS B 230 -31.52 30.33 -10.27
CA LYS B 230 -32.79 30.21 -9.55
C LYS B 230 -33.52 28.88 -9.77
N ASN B 231 -33.30 28.27 -10.93
CA ASN B 231 -33.87 26.94 -11.19
C ASN B 231 -33.02 25.83 -10.54
N MET B 232 -31.85 26.19 -10.03
CA MET B 232 -31.08 25.34 -9.12
C MET B 232 -31.31 25.75 -7.68
N PRO B 233 -31.78 24.82 -6.82
CA PRO B 233 -32.10 25.20 -5.42
C PRO B 233 -30.92 25.78 -4.61
N THR B 234 -31.25 26.37 -3.44
CA THR B 234 -30.27 26.82 -2.43
C THR B 234 -30.69 26.25 -1.02
N PHE B 235 -29.79 25.53 -0.32
CA PHE B 235 -30.07 25.05 1.05
C PHE B 235 -29.27 25.78 2.09
N ILE B 236 -29.86 26.87 2.58
CA ILE B 236 -29.22 27.76 3.53
C ILE B 236 -29.84 27.67 4.89
N GLY B 237 -29.33 26.71 5.66
CA GLY B 237 -29.75 26.52 7.03
C GLY B 237 -28.56 26.48 8.00
N ILE B 238 -28.90 26.45 9.30
CA ILE B 238 -27.90 26.32 10.34
C ILE B 238 -27.49 24.94 10.33
N THR B 239 -26.23 24.80 10.01
CA THR B 239 -25.74 23.49 9.89
C THR B 239 -25.22 22.95 11.21
N ASP B 240 -24.40 23.73 11.92
CA ASP B 240 -23.86 23.30 13.22
C ASP B 240 -23.55 24.29 14.32
N PHE B 241 -23.77 23.85 15.55
CA PHE B 241 -23.37 24.58 16.73
C PHE B 241 -21.87 24.75 16.56
N GLY B 242 -21.36 25.96 16.71
CA GLY B 242 -19.93 26.13 16.64
C GLY B 242 -19.32 26.27 18.01
N SER B 243 -18.01 26.20 18.07
CA SER B 243 -17.27 26.48 19.29
C SER B 243 -17.31 27.94 19.78
N SER B 244 -17.11 28.88 18.88
CA SER B 244 -17.12 30.29 19.27
C SER B 244 -18.11 31.11 18.40
N SER B 245 -18.59 30.47 17.35
CA SER B 245 -19.46 31.08 16.37
C SER B 245 -20.50 30.05 15.98
N LEU B 246 -21.69 30.51 15.58
CA LEU B 246 -22.71 29.68 14.90
C LEU B 246 -22.41 29.52 13.40
N ASN B 247 -22.61 28.32 12.87
CA ASN B 247 -22.22 28.01 11.51
C ASN B 247 -23.31 27.78 10.48
N PHE B 248 -23.42 28.65 9.47
CA PHE B 248 -24.45 28.47 8.42
C PHE B 248 -23.87 27.90 7.17
N THR B 249 -24.40 26.77 6.71
CA THR B 249 -24.04 26.29 5.38
C THR B 249 -24.78 27.09 4.37
N ILE B 250 -24.07 27.40 3.28
CA ILE B 250 -24.73 27.95 2.11
C ILE B 250 -24.46 26.99 0.96
N ARG B 251 -25.49 26.32 0.43
CA ARG B 251 -25.33 25.46 -0.76
C ARG B 251 -25.95 26.33 -1.86
N VAL B 252 -25.22 26.67 -2.94
CA VAL B 252 -25.80 27.44 -4.11
C VAL B 252 -25.34 26.91 -5.46
N TRP B 253 -26.10 27.06 -6.55
CA TRP B 253 -25.51 26.66 -7.82
C TRP B 253 -25.09 27.77 -8.75
N ALA B 254 -24.17 27.46 -9.68
CA ALA B 254 -23.75 28.47 -10.67
C ALA B 254 -23.30 27.78 -11.97
N LYS B 255 -22.95 28.60 -12.96
CA LYS B 255 -22.56 28.09 -14.28
C LYS B 255 -21.06 28.05 -14.49
N ILE B 256 -20.58 26.97 -15.14
CA ILE B 256 -19.15 26.76 -15.45
C ILE B 256 -18.42 27.83 -16.27
N GLU B 257 -19.24 28.62 -16.93
CA GLU B 257 -18.86 29.66 -17.90
C GLU B 257 -17.98 30.73 -17.25
N ASP B 258 -18.48 31.32 -16.17
CA ASP B 258 -17.79 32.43 -15.52
C ASP B 258 -17.50 32.26 -14.04
N GLY B 259 -17.59 31.04 -13.52
CA GLY B 259 -17.51 30.88 -12.07
C GLY B 259 -16.13 30.61 -11.44
N ILE B 260 -15.11 30.46 -12.27
CA ILE B 260 -13.81 30.15 -11.74
C ILE B 260 -13.52 31.19 -10.66
N PHE B 261 -13.59 30.67 -9.43
CA PHE B 261 -13.35 31.42 -8.24
C PHE B 261 -14.19 32.64 -7.99
N ASN B 262 -14.46 33.40 -9.04
CA ASN B 262 -15.07 34.70 -8.84
C ASN B 262 -16.43 34.61 -8.24
N VAL B 263 -17.31 33.77 -8.73
CA VAL B 263 -18.59 33.67 -8.04
C VAL B 263 -18.53 33.48 -6.51
N ARG B 264 -17.75 32.51 -6.01
CA ARG B 264 -17.81 32.30 -4.57
C ARG B 264 -17.18 33.55 -3.92
N SER B 265 -16.09 34.06 -4.48
CA SER B 265 -15.40 35.19 -3.89
C SER B 265 -16.28 36.44 -3.89
N GLU B 266 -16.98 36.70 -4.95
CA GLU B 266 -17.85 37.85 -4.86
C GLU B 266 -19.02 37.55 -3.91
N LEU B 267 -19.52 36.30 -3.90
CA LEU B 267 -20.64 35.91 -3.03
C LEU B 267 -20.38 36.29 -1.63
N ILE B 268 -19.19 35.95 -1.23
CA ILE B 268 -18.83 36.33 0.09
C ILE B 268 -18.64 37.86 0.14
N GLU B 269 -18.21 38.53 -0.94
CA GLU B 269 -17.93 39.97 -0.81
C GLU B 269 -19.19 40.73 -0.56
N ARG B 270 -20.30 40.14 -1.01
CA ARG B 270 -21.64 40.66 -0.72
C ARG B 270 -22.25 40.15 0.60
N ILE B 271 -22.17 38.85 0.91
CA ILE B 271 -22.59 38.41 2.25
C ILE B 271 -21.75 38.98 3.42
N LYS B 272 -20.65 39.65 3.07
CA LYS B 272 -19.99 40.52 4.02
C LYS B 272 -20.56 41.90 3.93
N ASN B 273 -20.57 42.48 2.73
CA ASN B 273 -21.14 43.81 2.61
C ASN B 273 -22.51 43.92 3.31
N ALA B 274 -23.27 42.82 3.35
CA ALA B 274 -24.60 42.74 3.98
C ALA B 274 -24.58 42.31 5.45
N LEU B 275 -23.90 41.20 5.80
CA LEU B 275 -23.84 40.80 7.23
C LEU B 275 -23.19 41.80 8.16
N ASP B 276 -22.18 42.49 7.62
CA ASP B 276 -21.50 43.55 8.33
C ASP B 276 -22.49 44.68 8.57
N ALA B 277 -23.37 44.85 7.57
CA ALA B 277 -24.35 45.94 7.50
C ALA B 277 -25.59 45.78 8.40
N ASN B 278 -25.97 44.55 8.77
CA ASN B 278 -27.22 44.38 9.52
C ASN B 278 -27.02 44.30 11.02
N HIS B 279 -25.91 44.84 11.50
CA HIS B 279 -25.61 44.81 12.93
C HIS B 279 -25.67 43.35 13.45
N ILE B 280 -25.33 42.42 12.52
CA ILE B 280 -25.17 40.98 12.73
C ILE B 280 -23.67 40.72 12.92
N GLU B 281 -23.25 40.16 14.07
CA GLU B 281 -21.81 39.96 14.38
C GLU B 281 -21.17 38.75 13.79
N ILE B 282 -19.98 38.89 13.20
CA ILE B 282 -19.19 37.69 13.00
C ILE B 282 -18.12 37.58 14.08
N PRO B 283 -18.15 36.50 14.88
CA PRO B 283 -17.35 36.60 16.11
C PRO B 283 -15.91 36.13 15.94
N PHE B 284 -14.99 36.82 16.60
CA PHE B 284 -13.67 36.30 16.86
C PHE B 284 -13.89 35.30 17.95
N ASN B 285 -13.00 34.33 18.04
CA ASN B 285 -13.19 33.23 18.96
C ASN B 285 -13.51 33.64 20.36
N LYS B 286 -14.69 33.20 20.81
CA LYS B 286 -15.18 33.55 22.12
C LYS B 286 -14.70 32.49 23.16
N LEU B 287 -14.43 33.03 24.34
CA LEU B 287 -13.87 32.29 25.45
C LEU B 287 -14.42 32.82 26.79
N ASP B 288 -14.94 31.90 27.60
CA ASP B 288 -15.63 32.26 28.84
C ASP B 288 -14.74 32.03 30.01
N ILE B 289 -13.99 33.05 30.41
CA ILE B 289 -12.99 32.90 31.46
C ILE B 289 -13.59 32.88 32.83
N ALA B 290 -13.27 31.88 33.61
CA ALA B 290 -13.62 31.94 35.01
C ALA B 290 -12.33 32.16 35.80
N ILE B 291 -12.36 32.94 36.90
CA ILE B 291 -11.10 33.24 37.63
C ILE B 291 -11.23 32.84 39.08
N LYS B 292 -10.15 32.29 39.59
CA LYS B 292 -10.02 31.84 40.98
C LYS B 292 -8.53 31.80 41.35
N ASN B 293 -8.13 32.24 42.55
CA ASN B 293 -6.70 32.26 42.91
C ASN B 293 -6.30 31.05 43.79
N GLN B 294 -4.99 30.80 43.88
CA GLN B 294 -4.44 29.67 44.64
C GLN B 294 -3.09 29.96 45.27
N PHE C 42 13.45 -33.65 -55.51
CA PHE C 42 13.29 -32.95 -54.23
C PHE C 42 12.06 -32.03 -54.03
N GLY C 43 11.47 -31.72 -55.17
CA GLY C 43 10.41 -30.75 -55.36
C GLY C 43 9.16 -30.44 -54.56
N ILE C 44 8.32 -31.45 -54.36
CA ILE C 44 6.99 -31.24 -53.74
C ILE C 44 6.95 -30.42 -52.45
N ILE C 45 7.78 -30.69 -51.47
CA ILE C 45 7.82 -29.89 -50.24
C ILE C 45 7.98 -28.39 -50.56
N LEU C 46 9.05 -28.13 -51.31
CA LEU C 46 9.55 -26.84 -51.77
C LEU C 46 8.43 -26.04 -52.48
N ILE C 47 7.44 -26.79 -52.97
CA ILE C 47 6.32 -26.25 -53.76
C ILE C 47 5.05 -26.15 -52.87
N LYS C 48 4.79 -27.22 -52.10
CA LYS C 48 3.70 -27.37 -51.12
C LYS C 48 3.76 -26.18 -50.17
N ALA C 49 4.96 -25.61 -50.02
CA ALA C 49 5.18 -24.42 -49.20
C ALA C 49 4.53 -23.19 -49.76
N VAL C 50 4.89 -22.79 -50.97
CA VAL C 50 4.29 -21.61 -51.59
C VAL C 50 2.84 -21.88 -52.01
N ILE C 51 2.48 -23.15 -52.04
CA ILE C 51 1.08 -23.57 -52.16
C ILE C 51 0.31 -23.11 -50.92
N VAL C 52 0.71 -23.66 -49.77
CA VAL C 52 0.13 -23.40 -48.44
C VAL C 52 0.21 -21.95 -47.97
N PHE C 53 1.43 -21.46 -48.00
CA PHE C 53 1.75 -20.12 -47.64
C PHE C 53 0.88 -19.06 -48.30
N CYS C 54 0.57 -19.25 -49.56
CA CYS C 54 -0.23 -18.31 -50.30
C CYS C 54 -1.68 -18.60 -50.05
N ILE C 55 -2.04 -19.88 -49.97
CA ILE C 55 -3.42 -20.33 -49.68
C ILE C 55 -3.97 -19.58 -48.43
N GLY C 56 -3.18 -19.57 -47.37
CA GLY C 56 -3.58 -18.82 -46.19
C GLY C 56 -3.36 -17.32 -46.36
N PHE C 57 -2.30 -17.01 -47.09
CA PHE C 57 -1.84 -15.64 -47.27
C PHE C 57 -2.93 -14.75 -47.83
N TYR C 58 -3.75 -15.31 -48.74
CA TYR C 58 -4.98 -14.64 -49.21
C TYR C 58 -5.96 -14.43 -48.05
N PHE C 59 -6.09 -15.50 -47.27
CA PHE C 59 -7.03 -15.56 -46.19
C PHE C 59 -6.69 -14.45 -45.15
N SER C 60 -5.55 -13.79 -45.40
CA SER C 60 -5.18 -12.57 -44.66
C SER C 60 -6.02 -11.41 -45.18
N PHE C 61 -6.22 -11.32 -46.49
CA PHE C 61 -7.17 -10.33 -47.02
C PHE C 61 -8.61 -10.58 -46.56
N PHE C 62 -9.13 -11.79 -46.79
CA PHE C 62 -10.54 -12.03 -46.42
C PHE C 62 -10.74 -11.91 -44.91
N LEU C 63 -9.69 -12.02 -44.10
CA LEU C 63 -9.90 -11.87 -42.64
C LEU C 63 -9.34 -10.55 -42.13
N ARG C 64 -8.77 -9.76 -43.02
CA ARG C 64 -8.51 -8.37 -42.69
C ARG C 64 -9.73 -7.57 -43.05
N ASN C 65 -10.38 -8.04 -44.08
CA ASN C 65 -11.60 -7.50 -44.58
C ASN C 65 -12.95 -8.16 -44.18
N LYS C 66 -12.96 -9.13 -43.26
CA LYS C 66 -14.22 -9.59 -42.60
C LYS C 66 -14.08 -9.21 -41.15
N THR C 67 -12.93 -8.59 -40.90
CA THR C 67 -12.62 -7.86 -39.67
C THR C 67 -13.15 -6.48 -39.95
N MET C 68 -12.65 -5.93 -41.04
CA MET C 68 -13.16 -4.70 -41.54
C MET C 68 -14.64 -4.81 -41.96
N LYS C 69 -15.14 -6.03 -42.25
CA LYS C 69 -16.54 -6.16 -42.70
C LYS C 69 -17.62 -6.24 -41.62
N LEU C 70 -17.50 -7.12 -40.63
CA LEU C 70 -18.60 -7.12 -39.69
C LEU C 70 -18.37 -6.22 -38.45
N LEU C 71 -17.18 -5.60 -38.32
CA LEU C 71 -16.81 -4.65 -37.21
C LEU C 71 -16.40 -3.18 -37.48
N SER C 72 -15.86 -2.88 -38.67
CA SER C 72 -15.34 -1.52 -38.97
C SER C 72 -16.37 -0.47 -38.99
N LYS C 73 -15.90 0.72 -39.40
CA LYS C 73 -16.68 1.97 -39.56
C LYS C 73 -17.40 2.46 -38.30
N LYS C 74 -16.77 2.19 -37.16
CA LYS C 74 -17.19 2.45 -35.77
C LYS C 74 -16.13 3.54 -35.64
N ASP C 75 -14.84 3.24 -35.70
CA ASP C 75 -13.86 4.33 -35.61
C ASP C 75 -12.69 3.96 -36.55
N GLU C 76 -11.74 4.90 -36.76
CA GLU C 76 -10.48 4.72 -37.54
C GLU C 76 -9.36 4.02 -36.82
N ILE C 77 -9.36 4.35 -35.55
CA ILE C 77 -8.54 3.74 -34.54
C ILE C 77 -8.94 2.27 -34.35
N LEU C 78 -10.25 1.99 -34.28
CA LEU C 78 -10.74 0.63 -34.08
C LEU C 78 -10.76 -0.22 -35.35
N ALA C 79 -11.24 0.35 -36.47
CA ALA C 79 -11.26 -0.42 -37.70
C ALA C 79 -9.85 -0.77 -38.19
N ASN C 80 -8.85 0.07 -37.90
CA ASN C 80 -7.50 -0.26 -38.39
C ASN C 80 -6.63 -0.89 -37.31
N PHE C 81 -7.20 -1.01 -36.11
CA PHE C 81 -6.47 -1.71 -35.08
C PHE C 81 -6.88 -3.17 -35.11
N VAL C 82 -8.18 -3.45 -35.07
CA VAL C 82 -8.57 -4.85 -35.20
C VAL C 82 -8.31 -5.38 -36.63
N ALA C 83 -8.29 -4.49 -37.61
CA ALA C 83 -7.84 -4.97 -38.90
C ALA C 83 -6.31 -4.95 -39.04
N GLN C 84 -5.57 -4.29 -38.17
CA GLN C 84 -4.15 -4.48 -38.34
C GLN C 84 -3.74 -5.72 -37.63
N VAL C 85 -4.03 -5.77 -36.36
CA VAL C 85 -3.73 -6.92 -35.57
C VAL C 85 -4.30 -8.24 -36.11
N THR C 86 -5.61 -8.31 -36.42
CA THR C 86 -6.13 -9.63 -36.81
C THR C 86 -5.36 -10.06 -38.02
N PHE C 87 -4.97 -9.06 -38.78
CA PHE C 87 -4.26 -9.39 -39.94
C PHE C 87 -2.83 -9.90 -39.70
N ILE C 88 -1.95 -9.06 -39.15
CA ILE C 88 -0.53 -9.35 -38.88
C ILE C 88 -0.39 -10.72 -38.20
N LEU C 89 -1.35 -10.96 -37.30
CA LEU C 89 -1.44 -12.20 -36.57
C LEU C 89 -1.71 -13.39 -37.49
N ILE C 90 -2.77 -13.30 -38.31
CA ILE C 90 -3.15 -14.35 -39.29
C ILE C 90 -2.04 -14.56 -40.31
N LEU C 91 -1.20 -13.54 -40.37
CA LEU C 91 -0.04 -13.53 -41.20
C LEU C 91 1.08 -14.35 -40.63
N ILE C 92 1.41 -14.08 -39.37
CA ILE C 92 2.52 -14.74 -38.69
C ILE C 92 2.20 -16.18 -38.34
N ILE C 93 0.91 -16.46 -38.22
CA ILE C 93 0.41 -17.82 -38.15
C ILE C 93 0.62 -18.53 -39.53
N THR C 94 0.38 -17.81 -40.63
CA THR C 94 0.57 -18.46 -41.94
C THR C 94 2.03 -18.69 -42.28
N THR C 95 2.90 -17.76 -41.89
CA THR C 95 4.33 -17.93 -42.12
C THR C 95 4.84 -19.17 -41.40
N ILE C 96 4.63 -19.17 -40.07
CA ILE C 96 5.02 -20.32 -39.24
C ILE C 96 4.52 -21.67 -39.76
N ILE C 97 3.23 -21.75 -40.15
CA ILE C 97 2.65 -23.00 -40.70
C ILE C 97 3.31 -23.48 -42.04
N ALA C 98 3.62 -22.49 -42.89
CA ALA C 98 4.23 -22.75 -44.19
C ALA C 98 5.68 -23.23 -43.99
N LEU C 99 6.38 -22.71 -42.98
CA LEU C 99 7.73 -23.22 -42.74
C LEU C 99 7.62 -24.56 -42.12
N SER C 100 6.45 -24.90 -41.60
CA SER C 100 6.28 -26.21 -40.97
C SER C 100 6.14 -27.29 -42.02
N THR C 101 5.44 -26.96 -43.11
CA THR C 101 5.25 -27.96 -44.18
C THR C 101 6.57 -28.28 -44.87
N LEU C 102 7.54 -27.37 -44.80
CA LEU C 102 8.91 -27.58 -45.30
C LEU C 102 9.78 -28.48 -44.39
N GLY C 103 9.40 -28.65 -43.12
CA GLY C 103 10.14 -29.50 -42.20
C GLY C 103 11.09 -28.77 -41.26
N VAL C 104 10.90 -27.47 -41.16
CA VAL C 104 11.66 -26.57 -40.29
C VAL C 104 11.21 -26.59 -38.81
N GLN C 105 12.15 -26.46 -37.89
CA GLN C 105 11.77 -26.43 -36.47
C GLN C 105 11.10 -25.13 -36.07
N THR C 106 9.79 -25.14 -35.86
CA THR C 106 9.11 -23.91 -35.51
C THR C 106 8.97 -23.77 -33.96
N THR C 107 9.71 -24.58 -33.22
CA THR C 107 9.67 -24.57 -31.79
C THR C 107 10.32 -23.26 -31.39
N SER C 108 11.26 -22.79 -32.19
CA SER C 108 11.96 -21.56 -31.82
C SER C 108 11.14 -20.27 -31.94
N ILE C 109 10.39 -20.24 -33.03
CA ILE C 109 9.50 -19.13 -33.33
C ILE C 109 8.28 -19.19 -32.40
N ILE C 110 7.65 -20.35 -32.27
CA ILE C 110 6.54 -20.40 -31.37
C ILE C 110 6.93 -19.97 -29.98
N THR C 111 8.15 -20.29 -29.50
CA THR C 111 8.57 -19.77 -28.19
C THR C 111 8.61 -18.28 -28.10
N VAL C 112 9.06 -17.66 -29.20
CA VAL C 112 9.01 -16.21 -29.21
C VAL C 112 7.56 -15.72 -29.32
N LEU C 113 6.74 -16.29 -30.23
CA LEU C 113 5.32 -15.93 -30.33
C LEU C 113 4.52 -16.15 -29.04
N GLY C 114 4.85 -17.21 -28.32
CA GLY C 114 4.29 -17.44 -27.04
C GLY C 114 4.69 -16.29 -26.16
N THR C 115 6.00 -16.14 -25.95
CA THR C 115 6.51 -15.16 -24.99
C THR C 115 6.17 -13.72 -25.35
N VAL C 116 5.75 -13.50 -26.59
CA VAL C 116 5.22 -12.20 -26.97
C VAL C 116 3.79 -12.09 -26.48
N GLY C 117 3.00 -13.08 -26.91
CA GLY C 117 1.58 -13.15 -26.64
C GLY C 117 1.37 -12.98 -25.16
N ILE C 118 2.32 -13.47 -24.36
CA ILE C 118 2.29 -13.30 -22.94
C ILE C 118 2.48 -11.88 -22.40
N ALA C 119 3.33 -11.06 -23.03
CA ALA C 119 3.49 -9.64 -22.61
C ALA C 119 2.22 -8.88 -22.98
N VAL C 120 1.50 -9.45 -23.93
CA VAL C 120 0.20 -8.89 -24.33
C VAL C 120 -0.88 -9.24 -23.30
N ALA C 121 -0.95 -10.52 -22.86
CA ALA C 121 -1.95 -11.05 -21.88
C ALA C 121 -1.89 -10.18 -20.72
N LEU C 122 -0.65 -9.77 -20.47
CA LEU C 122 -0.33 -8.91 -19.33
C LEU C 122 -0.61 -7.41 -19.38
N ALA C 123 -0.43 -6.77 -20.53
CA ALA C 123 -0.78 -5.37 -20.60
C ALA C 123 -2.28 -5.19 -20.38
N LEU C 124 -3.08 -6.16 -20.86
CA LEU C 124 -4.57 -6.13 -20.85
C LEU C 124 -5.20 -6.94 -19.74
N LYS C 125 -4.45 -7.14 -18.66
CA LYS C 125 -4.93 -7.87 -17.54
C LYS C 125 -6.03 -7.01 -16.87
N ASP C 126 -5.62 -5.80 -16.47
CA ASP C 126 -6.40 -4.75 -15.79
C ASP C 126 -7.61 -4.06 -16.55
N TYR C 127 -7.45 -3.96 -17.86
CA TYR C 127 -8.50 -3.48 -18.71
C TYR C 127 -9.58 -4.47 -18.90
N LEU C 128 -9.17 -5.66 -19.28
CA LEU C 128 -10.08 -6.76 -19.42
C LEU C 128 -10.74 -7.23 -18.05
N SER C 129 -10.19 -6.76 -16.92
CA SER C 129 -10.80 -7.07 -15.64
C SER C 129 -11.76 -5.91 -15.28
N SER C 130 -11.67 -4.79 -16.00
CA SER C 130 -12.71 -3.74 -15.89
C SER C 130 -13.89 -4.23 -16.69
N ILE C 131 -13.61 -4.87 -17.81
CA ILE C 131 -14.62 -5.49 -18.66
C ILE C 131 -15.40 -6.56 -18.00
N ALA C 132 -14.76 -7.65 -17.61
CA ALA C 132 -15.54 -8.66 -16.91
C ALA C 132 -15.97 -8.14 -15.54
N GLY C 133 -15.43 -6.98 -15.15
CA GLY C 133 -15.94 -6.28 -13.99
C GLY C 133 -17.36 -5.87 -14.27
N GLY C 134 -17.53 -5.14 -15.37
CA GLY C 134 -18.84 -4.75 -15.83
C GLY C 134 -19.73 -5.94 -16.08
N ILE C 135 -19.25 -6.97 -16.75
CA ILE C 135 -20.08 -8.14 -16.99
C ILE C 135 -20.74 -8.73 -15.76
N ILE C 136 -19.95 -8.90 -14.72
CA ILE C 136 -20.43 -9.33 -13.42
C ILE C 136 -21.35 -8.27 -12.79
N LEU C 137 -21.04 -6.97 -12.98
CA LEU C 137 -21.82 -5.85 -12.39
C LEU C 137 -23.22 -5.77 -12.89
N ILE C 138 -23.34 -5.85 -14.22
CA ILE C 138 -24.57 -5.80 -15.00
C ILE C 138 -25.38 -7.04 -14.71
N ILE C 139 -24.69 -8.16 -14.65
CA ILE C 139 -25.35 -9.45 -14.51
C ILE C 139 -25.95 -9.71 -13.13
N LEU C 140 -25.13 -9.47 -12.10
CA LEU C 140 -25.46 -9.86 -10.74
C LEU C 140 -25.89 -8.67 -9.91
N HIS C 141 -26.31 -7.60 -10.52
CA HIS C 141 -26.31 -6.33 -9.81
C HIS C 141 -27.01 -6.22 -8.46
N PRO C 142 -26.28 -5.71 -7.43
CA PRO C 142 -26.91 -5.21 -6.20
C PRO C 142 -26.86 -3.73 -6.31
N PHE C 143 -26.84 -3.33 -7.57
CA PHE C 143 -26.89 -1.94 -7.88
C PHE C 143 -27.41 -1.67 -9.29
N LYS C 144 -28.20 -0.61 -9.52
CA LYS C 144 -28.68 -0.38 -10.89
C LYS C 144 -28.87 1.16 -11.02
N LYS C 145 -29.07 1.68 -12.24
CA LYS C 145 -29.12 3.16 -12.50
C LYS C 145 -30.26 3.97 -11.86
N GLY C 146 -29.87 5.02 -11.13
CA GLY C 146 -30.83 5.85 -10.45
C GLY C 146 -30.59 5.77 -8.94
N ASP C 147 -29.92 4.71 -8.48
CA ASP C 147 -29.63 4.55 -7.07
C ASP C 147 -28.56 5.56 -6.72
N ILE C 148 -28.46 5.88 -5.45
CA ILE C 148 -27.32 6.69 -5.06
C ILE C 148 -26.39 5.76 -4.27
N ILE C 149 -25.08 5.95 -4.46
CA ILE C 149 -24.16 5.19 -3.64
C ILE C 149 -22.97 5.92 -3.11
N GLU C 150 -22.14 5.20 -2.35
CA GLU C 150 -20.91 5.78 -1.83
C GLU C 150 -19.77 4.82 -2.03
N ILE C 151 -19.34 4.74 -3.27
CA ILE C 151 -18.14 3.97 -3.58
C ILE C 151 -16.82 4.64 -3.13
N SER C 152 -16.09 4.00 -2.21
CA SER C 152 -14.82 4.58 -1.77
C SER C 152 -14.86 6.06 -1.31
N GLY C 153 -15.81 6.41 -0.45
CA GLY C 153 -15.89 7.78 0.06
C GLY C 153 -16.49 8.82 -0.88
N LEU C 154 -16.73 8.43 -2.14
CA LEU C 154 -17.22 9.29 -3.23
C LEU C 154 -18.70 9.00 -3.48
N GLU C 155 -19.61 9.84 -2.96
CA GLU C 155 -21.06 9.56 -3.09
C GLU C 155 -21.77 10.39 -4.16
N GLY C 156 -22.54 9.70 -5.00
CA GLY C 156 -23.30 10.35 -6.05
C GLY C 156 -24.32 9.43 -6.68
N LYS C 157 -25.28 10.03 -7.39
CA LYS C 157 -26.22 9.22 -8.17
C LYS C 157 -25.62 8.75 -9.48
N VAL C 158 -25.91 7.50 -9.82
CA VAL C 158 -25.35 6.81 -10.98
C VAL C 158 -26.01 7.25 -12.28
N GLU C 159 -25.16 7.49 -13.28
CA GLU C 159 -25.57 7.92 -14.58
C GLU C 159 -25.21 7.02 -15.73
N ALA C 160 -24.17 6.21 -15.56
CA ALA C 160 -23.66 5.35 -16.66
C ALA C 160 -23.03 4.01 -16.26
N LEU C 161 -23.35 2.98 -17.03
CA LEU C 161 -22.66 1.70 -16.93
C LEU C 161 -22.10 1.42 -18.33
N ASN C 162 -20.97 2.06 -18.56
CA ASN C 162 -20.15 1.87 -19.72
C ASN C 162 -19.68 0.37 -19.76
N PHE C 163 -18.94 0.06 -20.80
CA PHE C 163 -18.42 -1.27 -20.96
C PHE C 163 -17.47 -1.56 -19.71
N PHE C 164 -16.47 -0.67 -19.59
CA PHE C 164 -15.41 -0.70 -18.57
C PHE C 164 -15.58 0.32 -17.52
N ASN C 165 -16.42 1.31 -17.73
CA ASN C 165 -16.51 2.49 -16.86
C ASN C 165 -17.82 2.61 -16.31
N THR C 166 -17.94 3.41 -15.29
CA THR C 166 -19.16 3.65 -14.49
C THR C 166 -19.18 5.13 -14.27
N SER C 167 -20.31 5.78 -14.35
CA SER C 167 -20.20 7.21 -14.21
C SER C 167 -21.15 7.71 -13.13
N LEU C 168 -20.70 8.62 -12.25
CA LEU C 168 -21.65 9.22 -11.28
C LEU C 168 -21.76 10.69 -11.52
N ARG C 169 -22.98 11.21 -11.50
CA ARG C 169 -23.08 12.64 -11.38
C ARG C 169 -23.16 12.84 -9.88
N LEU C 170 -22.15 13.54 -9.37
CA LEU C 170 -21.93 13.81 -7.95
C LEU C 170 -23.01 14.76 -7.42
N HIS C 171 -23.10 14.95 -6.10
CA HIS C 171 -23.86 16.09 -5.60
C HIS C 171 -23.12 17.36 -5.82
N ASP C 172 -21.86 17.26 -6.22
CA ASP C 172 -21.14 18.37 -6.83
C ASP C 172 -21.73 18.75 -8.16
N GLY C 173 -22.15 17.75 -8.91
CA GLY C 173 -22.71 17.97 -10.23
C GLY C 173 -21.74 17.74 -11.37
N ARG C 174 -20.50 17.38 -11.07
CA ARG C 174 -19.63 16.90 -12.12
C ARG C 174 -19.78 15.39 -12.20
N LEU C 175 -19.23 14.77 -13.25
CA LEU C 175 -19.42 13.35 -13.50
C LEU C 175 -18.13 12.65 -13.45
N ALA C 176 -17.96 11.90 -12.38
CA ALA C 176 -16.82 11.03 -12.21
C ALA C 176 -16.96 9.80 -13.11
N VAL C 177 -15.83 9.22 -13.55
CA VAL C 177 -15.86 8.06 -14.44
C VAL C 177 -14.95 6.97 -13.90
N LEU C 178 -15.54 6.19 -13.04
CA LEU C 178 -14.89 5.17 -12.28
C LEU C 178 -14.75 3.89 -13.09
N PRO C 179 -13.53 3.42 -13.32
CA PRO C 179 -13.38 2.19 -14.11
C PRO C 179 -13.96 0.98 -13.38
N ASN C 180 -14.62 0.05 -14.11
CA ASN C 180 -15.42 -1.10 -13.55
C ASN C 180 -14.60 -1.93 -12.58
N ARG C 181 -13.33 -2.09 -12.94
CA ARG C 181 -12.37 -2.80 -12.08
C ARG C 181 -12.42 -2.42 -10.60
N SER C 182 -12.43 -1.10 -10.42
CA SER C 182 -12.44 -0.40 -9.14
C SER C 182 -13.66 -0.68 -8.34
N VAL C 183 -14.76 -0.66 -9.07
CA VAL C 183 -16.06 -0.72 -8.49
C VAL C 183 -16.46 -2.10 -8.02
N ALA C 184 -16.27 -3.06 -8.91
CA ALA C 184 -16.74 -4.42 -8.66
C ALA C 184 -16.11 -4.99 -7.38
N ASN C 185 -15.04 -4.34 -6.90
CA ASN C 185 -14.29 -4.84 -5.76
C ASN C 185 -14.27 -4.00 -4.46
N SER C 186 -14.81 -2.80 -4.50
CA SER C 186 -14.84 -2.01 -3.27
C SER C 186 -16.19 -2.23 -2.63
N ASN C 187 -16.35 -1.69 -1.42
CA ASN C 187 -17.60 -1.76 -0.70
C ASN C 187 -18.55 -0.77 -1.34
N ILE C 188 -19.53 -1.30 -2.07
CA ILE C 188 -20.59 -0.50 -2.68
C ILE C 188 -21.71 -0.22 -1.72
N ILE C 189 -21.79 1.01 -1.24
CA ILE C 189 -22.79 1.32 -0.20
C ILE C 189 -24.06 2.01 -0.74
N ASN C 190 -25.07 1.19 -0.97
CA ASN C 190 -26.31 1.60 -1.62
C ASN C 190 -27.05 2.36 -0.58
N SER C 191 -27.56 3.56 -0.88
CA SER C 191 -28.29 4.35 0.13
C SER C 191 -29.78 4.23 -0.18
N ASN C 192 -30.01 3.97 -1.46
CA ASN C 192 -31.31 3.85 -2.09
C ASN C 192 -32.01 2.51 -1.85
N ASN C 193 -31.27 1.52 -1.39
CA ASN C 193 -31.79 0.18 -1.32
C ASN C 193 -32.60 -0.01 -0.03
N THR C 194 -32.41 0.90 0.92
CA THR C 194 -33.23 0.95 2.13
C THR C 194 -33.90 2.33 2.35
N ALA C 195 -35.23 2.34 2.57
CA ALA C 195 -36.08 3.56 2.55
C ALA C 195 -35.90 4.61 3.68
N CYS C 196 -35.30 4.24 4.82
CA CYS C 196 -35.06 5.12 6.00
C CYS C 196 -33.63 5.19 6.56
N ARG C 197 -33.20 6.39 6.96
CA ARG C 197 -31.83 6.53 7.46
C ARG C 197 -31.67 7.32 8.75
N ARG C 198 -30.75 6.87 9.60
CA ARG C 198 -30.47 7.54 10.85
C ARG C 198 -29.77 8.90 10.63
N ILE C 199 -29.85 9.73 11.64
CA ILE C 199 -29.30 11.06 11.66
C ILE C 199 -28.62 11.24 13.03
N GLU C 200 -27.59 12.09 13.09
CA GLU C 200 -26.95 12.31 14.38
C GLU C 200 -26.38 13.68 14.73
N TRP C 201 -26.44 13.88 16.04
CA TRP C 201 -25.72 14.90 16.80
C TRP C 201 -24.91 14.56 18.04
N VAL C 202 -24.08 15.56 18.38
CA VAL C 202 -23.47 15.81 19.65
C VAL C 202 -23.71 17.28 19.98
N CYS C 203 -24.91 17.61 20.42
CA CYS C 203 -25.36 18.96 20.73
C CYS C 203 -24.85 19.41 22.11
N GLY C 204 -23.81 20.26 22.13
CA GLY C 204 -23.26 20.82 23.36
C GLY C 204 -24.22 21.71 24.11
N VAL C 205 -24.43 21.47 25.42
CA VAL C 205 -25.29 22.32 26.26
C VAL C 205 -24.50 23.14 27.28
N GLY C 206 -25.21 23.94 28.11
CA GLY C 206 -24.57 24.59 29.25
C GLY C 206 -24.22 23.33 29.95
N TYR C 207 -22.99 23.31 30.42
CA TYR C 207 -22.48 22.14 31.08
C TYR C 207 -23.18 21.99 32.48
N GLY C 208 -23.89 23.03 32.90
CA GLY C 208 -24.60 23.05 34.17
C GLY C 208 -26.13 22.79 34.17
N SER C 209 -26.73 22.59 33.01
CA SER C 209 -28.17 22.27 32.82
C SER C 209 -28.59 20.87 33.27
N ASP C 210 -29.86 20.57 33.38
CA ASP C 210 -30.19 19.28 34.01
C ASP C 210 -30.32 18.09 33.04
N ILE C 211 -29.92 16.92 33.53
CA ILE C 211 -29.96 15.63 32.81
C ILE C 211 -31.30 15.35 32.12
N GLU C 212 -32.36 15.96 32.63
CA GLU C 212 -33.71 15.71 32.15
C GLU C 212 -34.37 16.96 31.58
N LEU C 213 -33.88 18.14 31.93
CA LEU C 213 -34.42 19.39 31.38
C LEU C 213 -34.29 19.36 29.88
N VAL C 214 -33.04 19.32 29.45
CA VAL C 214 -32.73 19.18 28.05
C VAL C 214 -33.29 17.86 27.48
N HIS C 215 -33.31 16.79 28.29
CA HIS C 215 -33.82 15.48 27.87
C HIS C 215 -35.30 15.53 27.46
N LYS C 216 -35.97 16.59 27.88
CA LYS C 216 -37.35 16.78 27.50
C LYS C 216 -37.41 17.90 26.47
N THR C 217 -36.58 18.94 26.54
CA THR C 217 -36.71 20.01 25.53
C THR C 217 -36.52 19.43 24.16
N ILE C 218 -35.53 18.54 24.08
CA ILE C 218 -35.32 17.78 22.86
C ILE C 218 -36.46 16.79 22.65
N LYS C 219 -36.89 15.99 23.64
CA LYS C 219 -38.02 15.04 23.41
C LYS C 219 -39.27 15.77 22.92
N ASP C 220 -39.32 17.08 23.17
CA ASP C 220 -40.39 17.95 22.75
C ASP C 220 -40.15 18.46 21.34
N VAL C 221 -38.92 18.91 21.03
CA VAL C 221 -38.59 19.41 19.68
C VAL C 221 -38.66 18.26 18.64
N ILE C 222 -38.35 17.04 19.07
CA ILE C 222 -38.49 15.81 18.28
C ILE C 222 -39.91 15.64 17.74
N ASP C 223 -40.86 15.69 18.66
CA ASP C 223 -42.26 15.49 18.33
C ASP C 223 -42.78 16.62 17.42
N THR C 224 -42.41 17.87 17.73
CA THR C 224 -42.89 19.04 16.98
C THR C 224 -42.39 18.97 15.54
N MET C 225 -41.53 18.03 15.25
CA MET C 225 -41.02 17.92 13.90
C MET C 225 -41.94 17.07 13.06
N GLU C 226 -42.28 17.72 11.96
CA GLU C 226 -43.12 17.22 10.92
C GLU C 226 -42.47 16.06 10.18
N LYS C 227 -41.21 16.29 9.89
CA LYS C 227 -40.39 15.37 9.16
C LYS C 227 -39.65 14.39 10.13
N ILE C 228 -40.34 13.49 10.81
CA ILE C 228 -39.68 12.52 11.71
C ILE C 228 -40.47 11.25 11.89
N ASP C 229 -39.79 10.17 12.26
CA ASP C 229 -40.50 8.94 12.48
C ASP C 229 -40.55 8.59 13.95
N LYS C 230 -41.70 8.07 14.34
CA LYS C 230 -41.96 7.63 15.70
C LYS C 230 -41.84 6.12 15.86
N ASN C 231 -42.07 5.39 14.78
CA ASN C 231 -41.91 3.94 14.76
C ASN C 231 -40.41 3.60 14.84
N MET C 232 -39.56 4.53 14.37
CA MET C 232 -38.11 4.40 14.53
C MET C 232 -37.69 5.11 15.82
N PRO C 233 -36.98 4.41 16.71
CA PRO C 233 -36.59 4.98 18.01
C PRO C 233 -35.73 6.24 17.95
N THR C 234 -35.67 6.93 19.09
CA THR C 234 -34.70 8.02 19.30
C THR C 234 -33.83 7.77 20.58
N PHE C 235 -32.49 7.77 20.49
CA PHE C 235 -31.59 7.64 21.66
C PHE C 235 -30.88 8.91 22.06
N ILE C 236 -31.55 9.72 22.86
CA ILE C 236 -31.06 11.03 23.23
C ILE C 236 -30.64 11.12 24.68
N GLY C 237 -29.39 10.79 24.93
CA GLY C 237 -28.85 10.85 26.26
C GLY C 237 -27.57 11.64 26.26
N ILE C 238 -27.01 11.83 27.45
CA ILE C 238 -25.68 12.44 27.60
C ILE C 238 -24.63 11.46 27.17
N THR C 239 -23.93 11.84 26.11
CA THR C 239 -23.00 10.93 25.55
C THR C 239 -21.68 11.09 26.28
N ASP C 240 -21.13 12.30 26.34
CA ASP C 240 -19.83 12.53 27.01
C ASP C 240 -19.56 13.85 27.72
N PHE C 241 -18.76 13.78 28.79
CA PHE C 241 -18.27 14.94 29.48
C PHE C 241 -17.52 15.68 28.38
N GLY C 242 -17.76 16.96 28.23
CA GLY C 242 -17.01 17.73 27.26
C GLY C 242 -15.95 18.56 27.93
N SER C 243 -15.04 19.12 27.15
CA SER C 243 -14.05 20.06 27.65
C SER C 243 -14.59 21.41 28.13
N SER C 244 -15.46 22.03 27.38
CA SER C 244 -15.97 23.30 27.82
C SER C 244 -17.51 23.28 27.84
N SER C 245 -18.08 22.21 27.31
CA SER C 245 -19.51 22.05 27.15
C SER C 245 -19.83 20.61 27.47
N LEU C 246 -21.04 20.32 27.96
CA LEU C 246 -21.54 18.94 28.02
C LEU C 246 -22.13 18.53 26.68
N ASN C 247 -21.98 17.25 26.33
CA ASN C 247 -22.36 16.83 25.00
C ASN C 247 -23.51 15.83 24.94
N PHE C 248 -24.60 16.19 24.22
CA PHE C 248 -25.74 15.29 24.04
C PHE C 248 -25.79 14.70 22.66
N THR C 249 -25.81 13.37 22.54
CA THR C 249 -26.09 12.73 21.27
C THR C 249 -27.54 12.76 21.02
N ILE C 250 -27.86 13.01 19.76
CA ILE C 250 -29.22 12.83 19.27
C ILE C 250 -29.17 11.83 18.11
N ARG C 251 -29.76 10.65 18.33
CA ARG C 251 -29.88 9.64 17.29
C ARG C 251 -31.37 9.76 16.94
N VAL C 252 -31.69 10.06 15.67
CA VAL C 252 -33.12 10.09 15.17
C VAL C 252 -33.31 9.46 13.81
N TRP C 253 -34.47 8.92 13.48
CA TRP C 253 -34.62 8.48 12.08
C TRP C 253 -35.48 9.35 11.17
N ALA C 254 -35.27 9.24 9.83
CA ALA C 254 -36.04 9.99 8.78
C ALA C 254 -36.18 9.20 7.47
N LYS C 255 -36.95 9.77 6.54
CA LYS C 255 -37.21 9.12 5.25
C LYS C 255 -36.36 9.69 4.12
N ILE C 256 -35.85 8.81 3.28
CA ILE C 256 -35.03 9.23 2.14
C ILE C 256 -35.64 10.31 1.28
N GLU C 257 -36.98 10.33 1.25
CA GLU C 257 -37.72 11.16 0.29
C GLU C 257 -37.44 12.61 0.36
N ASP C 258 -37.29 13.17 1.55
CA ASP C 258 -37.13 14.60 1.61
C ASP C 258 -36.19 15.02 2.65
N GLY C 259 -35.28 14.11 2.90
CA GLY C 259 -34.24 14.21 3.90
C GLY C 259 -32.89 14.82 3.58
N ILE C 260 -31.91 13.96 3.35
CA ILE C 260 -30.54 14.35 3.03
C ILE C 260 -30.18 15.28 4.16
N PHE C 261 -29.78 16.50 3.85
CA PHE C 261 -29.35 17.60 4.70
C PHE C 261 -30.50 18.35 5.33
N ASN C 262 -31.60 18.50 4.59
CA ASN C 262 -32.72 19.31 5.07
C ASN C 262 -33.18 19.06 6.47
N VAL C 263 -33.51 17.81 6.73
CA VAL C 263 -34.07 17.47 8.01
C VAL C 263 -33.13 17.80 9.14
N ARG C 264 -31.83 17.48 9.00
CA ARG C 264 -30.90 17.72 10.08
C ARG C 264 -30.78 19.25 10.27
N SER C 265 -30.68 19.98 9.16
CA SER C 265 -30.52 21.41 9.31
C SER C 265 -31.73 22.03 9.99
N GLU C 266 -32.95 21.61 9.64
CA GLU C 266 -34.13 22.17 10.36
C GLU C 266 -34.20 21.66 11.80
N LEU C 267 -33.82 20.40 12.04
CA LEU C 267 -33.83 19.85 13.40
C LEU C 267 -33.00 20.70 14.28
N ILE C 268 -31.86 21.08 13.77
CA ILE C 268 -31.07 21.97 14.54
C ILE C 268 -31.74 23.37 14.67
N GLU C 269 -32.44 23.85 13.65
CA GLU C 269 -32.98 25.21 13.75
C GLU C 269 -34.07 25.32 14.79
N ARG C 270 -34.75 24.20 15.07
CA ARG C 270 -35.70 24.02 16.23
C ARG C 270 -35.03 23.74 17.61
N ILE C 271 -34.15 22.77 17.69
CA ILE C 271 -33.34 22.67 18.90
C ILE C 271 -32.45 23.87 19.26
N LYS C 272 -32.31 24.85 18.38
CA LYS C 272 -31.79 26.13 18.81
C LYS C 272 -32.94 26.98 19.21
N ASN C 273 -33.94 27.12 18.35
CA ASN C 273 -35.09 27.92 18.68
C ASN C 273 -35.62 27.54 20.05
N ALA C 274 -35.46 26.28 20.48
CA ALA C 274 -35.91 25.78 21.81
C ALA C 274 -34.85 25.88 22.89
N LEU C 275 -33.66 25.37 22.64
CA LEU C 275 -32.62 25.50 23.67
C LEU C 275 -32.21 26.93 23.97
N ASP C 276 -32.23 27.79 22.96
CA ASP C 276 -31.97 29.19 23.17
C ASP C 276 -33.07 29.73 24.06
N ALA C 277 -34.28 29.17 23.89
CA ALA C 277 -35.47 29.65 24.58
C ALA C 277 -35.63 29.23 26.05
N ASN C 278 -35.05 28.14 26.48
CA ASN C 278 -35.34 27.69 27.83
C ASN C 278 -34.34 28.14 28.88
N HIS C 279 -33.64 29.24 28.58
CA HIS C 279 -32.62 29.78 29.47
C HIS C 279 -31.58 28.68 29.81
N ILE C 280 -31.38 27.75 28.84
CA ILE C 280 -30.37 26.65 28.79
C ILE C 280 -29.17 27.16 27.95
N GLU C 281 -27.96 27.19 28.52
CA GLU C 281 -26.82 27.79 27.82
C GLU C 281 -26.11 26.91 26.86
N ILE C 282 -25.81 27.41 25.67
CA ILE C 282 -24.79 26.71 24.91
C ILE C 282 -23.45 27.42 25.06
N PRO C 283 -22.44 26.72 25.59
CA PRO C 283 -21.34 27.54 26.03
C PRO C 283 -20.30 27.78 24.97
N PHE C 284 -19.72 28.97 24.94
CA PHE C 284 -18.44 29.24 24.31
C PHE C 284 -17.40 28.60 25.20
N ASN C 285 -16.25 28.25 24.63
CA ASN C 285 -15.25 27.50 25.36
C ASN C 285 -14.91 28.10 26.70
N LYS C 286 -15.15 27.31 27.73
CA LYS C 286 -14.89 27.75 29.07
C LYS C 286 -13.46 27.35 29.55
N LEU C 287 -12.88 28.25 30.33
CA LEU C 287 -11.51 28.21 30.79
C LEU C 287 -11.40 28.80 32.20
N ASP C 288 -10.73 28.06 33.07
CA ASP C 288 -10.65 28.43 34.48
C ASP C 288 -9.28 29.01 34.76
N ILE C 289 -9.16 30.32 34.67
CA ILE C 289 -7.87 30.95 34.83
C ILE C 289 -7.50 31.07 36.25
N ALA C 290 -6.30 30.61 36.58
CA ALA C 290 -5.74 30.90 37.90
C ALA C 290 -4.61 31.89 37.74
N ILE C 291 -4.44 32.85 38.68
CA ILE C 291 -3.42 33.88 38.47
C ILE C 291 -2.43 33.94 39.61
N LYS C 292 -1.14 34.11 39.25
CA LYS C 292 -0.01 34.21 40.18
C LYS C 292 1.16 34.96 39.51
N ASN C 293 1.85 35.86 40.21
CA ASN C 293 2.93 36.63 39.58
C ASN C 293 4.33 36.07 39.91
N GLN C 294 5.32 36.50 39.13
CA GLN C 294 6.69 36.03 39.30
C GLN C 294 7.73 37.09 38.96
N PHE D 42 -4.91 -38.22 -54.02
CA PHE D 42 -4.66 -37.29 -52.87
C PHE D 42 -5.82 -37.01 -51.88
N GLY D 43 -7.00 -37.33 -52.37
CA GLY D 43 -8.27 -37.01 -51.76
C GLY D 43 -8.77 -37.10 -50.33
N ILE D 44 -8.69 -38.28 -49.73
CA ILE D 44 -9.32 -38.53 -48.44
C ILE D 44 -9.09 -37.48 -47.37
N ILE D 45 -7.85 -37.06 -47.16
CA ILE D 45 -7.56 -36.04 -46.16
C ILE D 45 -8.45 -34.83 -46.40
N LEU D 46 -8.33 -34.35 -47.63
CA LEU D 46 -8.93 -33.17 -48.22
C LEU D 46 -10.43 -33.20 -48.05
N ILE D 47 -10.95 -34.40 -47.82
CA ILE D 47 -12.39 -34.68 -47.70
C ILE D 47 -12.75 -34.89 -46.23
N LYS D 48 -11.90 -35.65 -45.54
CA LYS D 48 -11.93 -35.97 -44.11
C LYS D 48 -11.98 -34.70 -43.29
N ALA D 49 -11.45 -33.62 -43.88
CA ALA D 49 -11.48 -32.27 -43.28
C ALA D 49 -12.86 -31.67 -43.24
N VAL D 50 -13.50 -31.52 -44.39
CA VAL D 50 -14.84 -31.00 -44.41
C VAL D 50 -15.86 -32.03 -43.85
N ILE D 51 -15.45 -33.28 -43.73
CA ILE D 51 -16.21 -34.27 -42.99
C ILE D 51 -16.23 -33.88 -41.51
N VAL D 52 -15.04 -33.84 -40.91
CA VAL D 52 -14.81 -33.49 -39.50
C VAL D 52 -15.27 -32.11 -39.06
N PHE D 53 -14.76 -31.14 -39.79
CA PHE D 53 -15.03 -29.74 -39.60
C PHE D 53 -16.50 -29.43 -39.49
N CYS D 54 -17.31 -30.11 -40.28
CA CYS D 54 -18.73 -29.88 -40.26
C CYS D 54 -19.35 -30.75 -39.18
N ILE D 55 -18.86 -31.98 -39.03
CA ILE D 55 -19.37 -32.88 -38.00
C ILE D 55 -19.42 -32.14 -36.65
N GLY D 56 -18.33 -31.50 -36.31
CA GLY D 56 -18.31 -30.72 -35.08
C GLY D 56 -19.03 -29.38 -35.24
N PHE D 57 -18.96 -28.84 -36.45
CA PHE D 57 -19.47 -27.52 -36.75
C PHE D 57 -20.99 -27.45 -36.44
N TYR D 58 -21.70 -28.53 -36.68
CA TYR D 58 -23.08 -28.65 -36.23
C TYR D 58 -23.17 -28.56 -34.71
N PHE D 59 -22.25 -29.30 -34.12
CA PHE D 59 -22.21 -29.48 -32.67
C PHE D 59 -21.99 -28.09 -31.99
N SER D 60 -21.76 -27.06 -32.84
CA SER D 60 -21.74 -25.64 -32.41
C SER D 60 -23.20 -25.19 -32.17
N PHE D 61 -24.12 -25.59 -33.05
CA PHE D 61 -25.53 -25.32 -32.80
C PHE D 61 -26.04 -26.03 -31.56
N PHE D 62 -25.87 -27.36 -31.51
CA PHE D 62 -26.43 -28.11 -30.35
C PHE D 62 -25.78 -27.67 -29.03
N LEU D 63 -24.60 -27.04 -29.06
CA LEU D 63 -24.02 -26.62 -27.78
C LEU D 63 -24.09 -25.10 -27.63
N ARG D 64 -24.57 -24.42 -28.66
CA ARG D 64 -24.98 -23.05 -28.45
C ARG D 64 -26.37 -23.01 -27.83
N ASN D 65 -27.16 -23.94 -28.33
CA ASN D 65 -28.51 -24.18 -27.88
C ASN D 65 -28.79 -25.27 -26.80
N LYS D 66 -27.78 -25.81 -26.13
CA LYS D 66 -27.97 -26.61 -24.89
C LYS D 66 -27.26 -25.81 -23.81
N THR D 67 -26.68 -24.69 -24.30
CA THR D 67 -26.16 -23.59 -23.50
C THR D 67 -27.36 -22.76 -23.30
N MET D 68 -27.95 -22.38 -24.43
CA MET D 68 -29.21 -21.70 -24.42
C MET D 68 -30.34 -22.60 -23.83
N LYS D 69 -30.18 -23.93 -23.83
CA LYS D 69 -31.25 -24.81 -23.29
C LYS D 69 -31.29 -25.03 -21.79
N LEU D 70 -30.18 -25.46 -21.16
CA LEU D 70 -30.31 -25.69 -19.72
C LEU D 70 -29.92 -24.46 -18.83
N LEU D 71 -29.42 -23.37 -19.44
CA LEU D 71 -29.07 -22.09 -18.74
C LEU D 71 -29.71 -20.74 -19.08
N SER D 72 -30.07 -20.54 -20.35
CA SER D 72 -30.65 -19.28 -20.78
C SER D 72 -32.00 -18.95 -20.16
N LYS D 73 -32.58 -17.87 -20.65
CA LYS D 73 -33.76 -17.25 -20.09
C LYS D 73 -33.82 -16.77 -18.63
N LYS D 74 -32.67 -16.33 -18.16
CA LYS D 74 -32.33 -15.85 -16.83
C LYS D 74 -32.08 -14.43 -17.26
N ASP D 75 -31.40 -14.18 -18.38
CA ASP D 75 -31.20 -12.77 -18.77
C ASP D 75 -30.70 -12.78 -20.24
N GLU D 76 -30.60 -11.61 -20.85
CA GLU D 76 -30.20 -11.44 -22.27
C GLU D 76 -28.73 -11.34 -22.44
N ILE D 77 -28.21 -10.68 -21.46
CA ILE D 77 -26.82 -10.58 -21.14
C ILE D 77 -26.20 -11.97 -20.91
N LEU D 78 -26.80 -12.75 -20.04
CA LEU D 78 -26.26 -14.08 -19.73
C LEU D 78 -26.59 -15.15 -20.74
N ALA D 79 -27.80 -15.14 -21.30
CA ALA D 79 -28.13 -16.16 -22.27
C ALA D 79 -27.31 -15.98 -23.54
N ASN D 80 -26.98 -14.73 -23.88
CA ASN D 80 -26.22 -14.57 -25.12
C ASN D 80 -24.73 -14.41 -24.85
N PHE D 81 -24.34 -14.41 -23.59
CA PHE D 81 -22.91 -14.40 -23.30
C PHE D 81 -22.40 -15.81 -23.18
N VAL D 82 -23.05 -16.63 -22.36
CA VAL D 82 -22.64 -18.03 -22.29
C VAL D 82 -23.03 -18.74 -23.63
N ALA D 83 -24.03 -18.24 -24.34
CA ALA D 83 -24.25 -18.80 -25.67
C ALA D 83 -23.40 -18.14 -26.73
N GLN D 84 -22.77 -16.99 -26.48
CA GLN D 84 -21.82 -16.57 -27.49
C GLN D 84 -20.45 -17.21 -27.28
N VAL D 85 -19.85 -17.00 -26.12
CA VAL D 85 -18.61 -17.64 -25.79
C VAL D 85 -18.63 -19.16 -25.92
N THR D 86 -19.61 -19.91 -25.36
CA THR D 86 -19.48 -21.38 -25.44
C THR D 86 -19.45 -21.74 -26.86
N PHE D 87 -20.20 -20.94 -27.60
CA PHE D 87 -20.23 -21.16 -29.01
C PHE D 87 -18.87 -20.93 -29.72
N ILE D 88 -18.43 -19.67 -29.82
CA ILE D 88 -17.24 -19.23 -30.59
C ILE D 88 -16.04 -20.10 -30.20
N LEU D 89 -16.09 -20.55 -28.96
CA LEU D 89 -15.08 -21.43 -28.42
C LEU D 89 -15.15 -22.77 -29.11
N ILE D 90 -16.35 -23.37 -29.09
CA ILE D 90 -16.58 -24.69 -29.69
C ILE D 90 -16.31 -24.67 -31.16
N LEU D 91 -16.28 -23.45 -31.62
CA LEU D 91 -16.00 -23.18 -33.01
C LEU D 91 -14.51 -23.20 -33.33
N ILE D 92 -13.75 -22.48 -32.51
CA ILE D 92 -12.30 -22.35 -32.69
C ILE D 92 -11.52 -23.64 -32.34
N ILE D 93 -12.14 -24.44 -31.49
CA ILE D 93 -11.71 -25.80 -31.28
C ILE D 93 -12.01 -26.67 -32.52
N THR D 94 -13.18 -26.49 -33.14
CA THR D 94 -13.48 -27.29 -34.33
C THR D 94 -12.63 -26.89 -35.51
N THR D 95 -12.38 -25.62 -35.70
CA THR D 95 -11.48 -25.21 -36.76
C THR D 95 -10.11 -25.84 -36.62
N ILE D 96 -9.47 -25.59 -35.46
CA ILE D 96 -8.12 -26.15 -35.14
C ILE D 96 -8.03 -27.66 -35.31
N ILE D 97 -9.03 -28.38 -34.82
CA ILE D 97 -9.06 -29.83 -35.00
C ILE D 97 -9.16 -30.26 -36.46
N ALA D 98 -9.97 -29.54 -37.24
CA ALA D 98 -10.18 -29.88 -38.64
C ALA D 98 -8.91 -29.59 -39.44
N LEU D 99 -8.13 -28.56 -39.06
CA LEU D 99 -6.85 -28.32 -39.79
C LEU D 99 -5.84 -29.35 -39.33
N SER D 100 -6.11 -29.99 -38.19
CA SER D 100 -5.16 -30.97 -37.71
C SER D 100 -5.31 -32.23 -38.52
N THR D 101 -6.55 -32.60 -38.89
CA THR D 101 -6.71 -33.86 -39.64
C THR D 101 -6.09 -33.73 -41.02
N LEU D 102 -5.91 -32.49 -41.51
CA LEU D 102 -5.24 -32.22 -42.81
C LEU D 102 -3.72 -32.33 -42.75
N GLY D 103 -3.15 -32.26 -41.55
CA GLY D 103 -1.70 -32.37 -41.39
C GLY D 103 -0.93 -31.07 -41.19
N VAL D 104 -1.68 -30.03 -40.86
CA VAL D 104 -1.19 -28.68 -40.58
C VAL D 104 -0.61 -28.46 -39.19
N GLN D 105 0.47 -27.66 -39.06
CA GLN D 105 1.01 -27.38 -37.71
C GLN D 105 0.13 -26.46 -36.82
N THR D 106 -0.60 -27.06 -35.87
CA THR D 106 -1.50 -26.32 -35.00
C THR D 106 -0.79 -25.79 -33.77
N THR D 107 0.52 -25.97 -33.71
CA THR D 107 1.25 -25.50 -32.56
C THR D 107 1.22 -23.97 -32.59
N SER D 108 1.26 -23.39 -33.78
CA SER D 108 1.12 -21.94 -33.91
C SER D 108 -0.13 -21.29 -33.27
N ILE D 109 -1.26 -21.75 -33.76
CA ILE D 109 -2.55 -21.35 -33.22
C ILE D 109 -2.76 -21.80 -31.81
N ILE D 110 -2.42 -23.02 -31.43
CA ILE D 110 -2.70 -23.34 -30.07
C ILE D 110 -1.95 -22.33 -29.23
N THR D 111 -0.74 -21.91 -29.65
CA THR D 111 0.02 -20.88 -28.87
C THR D 111 -0.69 -19.58 -28.72
N VAL D 112 -1.37 -19.18 -29.75
CA VAL D 112 -2.17 -18.00 -29.56
C VAL D 112 -3.38 -18.30 -28.68
N LEU D 113 -4.10 -19.40 -28.89
CA LEU D 113 -5.25 -19.78 -28.06
C LEU D 113 -4.96 -19.94 -26.59
N GLY D 114 -3.83 -20.52 -26.30
CA GLY D 114 -3.36 -20.58 -24.95
C GLY D 114 -3.20 -19.18 -24.44
N THR D 115 -2.31 -18.38 -25.09
CA THR D 115 -1.91 -17.06 -24.57
C THR D 115 -3.10 -16.07 -24.57
N VAL D 116 -4.17 -16.46 -25.21
CA VAL D 116 -5.40 -15.70 -25.08
C VAL D 116 -6.06 -16.15 -23.79
N GLY D 117 -6.26 -17.46 -23.71
CA GLY D 117 -6.99 -18.07 -22.62
C GLY D 117 -6.42 -17.59 -21.32
N ILE D 118 -5.12 -17.38 -21.32
CA ILE D 118 -4.43 -16.83 -20.18
C ILE D 118 -4.72 -15.37 -19.78
N ALA D 119 -4.92 -14.47 -20.75
CA ALA D 119 -5.30 -13.08 -20.40
C ALA D 119 -6.75 -13.11 -19.86
N VAL D 120 -7.45 -14.19 -20.23
CA VAL D 120 -8.79 -14.42 -19.71
C VAL D 120 -8.74 -14.95 -18.28
N ALA D 121 -7.88 -15.95 -18.03
CA ALA D 121 -7.68 -16.52 -16.68
C ALA D 121 -7.42 -15.41 -15.75
N LEU D 122 -6.67 -14.44 -16.26
CA LEU D 122 -6.26 -13.27 -15.50
C LEU D 122 -7.26 -12.14 -15.20
N ALA D 123 -8.13 -11.88 -16.16
CA ALA D 123 -9.18 -10.92 -15.88
C ALA D 123 -10.13 -11.39 -14.77
N LEU D 124 -10.39 -12.71 -14.70
CA LEU D 124 -11.38 -13.30 -13.76
C LEU D 124 -10.75 -13.87 -12.53
N LYS D 125 -9.55 -13.40 -12.21
CA LYS D 125 -8.83 -13.83 -11.06
C LYS D 125 -9.66 -13.43 -9.86
N ASP D 126 -9.87 -12.13 -9.79
CA ASP D 126 -10.45 -11.53 -8.62
C ASP D 126 -11.92 -11.64 -8.41
N TYR D 127 -12.59 -12.02 -9.48
CA TYR D 127 -14.02 -12.19 -9.43
C TYR D 127 -14.30 -13.56 -8.91
N LEU D 128 -13.59 -14.50 -9.51
CA LEU D 128 -13.71 -15.87 -9.16
C LEU D 128 -13.10 -16.16 -7.78
N SER D 129 -12.40 -15.16 -7.22
CA SER D 129 -11.86 -15.32 -5.86
C SER D 129 -12.85 -14.70 -4.91
N SER D 130 -13.77 -13.92 -5.49
CA SER D 130 -14.91 -13.48 -4.71
C SER D 130 -15.85 -14.67 -4.62
N ILE D 131 -15.95 -15.40 -5.72
CA ILE D 131 -16.75 -16.61 -5.77
C ILE D 131 -16.35 -17.70 -4.83
N ALA D 132 -15.13 -18.21 -5.01
CA ALA D 132 -14.69 -19.20 -4.07
C ALA D 132 -14.46 -18.54 -2.72
N GLY D 133 -14.51 -17.21 -2.68
CA GLY D 133 -14.54 -16.52 -1.41
C GLY D 133 -15.78 -16.95 -0.70
N GLY D 134 -16.90 -16.73 -1.39
CA GLY D 134 -18.19 -17.13 -0.89
C GLY D 134 -18.26 -18.60 -0.61
N ILE D 135 -17.77 -19.43 -1.53
CA ILE D 135 -17.89 -20.86 -1.33
C ILE D 135 -17.36 -21.32 -0.01
N ILE D 136 -16.20 -20.77 0.31
CA ILE D 136 -15.54 -20.94 1.63
C ILE D 136 -16.35 -20.32 2.81
N LEU D 137 -16.94 -19.16 2.56
CA LEU D 137 -17.68 -18.40 3.56
C LEU D 137 -18.93 -19.08 4.05
N ILE D 138 -19.67 -19.60 3.08
CA ILE D 138 -20.87 -20.36 3.26
C ILE D 138 -20.55 -21.68 3.94
N ILE D 139 -19.57 -22.35 3.38
CA ILE D 139 -19.19 -23.66 3.85
C ILE D 139 -18.70 -23.77 5.31
N LEU D 140 -17.74 -22.90 5.63
CA LEU D 140 -17.00 -22.96 6.91
C LEU D 140 -17.37 -21.87 7.88
N HIS D 141 -18.56 -21.37 7.78
CA HIS D 141 -18.83 -20.12 8.41
C HIS D 141 -18.60 -19.95 9.85
N PRO D 142 -17.84 -18.89 10.20
CA PRO D 142 -17.78 -18.46 11.59
C PRO D 142 -18.64 -17.27 11.65
N PHE D 143 -19.47 -17.20 10.63
CA PHE D 143 -20.38 -16.12 10.53
C PHE D 143 -21.66 -16.57 9.83
N LYS D 144 -22.85 -16.12 10.26
CA LYS D 144 -24.11 -16.48 9.56
C LYS D 144 -25.14 -15.33 9.68
N LYS D 145 -26.18 -15.34 8.84
CA LYS D 145 -27.11 -14.18 8.81
C LYS D 145 -27.90 -13.82 10.09
N GLY D 146 -27.72 -12.57 10.49
CA GLY D 146 -28.41 -12.04 11.62
C GLY D 146 -27.35 -11.62 12.61
N ASP D 147 -26.12 -12.12 12.43
CA ASP D 147 -25.02 -11.73 13.33
C ASP D 147 -24.69 -10.28 13.03
N ILE D 148 -24.09 -9.59 13.97
CA ILE D 148 -23.63 -8.26 13.61
C ILE D 148 -22.14 -8.37 13.63
N ILE D 149 -21.47 -7.74 12.65
CA ILE D 149 -20.01 -7.70 12.73
C ILE D 149 -19.34 -6.38 12.43
N GLU D 150 -18.03 -6.41 12.42
CA GLU D 150 -17.23 -5.23 12.17
C GLU D 150 -16.12 -5.54 11.19
N ILE D 151 -16.51 -5.76 9.95
CA ILE D 151 -15.58 -5.91 8.86
C ILE D 151 -14.84 -4.66 8.43
N SER D 152 -13.55 -4.60 8.71
CA SER D 152 -12.73 -3.45 8.29
C SER D 152 -13.23 -2.10 8.78
N GLY D 153 -13.63 -2.00 10.04
CA GLY D 153 -14.10 -0.71 10.53
C GLY D 153 -15.56 -0.37 10.30
N LEU D 154 -16.21 -1.18 9.47
CA LEU D 154 -17.60 -0.98 9.04
C LEU D 154 -18.56 -1.94 9.73
N GLU D 155 -19.25 -1.48 10.77
CA GLU D 155 -20.03 -2.46 11.52
C GLU D 155 -21.50 -2.42 11.15
N GLY D 156 -22.06 -3.59 10.90
CA GLY D 156 -23.46 -3.67 10.62
C GLY D 156 -24.01 -5.07 10.72
N LYS D 157 -25.35 -5.20 10.83
CA LYS D 157 -25.99 -6.53 10.76
C LYS D 157 -26.12 -6.99 9.33
N VAL D 158 -25.85 -8.28 9.18
CA VAL D 158 -25.78 -8.93 7.89
C VAL D 158 -27.16 -9.23 7.33
N GLU D 159 -27.33 -8.92 6.04
CA GLU D 159 -28.58 -9.12 5.32
C GLU D 159 -28.49 -10.04 4.13
N ALA D 160 -27.28 -10.18 3.57
CA ALA D 160 -27.10 -10.96 2.32
C ALA D 160 -25.77 -11.71 2.14
N LEU D 161 -25.89 -12.94 1.65
CA LEU D 161 -24.73 -13.70 1.18
C LEU D 161 -24.98 -14.08 -0.29
N ASN D 162 -24.68 -13.10 -1.12
CA ASN D 162 -24.72 -13.21 -2.56
C ASN D 162 -23.67 -14.27 -3.00
N PHE D 163 -23.57 -14.44 -4.31
CA PHE D 163 -22.75 -15.48 -4.84
C PHE D 163 -21.30 -14.94 -4.57
N PHE D 164 -21.13 -13.65 -4.94
CA PHE D 164 -19.87 -12.89 -4.89
C PHE D 164 -19.87 -11.83 -3.84
N ASN D 165 -21.05 -11.41 -3.42
CA ASN D 165 -21.20 -10.25 -2.54
C ASN D 165 -21.84 -10.62 -1.30
N THR D 166 -21.72 -9.70 -0.34
CA THR D 166 -22.16 -9.81 1.05
C THR D 166 -22.84 -8.50 1.37
N SER D 167 -23.95 -8.48 2.09
CA SER D 167 -24.54 -7.16 2.22
C SER D 167 -24.79 -6.89 3.68
N LEU D 168 -24.53 -5.67 4.13
CA LEU D 168 -24.84 -5.35 5.52
C LEU D 168 -25.80 -4.25 5.51
N ARG D 169 -26.87 -4.31 6.34
CA ARG D 169 -27.62 -3.08 6.60
C ARG D 169 -26.92 -2.57 7.85
N LEU D 170 -26.35 -1.39 7.69
CA LEU D 170 -25.55 -0.65 8.63
C LEU D 170 -26.43 -0.15 9.75
N HIS D 171 -25.83 0.37 10.81
CA HIS D 171 -26.59 1.13 11.81
C HIS D 171 -27.03 2.44 11.21
N ASP D 172 -26.38 2.82 10.12
CA ASP D 172 -26.85 3.91 9.31
C ASP D 172 -28.22 3.54 8.71
N GLY D 173 -28.35 2.28 8.30
CA GLY D 173 -29.55 1.81 7.65
C GLY D 173 -29.45 1.73 6.14
N ARG D 174 -28.34 2.17 5.56
CA ARG D 174 -28.13 1.89 4.16
C ARG D 174 -27.53 0.51 4.06
N LEU D 175 -27.46 -0.08 2.85
CA LEU D 175 -26.95 -1.44 2.69
C LEU D 175 -25.68 -1.43 1.92
N ALA D 176 -24.58 -1.70 2.60
CA ALA D 176 -23.32 -1.85 1.94
C ALA D 176 -23.31 -3.22 1.23
N VAL D 177 -22.59 -3.30 0.10
CA VAL D 177 -22.45 -4.55 -0.68
C VAL D 177 -20.99 -4.96 -0.89
N LEU D 178 -20.45 -5.63 0.12
CA LEU D 178 -19.07 -5.99 0.24
C LEU D 178 -18.67 -7.23 -0.53
N PRO D 179 -17.77 -7.10 -1.51
CA PRO D 179 -17.46 -8.29 -2.31
C PRO D 179 -16.83 -9.44 -1.49
N ASN D 180 -17.21 -10.72 -1.66
CA ASN D 180 -16.76 -11.87 -0.84
C ASN D 180 -15.29 -11.91 -0.71
N ARG D 181 -14.58 -11.56 -1.79
CA ARG D 181 -13.09 -11.50 -1.87
C ARG D 181 -12.42 -10.76 -0.71
N SER D 182 -13.01 -9.60 -0.41
CA SER D 182 -12.68 -8.67 0.67
C SER D 182 -12.90 -9.22 2.02
N VAL D 183 -14.04 -9.87 2.16
CA VAL D 183 -14.50 -10.36 3.43
C VAL D 183 -13.76 -11.57 3.95
N ALA D 184 -13.66 -12.59 3.08
CA ALA D 184 -13.10 -13.88 3.44
C ALA D 184 -11.64 -13.73 3.96
N ASN D 185 -11.05 -12.57 3.69
CA ASN D 185 -9.67 -12.30 4.06
C ASN D 185 -9.41 -11.21 5.08
N SER D 186 -10.41 -10.44 5.50
CA SER D 186 -10.15 -9.47 6.56
C SER D 186 -10.56 -10.05 7.91
N ASN D 187 -10.25 -9.34 8.99
CA ASN D 187 -10.59 -9.77 10.35
C ASN D 187 -12.06 -9.54 10.53
N ILE D 188 -12.80 -10.64 10.52
CA ILE D 188 -14.22 -10.64 10.75
C ILE D 188 -14.58 -10.61 12.19
N ILE D 189 -15.02 -9.47 12.71
CA ILE D 189 -15.23 -9.35 14.17
C ILE D 189 -16.68 -9.51 14.59
N ASN D 190 -17.00 -10.74 14.97
CA ASN D 190 -18.35 -11.13 15.31
C ASN D 190 -18.63 -10.51 16.64
N SER D 191 -19.76 -9.82 16.80
CA SER D 191 -20.11 -9.19 18.11
C SER D 191 -21.16 -10.06 18.77
N ASN D 192 -21.88 -10.77 17.89
CA ASN D 192 -23.00 -11.64 18.22
C ASN D 192 -22.61 -13.00 18.80
N ASN D 193 -21.36 -13.35 18.63
CA ASN D 193 -20.99 -14.71 18.90
C ASN D 193 -20.66 -14.87 20.40
N THR D 194 -20.46 -13.74 21.09
CA THR D 194 -20.32 -13.75 22.57
C THR D 194 -21.33 -12.84 23.26
N ALA D 195 -22.06 -13.38 24.24
CA ALA D 195 -23.25 -12.72 24.79
C ALA D 195 -23.06 -11.42 25.62
N CYS D 196 -21.84 -11.12 26.13
CA CYS D 196 -21.52 -9.93 26.98
C CYS D 196 -20.37 -9.06 26.52
N ARG D 197 -20.48 -7.72 26.67
CA ARG D 197 -19.38 -6.85 26.22
C ARG D 197 -18.94 -5.76 27.20
N ARG D 198 -17.63 -5.48 27.19
CA ARG D 198 -17.10 -4.49 28.09
C ARG D 198 -17.49 -3.14 27.59
N ILE D 199 -17.45 -2.18 28.52
CA ILE D 199 -17.79 -0.80 28.30
C ILE D 199 -16.73 0.06 28.94
N GLU D 200 -16.49 1.26 28.41
CA GLU D 200 -15.45 2.10 28.97
C GLU D 200 -15.59 3.63 29.02
N TRP D 201 -14.96 4.16 30.05
CA TRP D 201 -14.61 5.58 30.24
C TRP D 201 -13.26 6.01 30.61
N VAL D 202 -13.13 7.32 30.41
CA VAL D 202 -12.17 8.16 31.05
C VAL D 202 -12.92 9.41 31.59
N CYS D 203 -13.62 9.26 32.73
CA CYS D 203 -14.40 10.32 33.40
C CYS D 203 -13.56 11.31 34.24
N GLY D 204 -13.34 12.50 33.68
CA GLY D 204 -12.58 13.59 34.27
C GLY D 204 -13.23 14.07 35.55
N VAL D 205 -12.44 14.27 36.57
CA VAL D 205 -12.85 14.75 37.89
C VAL D 205 -12.09 15.95 38.41
N GLY D 206 -12.65 16.67 39.43
CA GLY D 206 -12.05 17.91 39.93
C GLY D 206 -10.76 17.23 40.26
N TYR D 207 -9.69 17.83 39.78
CA TYR D 207 -8.36 17.25 39.86
C TYR D 207 -7.94 17.18 41.36
N GLY D 208 -8.70 17.81 42.25
CA GLY D 208 -8.44 17.85 43.70
C GLY D 208 -9.25 16.91 44.61
N SER D 209 -10.19 16.15 44.05
CA SER D 209 -11.08 15.20 44.77
C SER D 209 -10.37 13.96 45.32
N ASP D 210 -10.97 13.15 46.19
CA ASP D 210 -10.14 12.10 46.80
C ASP D 210 -10.19 10.76 46.01
N ILE D 211 -9.03 10.07 46.03
CA ILE D 211 -8.75 8.76 45.37
C ILE D 211 -9.83 7.70 45.64
N GLU D 212 -10.55 7.88 46.74
CA GLU D 212 -11.55 6.94 47.24
C GLU D 212 -12.94 7.54 47.29
N LEU D 213 -13.00 8.86 47.32
CA LEU D 213 -14.29 9.53 47.35
C LEU D 213 -15.02 9.11 46.12
N VAL D 214 -14.44 9.49 45.00
CA VAL D 214 -14.97 9.15 43.72
C VAL D 214 -14.95 7.64 43.53
N HIS D 215 -13.94 6.98 44.09
CA HIS D 215 -13.83 5.53 43.99
C HIS D 215 -15.04 4.81 44.59
N LYS D 216 -15.76 5.52 45.45
CA LYS D 216 -16.92 4.91 46.06
C LYS D 216 -18.13 5.49 45.39
N THR D 217 -18.13 6.77 44.98
CA THR D 217 -19.35 7.36 44.32
C THR D 217 -19.68 6.56 43.04
N ILE D 218 -18.62 6.24 42.31
CA ILE D 218 -18.78 5.34 41.18
C ILE D 218 -19.12 3.93 41.65
N LYS D 219 -18.41 3.35 42.62
CA LYS D 219 -18.76 1.99 43.09
C LYS D 219 -20.22 1.92 43.54
N ASP D 220 -20.80 3.07 43.86
CA ASP D 220 -22.20 3.17 44.28
C ASP D 220 -23.11 3.31 43.07
N VAL D 221 -22.76 4.16 42.12
CA VAL D 221 -23.59 4.34 40.92
C VAL D 221 -23.62 3.05 40.10
N ILE D 222 -22.51 2.32 40.12
CA ILE D 222 -22.39 1.01 39.49
C ILE D 222 -23.52 0.10 39.95
N ASP D 223 -23.61 0.00 41.26
CA ASP D 223 -24.56 -0.91 41.85
C ASP D 223 -25.96 -0.44 41.54
N THR D 224 -26.19 0.87 41.61
CA THR D 224 -27.54 1.41 41.43
C THR D 224 -28.07 1.15 40.05
N MET D 225 -27.17 0.63 39.21
CA MET D 225 -27.56 0.38 37.85
C MET D 225 -28.19 -1.00 37.75
N GLU D 226 -29.29 -0.92 37.05
CA GLU D 226 -30.17 -1.99 36.74
C GLU D 226 -29.59 -2.89 35.69
N LYS D 227 -29.07 -2.22 34.68
CA LYS D 227 -28.43 -2.86 33.59
C LYS D 227 -26.95 -3.04 33.82
N ILE D 228 -26.55 -3.97 34.65
CA ILE D 228 -25.13 -4.17 34.91
C ILE D 228 -24.83 -5.53 35.46
N ASP D 229 -23.67 -6.09 35.14
CA ASP D 229 -23.35 -7.40 35.66
C ASP D 229 -22.37 -7.29 36.80
N LYS D 230 -22.63 -8.12 37.81
CA LYS D 230 -21.80 -8.23 38.99
C LYS D 230 -20.80 -9.41 38.93
N ASN D 231 -21.15 -10.44 38.18
CA ASN D 231 -20.27 -11.58 37.96
C ASN D 231 -19.11 -11.16 37.03
N MET D 232 -19.32 -10.10 36.27
CA MET D 232 -18.28 -9.50 35.48
C MET D 232 -17.65 -8.37 36.25
N PRO D 233 -16.34 -8.40 36.43
CA PRO D 233 -15.65 -7.40 37.24
C PRO D 233 -15.79 -5.97 36.74
N THR D 234 -15.41 -5.02 37.60
CA THR D 234 -15.27 -3.61 37.23
C THR D 234 -13.93 -3.10 37.66
N PHE D 235 -13.13 -2.52 36.75
CA PHE D 235 -11.83 -1.88 37.11
C PHE D 235 -11.81 -0.35 37.08
N ILE D 236 -12.21 0.25 38.20
CA ILE D 236 -12.38 1.69 38.31
C ILE D 236 -11.36 2.40 39.14
N GLY D 237 -10.27 2.79 38.52
CA GLY D 237 -9.22 3.48 39.23
C GLY D 237 -8.77 4.67 38.49
N ILE D 238 -7.84 5.40 39.08
CA ILE D 238 -7.17 6.51 38.40
C ILE D 238 -6.24 6.05 37.34
N THR D 239 -6.62 6.36 36.14
CA THR D 239 -5.86 5.92 35.02
C THR D 239 -4.71 6.85 34.80
N ASP D 240 -4.96 8.15 34.58
CA ASP D 240 -3.85 9.09 34.33
C ASP D 240 -3.98 10.52 34.82
N PHE D 241 -2.83 11.11 35.11
CA PHE D 241 -2.72 12.50 35.44
C PHE D 241 -3.24 13.14 34.19
N GLY D 242 -4.16 14.10 34.30
CA GLY D 242 -4.65 14.89 33.17
C GLY D 242 -4.04 16.27 33.10
N SER D 243 -4.21 16.94 31.98
CA SER D 243 -3.77 18.32 31.82
C SER D 243 -4.54 19.35 32.65
N SER D 244 -5.84 19.22 32.67
CA SER D 244 -6.57 20.19 33.44
C SER D 244 -7.50 19.47 34.40
N SER D 245 -7.61 18.15 34.23
CA SER D 245 -8.55 17.32 34.99
C SER D 245 -7.86 16.02 35.27
N LEU D 246 -8.24 15.40 36.38
CA LEU D 246 -7.82 14.03 36.68
C LEU D 246 -8.73 13.05 35.96
N ASN D 247 -8.16 11.96 35.46
CA ASN D 247 -8.90 11.02 34.64
C ASN D 247 -9.16 9.62 35.18
N PHE D 248 -10.43 9.27 35.41
CA PHE D 248 -10.75 7.91 35.91
C PHE D 248 -11.28 6.98 34.84
N THR D 249 -10.63 5.84 34.64
CA THR D 249 -11.22 4.82 33.79
C THR D 249 -12.27 4.10 34.51
N ILE D 250 -13.31 3.81 33.77
CA ILE D 250 -14.33 2.91 34.22
C ILE D 250 -14.45 1.76 33.24
N ARG D 251 -14.10 0.56 33.66
CA ARG D 251 -14.26 -0.64 32.84
C ARG D 251 -15.49 -1.30 33.49
N VAL D 252 -16.55 -1.55 32.73
CA VAL D 252 -17.70 -2.30 33.28
C VAL D 252 -18.24 -3.30 32.30
N TRP D 253 -18.88 -4.39 32.74
CA TRP D 253 -19.52 -5.20 31.69
C TRP D 253 -21.01 -5.13 31.58
N ALA D 254 -21.55 -5.48 30.40
CA ALA D 254 -23.02 -5.46 30.21
C ALA D 254 -23.47 -6.56 29.22
N LYS D 255 -24.80 -6.72 29.03
CA LYS D 255 -25.35 -7.75 28.12
C LYS D 255 -25.77 -7.21 26.74
N ILE D 256 -25.60 -8.03 25.70
CA ILE D 256 -25.81 -7.58 24.32
C ILE D 256 -27.22 -7.21 24.01
N GLU D 257 -28.06 -7.75 24.88
CA GLU D 257 -29.50 -7.77 24.79
C GLU D 257 -30.07 -6.34 24.70
N ASP D 258 -29.74 -5.50 25.66
CA ASP D 258 -30.37 -4.19 25.67
C ASP D 258 -29.35 -3.03 25.76
N GLY D 259 -28.12 -3.38 25.49
CA GLY D 259 -26.99 -2.51 25.70
C GLY D 259 -26.49 -1.60 24.61
N ILE D 260 -25.35 -2.04 24.07
CA ILE D 260 -24.62 -1.34 23.06
C ILE D 260 -24.32 -0.04 23.83
N PHE D 261 -24.67 1.10 23.21
CA PHE D 261 -24.46 2.53 23.51
C PHE D 261 -25.34 3.13 24.63
N ASN D 262 -26.56 2.57 24.79
CA ASN D 262 -27.53 3.02 25.79
C ASN D 262 -27.13 2.87 27.22
N VAL D 263 -26.67 1.68 27.54
CA VAL D 263 -26.25 1.48 28.87
C VAL D 263 -25.17 2.45 29.21
N ARG D 264 -24.32 2.77 28.23
CA ARG D 264 -23.21 3.66 28.49
C ARG D 264 -23.79 5.08 28.76
N SER D 265 -24.73 5.50 27.89
CA SER D 265 -25.34 6.82 28.05
C SER D 265 -26.10 6.98 29.37
N GLU D 266 -26.81 5.94 29.84
CA GLU D 266 -27.44 6.09 31.15
C GLU D 266 -26.42 6.06 32.27
N LEU D 267 -25.38 5.22 32.12
CA LEU D 267 -24.30 5.11 33.11
C LEU D 267 -23.71 6.44 33.38
N ILE D 268 -23.41 7.12 32.28
CA ILE D 268 -22.96 8.45 32.45
C ILE D 268 -24.10 9.39 33.06
N GLU D 269 -25.39 9.19 32.74
CA GLU D 269 -26.43 10.13 33.24
C GLU D 269 -26.58 10.03 34.75
N ARG D 270 -26.24 8.86 35.30
CA ARG D 270 -26.16 8.64 36.74
C ARG D 270 -24.84 9.07 37.35
N ILE D 271 -23.70 8.68 36.79
CA ILE D 271 -22.42 9.27 37.21
C ILE D 271 -22.25 10.80 37.01
N LYS D 272 -23.19 11.42 36.35
CA LYS D 272 -23.29 12.85 36.47
C LYS D 272 -24.24 13.17 37.57
N ASN D 273 -25.44 12.58 37.52
CA ASN D 273 -26.40 12.85 38.58
C ASN D 273 -25.77 12.69 39.99
N ALA D 274 -24.77 11.82 40.12
CA ALA D 274 -24.08 11.61 41.37
C ALA D 274 -22.83 12.49 41.53
N LEU D 275 -21.91 12.49 40.58
CA LEU D 275 -20.71 13.35 40.76
C LEU D 275 -21.01 14.83 40.86
N ASP D 276 -22.06 15.26 40.18
CA ASP D 276 -22.50 16.64 40.25
C ASP D 276 -22.97 16.83 41.68
N ALA D 277 -23.54 15.76 42.24
CA ALA D 277 -24.19 15.79 43.55
C ALA D 277 -23.27 15.78 44.76
N ASN D 278 -22.07 15.26 44.64
CA ASN D 278 -21.20 15.12 45.82
C ASN D 278 -20.22 16.26 46.02
N HIS D 279 -20.53 17.42 45.45
CA HIS D 279 -19.67 18.60 45.53
C HIS D 279 -18.22 18.22 45.05
N ILE D 280 -18.19 17.26 44.11
CA ILE D 280 -17.00 16.77 43.38
C ILE D 280 -16.96 17.49 42.06
N GLU D 281 -15.88 18.22 41.77
CA GLU D 281 -15.86 19.04 40.56
C GLU D 281 -15.49 18.33 39.31
N ILE D 282 -16.22 18.54 38.21
CA ILE D 282 -15.65 18.21 36.89
C ILE D 282 -15.10 19.49 36.22
N PRO D 283 -13.80 19.52 35.95
CA PRO D 283 -13.25 20.85 35.66
C PRO D 283 -13.29 21.19 34.21
N PHE D 284 -13.53 22.47 33.90
CA PHE D 284 -13.24 23.09 32.60
C PHE D 284 -11.77 23.27 32.61
N ASN D 285 -11.18 23.31 31.43
CA ASN D 285 -9.74 23.35 31.33
C ASN D 285 -9.08 24.41 32.19
N LYS D 286 -8.23 23.94 33.09
CA LYS D 286 -7.61 24.82 34.01
C LYS D 286 -6.30 25.29 33.42
N LEU D 287 -6.02 26.55 33.73
CA LEU D 287 -4.86 27.24 33.21
C LEU D 287 -4.27 28.17 34.28
N ASP D 288 -2.95 28.06 34.49
CA ASP D 288 -2.22 28.78 35.54
C ASP D 288 -1.46 29.97 34.93
N ILE D 289 -2.10 31.12 34.93
CA ILE D 289 -1.53 32.30 34.32
C ILE D 289 -0.50 32.98 35.23
N ALA D 290 0.68 33.22 34.69
CA ALA D 290 1.60 34.09 35.40
C ALA D 290 1.68 35.38 34.62
N ILE D 291 1.79 36.52 35.31
CA ILE D 291 1.78 37.81 34.60
C ILE D 291 3.05 38.62 34.88
N LYS D 292 3.57 39.24 33.82
CA LYS D 292 4.76 40.11 33.83
C LYS D 292 4.73 41.07 32.64
N ASN D 293 5.07 42.34 32.83
CA ASN D 293 5.00 43.32 31.72
C ASN D 293 6.36 43.55 31.05
N GLN D 294 6.34 44.15 29.85
CA GLN D 294 7.57 44.42 29.09
C GLN D 294 7.50 45.69 28.23
N PHE E 42 -13.52 -49.90 -41.59
CA PHE E 42 -13.21 -48.69 -40.81
C PHE E 42 -13.57 -48.73 -39.30
N GLY E 43 -14.42 -49.67 -38.94
CA GLY E 43 -15.06 -49.85 -37.64
C GLY E 43 -14.55 -49.72 -36.21
N ILE E 44 -13.52 -50.51 -35.88
CA ILE E 44 -13.02 -50.63 -34.49
C ILE E 44 -12.78 -49.31 -33.75
N ILE E 45 -12.11 -48.32 -34.33
CA ILE E 45 -11.89 -47.04 -33.67
C ILE E 45 -13.21 -46.47 -33.19
N LEU E 46 -14.11 -46.38 -34.18
CA LEU E 46 -15.46 -45.84 -34.17
C LEU E 46 -16.30 -46.48 -33.07
N ILE E 47 -15.86 -47.66 -32.66
CA ILE E 47 -16.54 -48.50 -31.67
C ILE E 47 -15.82 -48.42 -30.32
N LYS E 48 -14.49 -48.50 -30.39
CA LYS E 48 -13.54 -48.36 -29.28
C LYS E 48 -13.82 -47.07 -28.55
N ALA E 49 -14.37 -46.09 -29.28
CA ALA E 49 -14.74 -44.81 -28.68
C ALA E 49 -15.86 -44.93 -27.71
N VAL E 50 -17.00 -45.40 -28.15
CA VAL E 50 -18.13 -45.56 -27.26
C VAL E 50 -17.91 -46.72 -26.31
N ILE E 51 -16.93 -47.56 -26.60
CA ILE E 51 -16.44 -48.55 -25.65
C ILE E 51 -15.84 -47.83 -24.46
N VAL E 52 -14.78 -47.06 -24.74
CA VAL E 52 -14.00 -46.27 -23.77
C VAL E 52 -14.80 -45.21 -23.04
N PHE E 53 -15.43 -44.38 -23.84
CA PHE E 53 -16.24 -43.27 -23.42
C PHE E 53 -17.26 -43.60 -22.35
N CYS E 54 -17.88 -44.76 -22.50
CA CYS E 54 -18.87 -45.24 -21.56
C CYS E 54 -18.19 -45.96 -20.41
N ILE E 55 -17.12 -46.70 -20.71
CA ILE E 55 -16.36 -47.40 -19.69
C ILE E 55 -16.01 -46.41 -18.57
N GLY E 56 -15.45 -45.25 -18.93
CA GLY E 56 -15.15 -44.22 -17.95
C GLY E 56 -16.39 -43.45 -17.48
N PHE E 57 -17.32 -43.31 -18.42
CA PHE E 57 -18.55 -42.56 -18.20
C PHE E 57 -19.38 -43.13 -17.02
N TYR E 58 -19.42 -44.44 -16.85
CA TYR E 58 -19.96 -45.05 -15.64
C TYR E 58 -19.18 -44.60 -14.39
N PHE E 59 -17.85 -44.62 -14.55
CA PHE E 59 -16.91 -44.33 -13.47
C PHE E 59 -17.10 -42.87 -12.98
N SER E 60 -17.95 -42.13 -13.71
CA SER E 60 -18.42 -40.79 -13.27
C SER E 60 -19.46 -41.00 -12.15
N PHE E 61 -20.33 -42.01 -12.27
CA PHE E 61 -21.24 -42.38 -11.16
C PHE E 61 -20.51 -42.87 -9.93
N PHE E 62 -19.68 -43.92 -10.11
CA PHE E 62 -18.97 -44.47 -8.92
C PHE E 62 -18.00 -43.41 -8.27
N LEU E 63 -17.59 -42.35 -8.99
CA LEU E 63 -16.70 -41.33 -8.35
C LEU E 63 -17.47 -40.02 -8.10
N ARG E 64 -18.73 -39.97 -8.49
CA ARG E 64 -19.60 -38.91 -7.98
C ARG E 64 -20.20 -39.35 -6.66
N ASN E 65 -20.44 -40.66 -6.60
CA ASN E 65 -20.93 -41.38 -5.41
C ASN E 65 -19.91 -42.14 -4.45
N LYS E 66 -18.59 -41.96 -4.62
CA LYS E 66 -17.58 -42.35 -3.61
C LYS E 66 -16.95 -41.01 -3.17
N THR E 67 -17.46 -39.96 -3.81
CA THR E 67 -17.25 -38.57 -3.44
C THR E 67 -18.33 -38.34 -2.44
N MET E 68 -19.55 -38.61 -2.88
CA MET E 68 -20.71 -38.61 -2.02
C MET E 68 -20.62 -39.72 -0.92
N LYS E 69 -19.80 -40.78 -1.14
CA LYS E 69 -19.74 -41.83 -0.10
C LYS E 69 -18.82 -41.67 1.11
N LEU E 70 -17.55 -41.48 0.88
CA LEU E 70 -16.53 -41.21 1.90
C LEU E 70 -16.71 -39.74 2.54
N LEU E 71 -17.07 -38.71 1.75
CA LEU E 71 -17.16 -37.26 2.18
C LEU E 71 -18.49 -36.52 2.47
N SER E 72 -19.54 -36.90 1.77
CA SER E 72 -20.89 -36.30 1.77
C SER E 72 -21.61 -36.48 3.12
N LYS E 73 -22.64 -35.69 3.33
CA LYS E 73 -23.57 -35.65 4.49
C LYS E 73 -23.07 -34.72 5.61
N LYS E 74 -22.02 -33.96 5.31
CA LYS E 74 -21.42 -32.94 6.19
C LYS E 74 -22.32 -31.72 5.89
N ASP E 75 -22.79 -31.55 4.65
CA ASP E 75 -23.59 -30.36 4.28
C ASP E 75 -24.05 -30.56 2.79
N GLU E 76 -24.97 -29.71 2.33
CA GLU E 76 -25.58 -29.79 0.98
C GLU E 76 -24.83 -29.10 -0.09
N ILE E 77 -24.30 -28.00 0.39
CA ILE E 77 -23.31 -27.18 -0.23
C ILE E 77 -22.04 -28.01 -0.54
N LEU E 78 -21.52 -28.70 0.49
CA LEU E 78 -20.29 -29.49 0.32
C LEU E 78 -20.49 -30.84 -0.36
N ALA E 79 -21.57 -31.56 -0.02
CA ALA E 79 -21.80 -32.84 -0.67
C ALA E 79 -22.14 -32.67 -2.17
N ASN E 80 -22.79 -31.56 -2.56
CA ASN E 80 -23.12 -31.41 -3.97
C ASN E 80 -22.12 -30.50 -4.70
N PHE E 81 -21.14 -29.97 -3.97
CA PHE E 81 -20.08 -29.23 -4.62
C PHE E 81 -18.93 -30.16 -4.95
N VAL E 82 -18.44 -30.92 -3.96
CA VAL E 82 -17.40 -31.91 -4.31
C VAL E 82 -18.02 -33.05 -5.16
N ALA E 83 -19.33 -33.31 -5.03
CA ALA E 83 -19.91 -34.26 -5.96
C ALA E 83 -20.32 -33.62 -7.29
N GLN E 84 -20.39 -32.29 -7.41
CA GLN E 84 -20.61 -31.76 -8.76
C GLN E 84 -19.29 -31.61 -9.51
N VAL E 85 -18.37 -30.85 -8.95
CA VAL E 85 -17.06 -30.76 -9.53
C VAL E 85 -16.31 -32.09 -9.75
N THR E 86 -16.19 -33.01 -8.78
CA THR E 86 -15.36 -34.21 -9.04
C THR E 86 -15.97 -34.94 -10.19
N PHE E 87 -17.27 -34.86 -10.21
CA PHE E 87 -18.00 -35.43 -11.29
C PHE E 87 -17.69 -34.82 -12.66
N ILE E 88 -18.15 -33.58 -12.91
CA ILE E 88 -18.01 -32.85 -14.20
C ILE E 88 -16.57 -32.91 -14.76
N LEU E 89 -15.65 -32.92 -13.80
CA LEU E 89 -14.24 -33.04 -14.06
C LEU E 89 -13.91 -34.42 -14.67
N ILE E 90 -14.27 -35.50 -13.95
CA ILE E 90 -14.08 -36.90 -14.38
C ILE E 90 -14.86 -37.20 -15.69
N LEU E 91 -15.78 -36.31 -15.95
CA LEU E 91 -16.55 -36.35 -17.15
C LEU E 91 -15.78 -35.81 -18.33
N ILE E 92 -15.23 -34.60 -18.16
CA ILE E 92 -14.50 -33.87 -19.21
C ILE E 92 -13.12 -34.50 -19.53
N ILE E 93 -12.61 -35.19 -18.55
CA ILE E 93 -11.48 -36.04 -18.78
C ILE E 93 -11.94 -37.26 -19.63
N THR E 94 -13.12 -37.82 -19.34
CA THR E 94 -13.57 -38.99 -20.11
C THR E 94 -13.86 -38.67 -21.56
N THR E 95 -14.49 -37.52 -21.80
CA THR E 95 -14.73 -37.06 -23.17
C THR E 95 -13.44 -36.86 -23.95
N ILE E 96 -12.54 -36.01 -23.43
CA ILE E 96 -11.25 -35.77 -24.07
C ILE E 96 -10.51 -37.03 -24.41
N ILE E 97 -10.51 -37.96 -23.46
CA ILE E 97 -9.88 -39.27 -23.64
C ILE E 97 -10.54 -40.16 -24.74
N ALA E 98 -11.86 -40.17 -24.77
CA ALA E 98 -12.56 -40.98 -25.74
C ALA E 98 -12.34 -40.38 -27.15
N LEU E 99 -12.18 -39.04 -27.28
CA LEU E 99 -11.90 -38.40 -28.61
C LEU E 99 -10.44 -38.65 -28.96
N SER E 100 -9.67 -38.99 -27.95
CA SER E 100 -8.29 -39.26 -28.21
C SER E 100 -8.19 -40.61 -28.90
N THR E 101 -9.00 -41.60 -28.50
CA THR E 101 -8.87 -42.95 -29.09
C THR E 101 -9.42 -43.04 -30.50
N LEU E 102 -10.13 -41.99 -30.91
CA LEU E 102 -10.61 -41.81 -32.27
C LEU E 102 -9.50 -41.21 -33.19
N GLY E 103 -8.51 -40.53 -32.60
CA GLY E 103 -7.45 -39.91 -33.38
C GLY E 103 -7.54 -38.41 -33.58
N VAL E 104 -8.36 -37.80 -32.74
CA VAL E 104 -8.61 -36.37 -32.75
C VAL E 104 -7.56 -35.53 -32.02
N GLN E 105 -7.21 -34.35 -32.54
CA GLN E 105 -6.25 -33.46 -31.84
C GLN E 105 -6.80 -32.85 -30.56
N THR E 106 -6.43 -33.40 -29.41
CA THR E 106 -6.95 -32.91 -28.15
C THR E 106 -6.12 -31.77 -27.58
N THR E 107 -5.13 -31.33 -28.35
CA THR E 107 -4.25 -30.23 -27.96
C THR E 107 -5.04 -28.95 -27.83
N SER E 108 -6.04 -28.81 -28.66
CA SER E 108 -6.85 -27.63 -28.61
C SER E 108 -7.75 -27.52 -27.29
N ILE E 109 -8.32 -28.66 -26.92
CA ILE E 109 -9.15 -28.75 -25.74
C ILE E 109 -8.30 -28.71 -24.55
N ILE E 110 -7.25 -29.51 -24.51
CA ILE E 110 -6.42 -29.44 -23.33
C ILE E 110 -5.93 -27.99 -23.12
N THR E 111 -5.64 -27.24 -24.18
CA THR E 111 -5.26 -25.83 -23.95
C THR E 111 -6.29 -25.04 -23.24
N VAL E 112 -7.53 -25.33 -23.59
CA VAL E 112 -8.60 -24.68 -22.87
C VAL E 112 -8.77 -25.22 -21.45
N LEU E 113 -8.77 -26.53 -21.23
CA LEU E 113 -8.85 -27.11 -19.88
C LEU E 113 -7.73 -26.67 -18.97
N GLY E 114 -6.57 -26.54 -19.55
CA GLY E 114 -5.46 -25.98 -18.86
C GLY E 114 -5.78 -24.60 -18.43
N THR E 115 -5.97 -23.70 -19.41
CA THR E 115 -6.13 -22.26 -19.14
C THR E 115 -7.42 -21.99 -18.32
N VAL E 116 -8.27 -22.99 -18.15
CA VAL E 116 -9.36 -22.94 -17.21
C VAL E 116 -8.84 -23.25 -15.84
N GLY E 117 -8.21 -24.43 -15.77
CA GLY E 117 -7.70 -24.95 -14.51
C GLY E 117 -6.88 -23.91 -13.81
N ILE E 118 -6.17 -23.09 -14.59
CA ILE E 118 -5.35 -21.96 -14.10
C ILE E 118 -6.06 -20.75 -13.50
N ALA E 119 -7.20 -20.38 -14.05
CA ALA E 119 -7.99 -19.31 -13.43
C ALA E 119 -8.55 -19.87 -12.10
N VAL E 120 -8.65 -21.22 -12.04
CA VAL E 120 -9.12 -21.86 -10.81
C VAL E 120 -8.03 -21.85 -9.76
N ALA E 121 -6.81 -22.21 -10.17
CA ALA E 121 -5.61 -22.20 -9.33
C ALA E 121 -5.50 -20.85 -8.69
N LEU E 122 -5.83 -19.85 -9.49
CA LEU E 122 -5.77 -18.48 -9.03
C LEU E 122 -6.82 -17.92 -8.05
N ALA E 123 -8.04 -18.41 -8.19
CA ALA E 123 -9.05 -17.98 -7.24
C ALA E 123 -8.75 -18.45 -5.82
N LEU E 124 -8.18 -19.63 -5.72
CA LEU E 124 -7.95 -20.31 -4.45
C LEU E 124 -6.56 -20.13 -3.97
N LYS E 125 -5.91 -19.09 -4.42
CA LYS E 125 -4.54 -18.89 -4.05
C LYS E 125 -4.55 -18.53 -2.55
N ASP E 126 -5.21 -17.44 -2.28
CA ASP E 126 -5.32 -16.85 -0.98
C ASP E 126 -6.04 -17.66 0.09
N TYR E 127 -7.00 -18.45 -0.33
CA TYR E 127 -7.71 -19.34 0.58
C TYR E 127 -6.86 -20.51 1.02
N LEU E 128 -6.26 -21.12 0.03
CA LEU E 128 -5.38 -22.22 0.26
C LEU E 128 -4.09 -21.80 1.00
N SER E 129 -3.84 -20.49 1.05
CA SER E 129 -2.67 -19.98 1.72
C SER E 129 -3.08 -19.64 3.15
N SER E 130 -4.39 -19.60 3.37
CA SER E 130 -4.92 -19.55 4.74
C SER E 130 -4.85 -20.94 5.25
N ILE E 131 -5.12 -21.91 4.39
CA ILE E 131 -5.02 -23.32 4.75
C ILE E 131 -3.64 -23.76 5.16
N ALA E 132 -2.71 -23.64 4.24
CA ALA E 132 -1.35 -23.98 4.62
C ALA E 132 -0.78 -22.97 5.58
N GLY E 133 -1.50 -21.87 5.76
CA GLY E 133 -1.21 -20.97 6.86
C GLY E 133 -1.42 -21.67 8.16
N GLY E 134 -2.61 -22.21 8.34
CA GLY E 134 -2.93 -22.99 9.52
C GLY E 134 -2.07 -24.21 9.69
N ILE E 135 -1.86 -24.97 8.61
CA ILE E 135 -0.99 -26.12 8.73
C ILE E 135 0.35 -25.86 9.36
N ILE E 136 1.03 -24.79 8.89
CA ILE E 136 2.31 -24.28 9.43
C ILE E 136 2.09 -23.75 10.89
N LEU E 137 0.94 -23.11 11.16
CA LEU E 137 0.64 -22.53 12.49
C LEU E 137 0.50 -23.56 13.54
N ILE E 138 -0.25 -24.61 13.22
CA ILE E 138 -0.52 -25.72 14.10
C ILE E 138 0.77 -26.49 14.35
N ILE E 139 1.49 -26.76 13.27
CA ILE E 139 2.60 -27.65 13.39
C ILE E 139 3.81 -27.03 14.07
N LEU E 140 4.14 -25.79 13.72
CA LEU E 140 5.38 -25.13 14.13
C LEU E 140 5.14 -24.19 15.32
N HIS E 141 4.04 -24.32 16.04
CA HIS E 141 3.56 -23.17 16.82
C HIS E 141 4.50 -22.49 17.79
N PRO E 142 4.62 -21.16 17.69
CA PRO E 142 5.17 -20.36 18.78
C PRO E 142 4.02 -19.70 19.45
N PHE E 143 2.89 -20.25 19.07
CA PHE E 143 1.67 -19.89 19.66
C PHE E 143 0.72 -21.06 19.92
N LYS E 144 -0.02 -21.06 21.02
CA LYS E 144 -0.97 -22.16 21.30
C LYS E 144 -2.15 -21.64 22.08
N LYS E 145 -3.29 -22.35 22.07
CA LYS E 145 -4.52 -21.80 22.73
C LYS E 145 -4.49 -21.48 24.24
N GLY E 146 -4.82 -20.23 24.56
CA GLY E 146 -4.90 -19.74 25.91
C GLY E 146 -3.92 -18.60 26.05
N ASP E 147 -2.96 -18.52 25.14
CA ASP E 147 -1.96 -17.47 25.20
C ASP E 147 -2.71 -16.17 24.86
N ILE E 148 -2.18 -15.03 25.22
CA ILE E 148 -2.79 -13.82 24.73
C ILE E 148 -1.79 -13.23 23.80
N ILE E 149 -2.27 -12.68 22.68
CA ILE E 149 -1.32 -11.97 21.83
C ILE E 149 -1.72 -10.64 21.30
N GLU E 150 -0.86 -10.09 20.44
CA GLU E 150 -1.13 -8.81 19.85
C GLU E 150 -0.84 -8.86 18.36
N ILE E 151 -1.69 -9.59 17.65
CA ILE E 151 -1.68 -9.64 16.19
C ILE E 151 -2.10 -8.34 15.51
N SER E 152 -1.16 -7.61 14.91
CA SER E 152 -1.49 -6.37 14.19
C SER E 152 -2.25 -5.27 14.99
N GLY E 153 -1.85 -5.00 16.22
CA GLY E 153 -2.54 -3.97 16.99
C GLY E 153 -3.78 -4.43 17.75
N LEU E 154 -4.25 -5.64 17.44
CA LEU E 154 -5.46 -6.23 17.98
C LEU E 154 -5.16 -7.26 19.05
N GLU E 155 -5.24 -6.92 20.34
CA GLU E 155 -4.81 -7.87 21.37
C GLU E 155 -5.99 -8.60 22.03
N GLY E 156 -5.86 -9.93 22.09
CA GLY E 156 -6.88 -10.72 22.72
C GLY E 156 -6.40 -12.14 23.00
N LYS E 157 -7.12 -12.83 23.91
CA LYS E 157 -6.83 -14.26 24.17
C LYS E 157 -7.45 -15.11 23.12
N VAL E 158 -6.69 -16.13 22.71
CA VAL E 158 -7.05 -17.01 21.62
C VAL E 158 -8.06 -18.07 22.03
N GLU E 159 -9.05 -18.23 21.19
CA GLU E 159 -10.12 -19.17 21.43
C GLU E 159 -10.24 -20.25 20.38
N ALA E 160 -9.72 -19.99 19.18
CA ALA E 160 -9.90 -20.92 18.07
C ALA E 160 -8.78 -21.03 17.00
N LEU E 161 -8.46 -22.25 16.61
CA LEU E 161 -7.62 -22.51 15.46
C LEU E 161 -8.43 -23.41 14.49
N ASN E 162 -9.22 -22.69 13.71
CA ASN E 162 -9.98 -23.15 12.56
C ASN E 162 -9.01 -23.59 11.47
N PHE E 163 -9.60 -24.31 10.53
CA PHE E 163 -8.83 -24.84 9.44
C PHE E 163 -8.07 -23.67 8.75
N PHE E 164 -8.82 -22.63 8.37
CA PHE E 164 -8.39 -21.32 7.76
C PHE E 164 -8.27 -20.15 8.71
N ASN E 165 -9.19 -20.12 9.68
CA ASN E 165 -9.37 -19.01 10.62
C ASN E 165 -8.78 -19.28 11.91
N THR E 166 -8.62 -18.18 12.65
CA THR E 166 -8.14 -18.11 14.03
C THR E 166 -9.15 -17.25 14.82
N SER E 167 -9.42 -17.50 16.10
CA SER E 167 -10.43 -16.65 16.68
C SER E 167 -9.87 -16.10 17.97
N LEU E 168 -10.06 -14.81 18.25
CA LEU E 168 -9.66 -14.23 19.55
C LEU E 168 -10.89 -13.75 20.26
N ARG E 169 -11.04 -14.04 21.55
CA ARG E 169 -12.02 -13.29 22.31
C ARG E 169 -11.21 -12.14 22.85
N LEU E 170 -11.59 -10.94 22.43
CA LEU E 170 -10.89 -9.69 22.72
C LEU E 170 -11.09 -9.37 24.20
N HIS E 171 -10.30 -8.44 24.75
CA HIS E 171 -10.60 -7.73 26.01
C HIS E 171 -12.02 -7.15 25.94
N ASP E 172 -12.37 -6.72 24.73
CA ASP E 172 -13.70 -6.23 24.48
C ASP E 172 -14.71 -7.32 24.84
N GLY E 173 -14.38 -8.56 24.47
CA GLY E 173 -15.23 -9.70 24.72
C GLY E 173 -16.01 -10.20 23.49
N ARG E 174 -16.07 -9.43 22.40
CA ARG E 174 -16.43 -10.02 21.13
C ARG E 174 -15.36 -10.97 20.62
N LEU E 175 -15.67 -11.77 19.59
CA LEU E 175 -14.70 -12.74 19.02
C LEU E 175 -14.31 -12.39 17.62
N ALA E 176 -13.08 -11.91 17.45
CA ALA E 176 -12.57 -11.64 16.12
C ALA E 176 -12.21 -12.99 15.42
N VAL E 177 -12.33 -13.06 14.08
CA VAL E 177 -12.06 -14.26 13.29
C VAL E 177 -11.06 -14.00 12.21
N LEU E 178 -9.82 -14.07 12.61
CA LEU E 178 -8.70 -13.77 11.79
C LEU E 178 -8.25 -14.83 10.82
N PRO E 179 -8.36 -14.61 9.51
CA PRO E 179 -8.01 -15.68 8.57
C PRO E 179 -6.51 -16.11 8.69
N ASN E 180 -6.18 -17.40 8.68
CA ASN E 180 -4.82 -17.90 8.98
C ASN E 180 -3.73 -17.21 8.14
N ARG E 181 -4.04 -16.96 6.87
CA ARG E 181 -3.20 -16.26 5.89
C ARG E 181 -2.55 -15.02 6.44
N SER E 182 -3.38 -14.24 7.15
CA SER E 182 -3.04 -12.98 7.84
C SER E 182 -2.10 -13.10 9.00
N VAL E 183 -2.40 -14.13 9.77
CA VAL E 183 -1.74 -14.40 11.03
C VAL E 183 -0.35 -14.95 10.82
N ALA E 184 -0.25 -16.00 10.02
CA ALA E 184 0.99 -16.70 9.83
C ALA E 184 2.10 -15.74 9.33
N ASN E 185 1.72 -14.56 8.84
CA ASN E 185 2.67 -13.60 8.26
C ASN E 185 2.84 -12.26 8.96
N SER E 186 2.04 -11.98 9.95
CA SER E 186 2.27 -10.75 10.67
C SER E 186 3.12 -11.03 11.95
N ASN E 187 3.56 -9.97 12.63
CA ASN E 187 4.32 -10.10 13.87
C ASN E 187 3.37 -10.54 14.96
N ILE E 188 3.44 -11.81 15.31
CA ILE E 188 2.67 -12.39 16.43
C ILE E 188 3.24 -12.12 17.80
N ILE E 189 2.68 -11.20 18.57
CA ILE E 189 3.35 -10.83 19.83
C ILE E 189 2.78 -11.48 21.06
N ASN E 190 3.45 -12.54 21.47
CA ASN E 190 3.02 -13.38 22.55
C ASN E 190 3.29 -12.59 23.79
N SER E 191 2.32 -12.47 24.71
CA SER E 191 2.51 -11.72 25.97
C SER E 191 2.69 -12.76 27.05
N ASN E 192 2.11 -13.93 26.77
CA ASN E 192 2.09 -15.06 27.68
C ASN E 192 3.38 -15.90 27.79
N ASN E 193 4.28 -15.71 26.83
CA ASN E 193 5.42 -16.58 26.71
C ASN E 193 6.56 -16.10 27.55
N THR E 194 6.43 -14.88 28.05
CA THR E 194 7.35 -14.38 29.08
C THR E 194 6.61 -13.90 30.34
N ALA E 195 6.96 -14.41 31.53
CA ALA E 195 6.22 -14.21 32.80
C ALA E 195 6.13 -12.80 33.42
N CYS E 196 7.04 -11.86 33.09
CA CYS E 196 7.08 -10.47 33.64
C CYS E 196 7.09 -9.34 32.60
N ARG E 197 6.38 -8.22 32.87
CA ARG E 197 6.30 -7.11 31.90
C ARG E 197 6.54 -5.71 32.46
N ARG E 198 7.20 -4.87 31.64
CA ARG E 198 7.51 -3.50 32.03
C ARG E 198 6.24 -2.68 32.03
N ILE E 199 6.30 -1.57 32.75
CA ILE E 199 5.21 -0.61 32.92
C ILE E 199 5.82 0.77 32.85
N GLU E 200 5.06 1.76 32.45
CA GLU E 200 5.63 3.07 32.37
C GLU E 200 4.72 4.27 32.60
N TRP E 201 5.41 5.36 32.88
CA TRP E 201 4.95 6.76 32.92
C TRP E 201 5.81 7.83 32.47
N VAL E 202 5.10 8.96 32.31
CA VAL E 202 5.68 10.26 32.34
C VAL E 202 4.81 11.06 33.27
N CYS E 203 5.05 10.95 34.57
CA CYS E 203 4.36 11.69 35.66
C CYS E 203 4.89 13.14 35.84
N GLY E 204 4.11 14.10 35.36
CA GLY E 204 4.38 15.54 35.43
C GLY E 204 4.40 16.02 36.86
N VAL E 205 5.42 16.78 37.23
CA VAL E 205 5.54 17.41 38.55
C VAL E 205 5.60 18.92 38.55
N GLY E 206 5.52 19.56 39.74
CA GLY E 206 5.63 21.02 39.86
C GLY E 206 6.91 21.09 39.09
N TYR E 207 6.99 22.04 38.19
CA TYR E 207 8.17 22.14 37.38
C TYR E 207 9.29 22.70 38.27
N GLY E 208 8.94 23.17 39.47
CA GLY E 208 9.88 23.72 40.45
C GLY E 208 10.40 22.85 41.64
N SER E 209 9.92 21.61 41.79
CA SER E 209 10.34 20.63 42.84
C SER E 209 11.75 20.03 42.65
N ASP E 210 12.34 19.34 43.62
CA ASP E 210 13.78 18.97 43.47
C ASP E 210 14.03 17.60 42.76
N ILE E 211 15.13 17.58 42.00
CA ILE E 211 15.61 16.44 41.24
C ILE E 211 15.65 15.12 42.05
N GLU E 212 15.75 15.25 43.37
CA GLU E 212 15.91 14.13 44.30
C GLU E 212 14.74 13.99 45.27
N LEU E 213 13.98 15.08 45.49
CA LEU E 213 12.80 15.08 46.37
C LEU E 213 11.81 14.05 45.85
N VAL E 214 11.35 14.31 44.64
CA VAL E 214 10.48 13.40 43.96
C VAL E 214 11.19 12.07 43.67
N HIS E 215 12.50 12.13 43.41
CA HIS E 215 13.32 10.94 43.12
C HIS E 215 13.28 9.97 44.27
N LYS E 216 12.90 10.47 45.42
CA LYS E 216 12.78 9.62 46.56
C LYS E 216 11.31 9.41 46.87
N THR E 217 10.42 10.38 46.68
CA THR E 217 9.02 10.10 47.04
C THR E 217 8.54 8.91 46.21
N ILE E 218 8.91 8.90 44.96
CA ILE E 218 8.62 7.75 44.14
C ILE E 218 9.41 6.52 44.58
N LYS E 219 10.72 6.62 44.80
CA LYS E 219 11.50 5.43 45.23
C LYS E 219 10.91 4.84 46.51
N ASP E 220 10.11 5.64 47.21
CA ASP E 220 9.44 5.22 48.43
C ASP E 220 8.14 4.57 48.09
N VAL E 221 7.38 5.19 47.19
CA VAL E 221 6.09 4.61 46.79
C VAL E 221 6.28 3.28 46.05
N ILE E 222 7.39 3.19 45.32
CA ILE E 222 7.81 1.96 44.68
C ILE E 222 7.85 0.80 45.66
N ASP E 223 8.58 1.03 46.74
CA ASP E 223 8.80 0.00 47.74
C ASP E 223 7.49 -0.34 48.44
N THR E 224 6.69 0.68 48.78
CA THR E 224 5.46 0.47 49.55
C THR E 224 4.50 -0.38 48.76
N MET E 225 4.84 -0.64 47.50
CA MET E 225 3.95 -1.39 46.66
C MET E 225 4.20 -2.86 46.85
N GLU E 226 3.05 -3.50 47.00
CA GLU E 226 2.88 -4.90 47.20
C GLU E 226 3.10 -5.71 45.97
N LYS E 227 2.59 -5.16 44.90
CA LYS E 227 2.67 -5.81 43.61
C LYS E 227 3.81 -5.24 42.80
N ILE E 228 5.03 -5.55 43.17
CA ILE E 228 6.20 -5.00 42.48
C ILE E 228 7.46 -5.86 42.65
N ASP E 229 8.31 -5.90 41.64
CA ASP E 229 9.51 -6.70 41.71
C ASP E 229 10.71 -5.84 42.00
N LYS E 230 11.56 -6.35 42.87
CA LYS E 230 12.80 -5.68 43.22
C LYS E 230 14.00 -6.24 42.43
N ASN E 231 13.90 -7.50 41.99
CA ASN E 231 14.94 -8.15 41.17
C ASN E 231 14.95 -7.52 39.78
N MET E 232 13.80 -6.97 39.38
CA MET E 232 13.70 -6.22 38.15
C MET E 232 13.95 -4.76 38.43
N PRO E 233 14.87 -4.12 37.69
CA PRO E 233 15.22 -2.72 37.96
C PRO E 233 14.08 -1.70 37.81
N THR E 234 14.29 -0.48 38.33
CA THR E 234 13.41 0.66 38.11
C THR E 234 14.25 1.89 37.64
N PHE E 235 13.93 2.50 36.48
CA PHE E 235 14.65 3.70 35.99
C PHE E 235 13.80 4.93 36.09
N ILE E 236 13.85 5.58 37.23
CA ILE E 236 13.03 6.76 37.52
C ILE E 236 13.77 8.06 37.55
N GLY E 237 13.93 8.67 36.39
CA GLY E 237 14.60 9.93 36.28
C GLY E 237 13.83 10.95 35.51
N ILE E 238 14.37 12.17 35.47
CA ILE E 238 13.80 13.23 34.67
C ILE E 238 14.03 12.98 33.26
N THR E 239 12.94 12.71 32.58
CA THR E 239 13.03 12.34 31.22
C THR E 239 13.14 13.62 30.40
N ASP E 240 12.16 14.53 30.49
CA ASP E 240 12.20 15.74 29.65
C ASP E 240 11.64 17.03 30.23
N PHE E 241 12.21 18.12 29.74
CA PHE E 241 11.72 19.44 30.04
C PHE E 241 10.34 19.40 29.46
N GLY E 242 9.34 19.85 30.21
CA GLY E 242 7.99 19.97 29.68
C GLY E 242 7.62 21.40 29.33
N SER E 243 6.51 21.56 28.62
CA SER E 243 5.93 22.88 28.33
C SER E 243 5.36 23.64 29.56
N SER E 244 4.60 22.94 30.37
CA SER E 244 4.02 23.59 31.53
C SER E 244 4.35 22.84 32.84
N SER E 245 4.89 21.64 32.69
CA SER E 245 5.15 20.73 33.79
C SER E 245 6.46 20.07 33.48
N LEU E 246 7.24 19.67 34.51
CA LEU E 246 8.37 18.78 34.29
C LEU E 246 7.98 17.30 34.33
N ASN E 247 8.66 16.50 33.48
CA ASN E 247 8.17 15.11 33.27
C ASN E 247 9.08 14.04 33.71
N PHE E 248 8.60 13.19 34.62
CA PHE E 248 9.38 12.04 35.13
C PHE E 248 8.97 10.72 34.55
N THR E 249 9.89 10.01 33.91
CA THR E 249 9.55 8.68 33.53
C THR E 249 9.64 7.82 34.73
N ILE E 250 8.72 6.88 34.80
CA ILE E 250 8.83 5.80 35.73
C ILE E 250 8.82 4.46 34.95
N ARG E 251 9.94 3.72 34.97
CA ARG E 251 10.01 2.42 34.31
C ARG E 251 9.95 1.51 35.50
N VAL E 252 8.98 0.59 35.59
CA VAL E 252 8.93 -0.44 36.70
C VAL E 252 8.56 -1.84 36.20
N TRP E 253 8.93 -2.93 36.83
CA TRP E 253 8.39 -4.20 36.35
C TRP E 253 7.33 -4.83 37.23
N ALA E 254 6.54 -5.73 36.64
CA ALA E 254 5.52 -6.47 37.41
C ALA E 254 5.28 -7.85 36.79
N LYS E 255 4.41 -8.59 37.47
CA LYS E 255 3.98 -9.95 37.17
C LYS E 255 2.64 -10.19 36.52
N ILE E 256 2.58 -11.00 35.46
CA ILE E 256 1.57 -11.14 34.43
C ILE E 256 0.27 -11.51 35.15
N GLU E 257 0.46 -12.28 36.20
CA GLU E 257 -0.56 -12.91 37.01
C GLU E 257 -1.59 -12.00 37.64
N ASP E 258 -1.23 -10.89 38.22
CA ASP E 258 -2.24 -9.96 38.71
C ASP E 258 -2.24 -8.57 38.10
N GLY E 259 -1.28 -8.34 37.24
CA GLY E 259 -1.17 -7.01 36.72
C GLY E 259 -2.05 -6.30 35.76
N ILE E 260 -2.32 -6.95 34.64
CA ILE E 260 -3.20 -6.36 33.69
C ILE E 260 -2.53 -4.93 33.60
N PHE E 261 -3.54 -4.09 33.71
CA PHE E 261 -3.70 -2.67 33.94
C PHE E 261 -4.09 -2.12 35.33
N ASN E 262 -4.03 -2.97 36.35
CA ASN E 262 -4.44 -2.55 37.68
C ASN E 262 -3.24 -2.10 38.39
N VAL E 263 -2.15 -2.86 38.32
CA VAL E 263 -0.95 -2.38 38.98
C VAL E 263 -0.52 -1.00 38.58
N ARG E 264 -0.94 -0.54 37.40
CA ARG E 264 -0.47 0.77 37.00
C ARG E 264 -1.45 1.74 37.65
N SER E 265 -2.72 1.35 37.63
CA SER E 265 -3.70 2.24 38.18
C SER E 265 -3.45 2.43 39.70
N GLU E 266 -3.11 1.38 40.44
CA GLU E 266 -2.83 1.61 41.85
C GLU E 266 -1.53 2.35 42.04
N LEU E 267 -0.56 2.07 41.18
CA LEU E 267 0.73 2.74 41.30
C LEU E 267 0.52 4.20 41.24
N ILE E 268 -0.29 4.57 40.29
CA ILE E 268 -0.54 5.94 40.24
C ILE E 268 -1.36 6.37 41.50
N GLU E 269 -2.26 5.52 42.02
CA GLU E 269 -3.12 5.99 43.10
C GLU E 269 -2.31 6.29 44.35
N ARG E 270 -1.12 5.67 44.43
CA ARG E 270 -0.19 5.93 45.54
C ARG E 270 0.75 7.05 45.16
N ILE E 271 1.28 7.12 43.92
CA ILE E 271 2.09 8.28 43.51
C ILE E 271 1.33 9.58 43.42
N LYS E 272 0.03 9.48 43.54
CA LYS E 272 -0.77 10.64 43.85
C LYS E 272 -0.94 10.80 45.34
N ASN E 273 -1.41 9.77 46.03
CA ASN E 273 -1.56 9.87 47.46
C ASN E 273 -0.28 10.44 48.15
N ALA E 274 0.88 10.19 47.54
CA ALA E 274 2.15 10.70 48.05
C ALA E 274 2.55 12.02 47.41
N LEU E 275 2.58 12.15 46.07
CA LEU E 275 2.98 13.46 45.55
C LEU E 275 2.11 14.60 45.98
N ASP E 276 0.83 14.31 46.15
CA ASP E 276 -0.14 15.29 46.61
C ASP E 276 0.26 15.62 48.03
N ALA E 277 0.77 14.61 48.72
CA ALA E 277 1.07 14.73 50.14
C ALA E 277 2.34 15.51 50.49
N ASN E 278 3.31 15.58 49.58
CA ASN E 278 4.58 16.21 49.92
C ASN E 278 4.71 17.67 49.52
N HIS E 279 3.58 18.35 49.38
CA HIS E 279 3.56 19.76 49.03
C HIS E 279 4.39 19.96 47.75
N ILE E 280 4.39 18.90 46.93
CA ILE E 280 4.98 18.82 45.57
C ILE E 280 3.85 19.08 44.60
N GLU E 281 3.97 20.10 43.74
CA GLU E 281 2.84 20.45 42.84
C GLU E 281 2.72 19.67 41.58
N ILE E 282 1.51 19.21 41.24
CA ILE E 282 1.32 18.84 39.85
C ILE E 282 0.63 19.97 39.08
N PRO E 283 1.29 20.53 38.05
CA PRO E 283 0.75 21.80 37.57
C PRO E 283 -0.31 21.65 36.50
N PHE E 284 -1.31 22.52 36.54
CA PHE E 284 -2.15 22.79 35.40
C PHE E 284 -1.33 23.66 34.48
N ASN E 285 -1.64 23.60 33.19
CA ASN E 285 -0.82 24.24 32.17
C ASN E 285 -0.47 25.68 32.50
N LYS E 286 0.83 25.90 32.63
CA LYS E 286 1.32 27.18 33.00
C LYS E 286 1.55 28.00 31.76
N LEU E 287 1.25 29.30 31.94
CA LEU E 287 1.27 30.29 30.89
C LEU E 287 1.75 31.65 31.41
N ASP E 288 2.77 32.21 30.74
CA ASP E 288 3.45 33.43 31.18
C ASP E 288 2.98 34.60 30.38
N ILE E 289 1.94 35.27 30.87
CA ILE E 289 1.30 36.35 30.12
C ILE E 289 2.07 37.64 30.19
N ALA E 290 2.35 38.23 29.04
CA ALA E 290 2.86 39.59 29.00
C ALA E 290 1.76 40.49 28.44
N ILE E 291 1.61 41.71 28.97
CA ILE E 291 0.52 42.61 28.52
C ILE E 291 1.05 43.96 28.03
N LYS E 292 0.45 44.43 26.95
CA LYS E 292 0.79 45.69 26.29
C LYS E 292 -0.42 46.12 25.47
N ASN E 293 -0.77 47.42 25.47
CA ASN E 293 -1.96 47.86 24.73
C ASN E 293 -1.60 48.50 23.37
N GLN E 294 -2.62 48.62 22.50
CA GLN E 294 -2.43 49.19 21.15
C GLN E 294 -3.62 49.97 20.59
N PHE F 42 -5.90 -60.13 -27.08
CA PHE F 42 -5.89 -58.75 -26.62
C PHE F 42 -5.23 -58.48 -25.24
N GLY F 43 -5.03 -59.55 -24.49
CA GLY F 43 -4.69 -59.52 -23.07
C GLY F 43 -3.53 -58.94 -22.26
N ILE F 44 -2.29 -59.02 -22.75
CA ILE F 44 -1.12 -58.48 -22.03
C ILE F 44 -1.25 -57.03 -21.54
N ILE F 45 -1.68 -56.05 -22.35
CA ILE F 45 -1.85 -54.67 -21.88
C ILE F 45 -2.75 -54.63 -20.64
N LEU F 46 -3.90 -55.26 -20.84
CA LEU F 46 -5.01 -55.40 -19.93
C LEU F 46 -4.57 -55.99 -18.58
N ILE F 47 -3.42 -56.69 -18.63
CA ILE F 47 -2.86 -57.41 -17.47
C ILE F 47 -1.68 -56.63 -16.91
N LYS F 48 -0.84 -56.12 -17.81
CA LYS F 48 0.34 -55.29 -17.56
C LYS F 48 -0.12 -54.11 -16.75
N ALA F 49 -1.39 -53.76 -16.87
CA ALA F 49 -1.94 -52.67 -16.10
C ALA F 49 -2.05 -52.96 -14.64
N VAL F 50 -2.77 -54.01 -14.28
CA VAL F 50 -2.90 -54.40 -12.89
C VAL F 50 -1.58 -55.01 -12.37
N ILE F 51 -0.68 -55.36 -13.29
CA ILE F 51 0.70 -55.71 -12.92
C ILE F 51 1.37 -54.47 -12.34
N VAL F 52 1.50 -53.44 -13.18
CA VAL F 52 2.11 -52.16 -12.85
C VAL F 52 1.44 -51.41 -11.71
N PHE F 53 0.15 -51.22 -11.90
CA PHE F 53 -0.71 -50.52 -10.96
C PHE F 53 -0.57 -50.95 -9.51
N CYS F 54 -0.42 -52.26 -9.33
CA CYS F 54 -0.25 -52.87 -8.04
C CYS F 54 1.20 -52.83 -7.64
N ILE F 55 2.10 -53.05 -8.60
CA ILE F 55 3.56 -52.97 -8.33
C ILE F 55 3.89 -51.65 -7.61
N GLY F 56 3.41 -50.53 -8.15
CA GLY F 56 3.59 -49.24 -7.51
C GLY F 56 2.64 -49.01 -6.30
N PHE F 57 1.44 -49.57 -6.43
CA PHE F 57 0.39 -49.42 -5.42
C PHE F 57 0.87 -49.94 -4.02
N TYR F 58 1.65 -51.03 -3.97
CA TYR F 58 2.33 -51.44 -2.73
C TYR F 58 3.30 -50.35 -2.22
N PHE F 59 4.05 -49.82 -3.18
CA PHE F 59 5.11 -48.85 -2.92
C PHE F 59 4.48 -47.59 -2.30
N SER F 60 3.14 -47.56 -2.29
CA SER F 60 2.36 -46.54 -1.56
C SER F 60 2.43 -46.87 -0.03
N PHE F 61 2.35 -48.15 0.35
CA PHE F 61 2.62 -48.54 1.75
C PHE F 61 4.06 -48.27 2.16
N PHE F 62 5.05 -48.80 1.42
CA PHE F 62 6.46 -48.59 1.84
C PHE F 62 6.86 -47.11 1.83
N LEU F 63 6.15 -46.25 1.11
CA LEU F 63 6.52 -44.82 1.13
C LEU F 63 5.51 -43.98 1.92
N ARG F 64 4.48 -44.63 2.45
CA ARG F 64 3.65 -43.97 3.46
C ARG F 64 4.25 -44.26 4.81
N ASN F 65 4.85 -45.44 4.88
CA ASN F 65 5.58 -45.93 6.04
C ASN F 65 7.15 -45.81 6.09
N LYS F 66 7.79 -45.10 5.14
CA LYS F 66 9.21 -44.66 5.25
C LYS F 66 9.17 -43.14 5.29
N THR F 67 7.94 -42.65 5.21
CA THR F 67 7.55 -41.28 5.50
C THR F 67 7.34 -41.30 6.98
N MET F 68 6.46 -42.20 7.39
CA MET F 68 6.21 -42.48 8.79
C MET F 68 7.48 -43.05 9.48
N LYS F 69 8.41 -43.63 8.71
CA LYS F 69 9.59 -44.20 9.37
C LYS F 69 10.73 -43.23 9.70
N LEU F 70 11.22 -42.49 8.73
CA LEU F 70 12.35 -41.59 8.99
C LEU F 70 11.92 -40.16 9.41
N LEU F 71 10.62 -39.89 9.58
CA LEU F 71 10.26 -38.56 10.04
C LEU F 71 9.10 -38.45 11.04
N SER F 72 8.27 -39.46 11.13
CA SER F 72 7.05 -39.47 11.95
C SER F 72 7.43 -39.58 13.41
N LYS F 73 6.45 -39.38 14.30
CA LYS F 73 6.53 -39.42 15.79
C LYS F 73 7.29 -38.20 16.38
N LYS F 74 7.03 -37.09 15.71
CA LYS F 74 7.36 -35.68 16.04
C LYS F 74 5.95 -35.18 16.33
N ASP F 75 4.97 -35.34 15.47
CA ASP F 75 3.64 -34.87 15.88
C ASP F 75 2.54 -35.67 15.09
N GLU F 76 1.29 -35.74 15.60
CA GLU F 76 0.15 -36.39 14.89
C GLU F 76 -0.24 -35.72 13.59
N ILE F 77 -0.26 -34.42 13.71
CA ILE F 77 -0.48 -33.47 12.65
C ILE F 77 0.56 -33.60 11.52
N LEU F 78 1.85 -33.72 11.89
CA LEU F 78 2.94 -33.96 10.91
C LEU F 78 3.16 -35.38 10.43
N ALA F 79 3.02 -36.36 11.31
CA ALA F 79 3.20 -37.73 10.89
C ALA F 79 2.07 -38.14 9.97
N ASN F 80 0.87 -37.59 10.17
CA ASN F 80 -0.23 -38.01 9.31
C ASN F 80 -0.47 -37.01 8.19
N PHE F 81 0.29 -35.92 8.18
CA PHE F 81 0.16 -35.01 7.06
C PHE F 81 1.18 -35.37 6.00
N VAL F 82 2.46 -35.52 6.37
CA VAL F 82 3.46 -35.97 5.38
C VAL F 82 3.20 -37.46 5.02
N ALA F 83 2.57 -38.23 5.91
CA ALA F 83 2.17 -39.57 5.48
C ALA F 83 0.80 -39.59 4.78
N GLN F 84 -0.01 -38.53 4.86
CA GLN F 84 -1.20 -38.58 4.00
C GLN F 84 -0.88 -38.06 2.61
N VAL F 85 -0.37 -36.86 2.53
CA VAL F 85 0.08 -36.31 1.27
C VAL F 85 1.11 -37.16 0.48
N THR F 86 2.22 -37.59 1.09
CA THR F 86 3.22 -38.31 0.28
C THR F 86 2.53 -39.53 -0.27
N PHE F 87 1.64 -40.07 0.54
CA PHE F 87 0.88 -41.22 0.11
C PHE F 87 -0.04 -40.96 -1.11
N ILE F 88 -1.12 -40.19 -0.90
CA ILE F 88 -2.15 -39.90 -1.92
C ILE F 88 -1.49 -39.47 -3.24
N LEU F 89 -0.37 -38.78 -3.09
CA LEU F 89 0.41 -38.31 -4.23
C LEU F 89 1.00 -39.50 -4.99
N ILE F 90 1.74 -40.36 -4.28
CA ILE F 90 2.35 -41.57 -4.84
C ILE F 90 1.28 -42.51 -5.40
N LEU F 91 0.09 -42.26 -4.93
CA LEU F 91 -1.04 -42.98 -5.38
C LEU F 91 -1.51 -42.51 -6.73
N ILE F 92 -1.70 -41.20 -6.83
CA ILE F 92 -2.24 -40.59 -8.04
C ILE F 92 -1.26 -40.61 -9.20
N ILE F 93 0.03 -40.66 -8.84
CA ILE F 93 1.06 -40.92 -9.82
C ILE F 93 0.97 -42.39 -10.27
N THR F 94 0.66 -43.32 -9.34
CA THR F 94 0.53 -44.74 -9.72
C THR F 94 -0.68 -45.01 -10.61
N THR F 95 -1.80 -44.37 -10.32
CA THR F 95 -2.98 -44.48 -11.16
C THR F 95 -2.69 -43.97 -12.57
N ILE F 96 -2.23 -42.72 -12.65
CA ILE F 96 -1.85 -42.13 -13.95
C ILE F 96 -0.89 -42.95 -14.79
N ILE F 97 0.14 -43.44 -14.14
CA ILE F 97 1.10 -44.30 -14.81
C ILE F 97 0.50 -45.64 -15.32
N ALA F 98 -0.34 -46.28 -14.49
CA ALA F 98 -0.96 -47.57 -14.84
C ALA F 98 -1.97 -47.35 -16.02
N LEU F 99 -2.62 -46.18 -16.10
CA LEU F 99 -3.49 -45.85 -17.24
C LEU F 99 -2.65 -45.53 -18.43
N SER F 100 -1.39 -45.21 -18.19
CA SER F 100 -0.56 -44.89 -19.32
C SER F 100 -0.16 -46.19 -20.00
N THR F 101 0.08 -47.26 -19.23
CA THR F 101 0.49 -48.55 -19.85
C THR F 101 -0.60 -49.17 -20.70
N LEU F 102 -1.86 -48.85 -20.40
CA LEU F 102 -3.01 -49.28 -21.20
C LEU F 102 -3.17 -48.51 -22.50
N GLY F 103 -2.56 -47.34 -22.65
CA GLY F 103 -2.64 -46.58 -23.89
C GLY F 103 -3.61 -45.40 -23.90
N VAL F 104 -3.99 -45.04 -22.71
CA VAL F 104 -4.89 -43.93 -22.45
C VAL F 104 -4.25 -42.53 -22.48
N GLN F 105 -4.96 -41.53 -23.02
CA GLN F 105 -4.42 -40.16 -23.01
C GLN F 105 -4.37 -39.53 -21.62
N THR F 106 -3.20 -39.49 -21.02
CA THR F 106 -3.04 -38.95 -19.67
C THR F 106 -2.78 -37.43 -19.71
N THR F 107 -2.83 -36.85 -20.90
CA THR F 107 -2.63 -35.43 -21.08
C THR F 107 -3.70 -34.67 -20.31
N SER F 108 -4.90 -35.24 -20.26
CA SER F 108 -6.00 -34.57 -19.58
C SER F 108 -5.93 -34.53 -18.01
N ILE F 109 -5.48 -35.64 -17.47
CA ILE F 109 -5.26 -35.77 -16.05
C ILE F 109 -4.05 -34.99 -15.68
N ILE F 110 -2.95 -35.16 -16.40
CA ILE F 110 -1.79 -34.36 -16.04
C ILE F 110 -2.10 -32.87 -16.10
N THR F 111 -2.93 -32.39 -17.02
CA THR F 111 -3.31 -30.98 -16.95
C THR F 111 -3.98 -30.58 -15.67
N VAL F 112 -4.82 -31.48 -15.17
CA VAL F 112 -5.45 -31.24 -13.87
C VAL F 112 -4.46 -31.36 -12.70
N LEU F 113 -3.65 -32.40 -12.64
CA LEU F 113 -2.60 -32.53 -11.64
C LEU F 113 -1.63 -31.35 -11.63
N GLY F 114 -1.28 -30.88 -12.81
CA GLY F 114 -0.47 -29.70 -12.96
C GLY F 114 -1.15 -28.54 -12.33
N THR F 115 -2.30 -28.20 -12.88
CA THR F 115 -2.94 -26.98 -12.45
C THR F 115 -3.44 -27.13 -10.98
N VAL F 116 -3.29 -28.32 -10.39
CA VAL F 116 -3.54 -28.49 -8.97
C VAL F 116 -2.33 -28.08 -8.22
N GLY F 117 -1.25 -28.76 -8.60
CA GLY F 117 0.02 -28.59 -7.96
C GLY F 117 0.35 -27.12 -7.92
N ILE F 118 -0.08 -26.38 -8.96
CA ILE F 118 0.15 -24.93 -9.03
C ILE F 118 -0.60 -24.07 -8.02
N ALA F 119 -1.82 -24.44 -7.70
CA ALA F 119 -2.51 -23.70 -6.65
C ALA F 119 -1.78 -24.02 -5.31
N VAL F 120 -1.08 -25.17 -5.30
CA VAL F 120 -0.32 -25.57 -4.12
C VAL F 120 0.97 -24.77 -3.98
N ALA F 121 1.69 -24.64 -5.10
CA ALA F 121 2.93 -23.84 -5.20
C ALA F 121 2.61 -22.50 -4.66
N LEU F 122 1.41 -22.07 -4.98
CA LEU F 122 0.99 -20.77 -4.55
C LEU F 122 0.62 -20.54 -3.09
N ALA F 123 0.00 -21.54 -2.46
CA ALA F 123 -0.39 -21.35 -1.08
C ALA F 123 0.84 -21.18 -0.23
N LEU F 124 1.90 -21.87 -0.63
CA LEU F 124 3.11 -21.96 0.15
C LEU F 124 4.16 -21.05 -0.32
N LYS F 125 3.78 -20.00 -1.00
CA LYS F 125 4.76 -19.12 -1.53
C LYS F 125 5.39 -18.38 -0.36
N ASP F 126 4.54 -17.69 0.37
CA ASP F 126 4.85 -16.87 1.51
C ASP F 126 5.45 -17.54 2.74
N TYR F 127 5.03 -18.77 2.96
CA TYR F 127 5.59 -19.61 4.00
C TYR F 127 7.02 -20.12 3.74
N LEU F 128 7.19 -20.65 2.56
CA LEU F 128 8.46 -21.08 2.06
C LEU F 128 9.45 -19.89 1.82
N SER F 129 8.94 -18.68 1.85
CA SER F 129 9.80 -17.53 1.68
C SER F 129 10.15 -17.03 3.08
N SER F 130 9.42 -17.52 4.07
CA SER F 130 9.88 -17.30 5.45
C SER F 130 10.99 -18.32 5.70
N ILE F 131 10.84 -19.53 5.16
CA ILE F 131 11.86 -20.57 5.29
C ILE F 131 13.16 -20.21 4.67
N ALA F 132 13.17 -19.99 3.38
CA ALA F 132 14.42 -19.55 2.81
C ALA F 132 14.76 -18.15 3.26
N GLY F 133 13.82 -17.48 3.93
CA GLY F 133 14.17 -16.23 4.60
C GLY F 133 15.16 -16.52 5.70
N GLY F 134 14.80 -17.46 6.56
CA GLY F 134 15.67 -17.94 7.63
C GLY F 134 16.95 -18.54 7.08
N ILE F 135 16.89 -19.38 6.05
CA ILE F 135 18.09 -19.95 5.47
C ILE F 135 19.13 -18.91 5.13
N ILE F 136 18.69 -17.87 4.44
CA ILE F 136 19.55 -16.73 4.12
C ILE F 136 19.97 -15.95 5.38
N LEU F 137 19.08 -15.80 6.35
CA LEU F 137 19.39 -15.05 7.59
C LEU F 137 20.50 -15.67 8.47
N ILE F 138 20.37 -16.98 8.63
CA ILE F 138 21.26 -17.81 9.39
C ILE F 138 22.57 -17.79 8.65
N ILE F 139 22.52 -18.00 7.35
CA ILE F 139 23.76 -18.22 6.61
C ILE F 139 24.56 -16.94 6.42
N LEU F 140 23.93 -15.84 6.06
CA LEU F 140 24.66 -14.60 5.73
C LEU F 140 24.67 -13.57 6.85
N HIS F 141 24.44 -13.99 8.07
CA HIS F 141 23.98 -13.06 9.06
C HIS F 141 24.82 -11.78 9.26
N PRO F 142 24.16 -10.61 9.22
CA PRO F 142 24.67 -9.36 9.79
C PRO F 142 23.99 -9.13 11.12
N PHE F 143 23.41 -10.22 11.56
CA PHE F 143 22.74 -10.26 12.84
C PHE F 143 22.87 -11.65 13.53
N LYS F 144 23.03 -11.68 14.85
CA LYS F 144 23.15 -12.97 15.54
C LYS F 144 22.58 -12.81 16.93
N LYS F 145 22.24 -13.91 17.60
CA LYS F 145 21.58 -13.81 18.90
C LYS F 145 22.30 -13.10 20.04
N GLY F 146 21.62 -12.12 20.59
CA GLY F 146 22.10 -11.37 21.72
C GLY F 146 22.20 -9.93 21.30
N ASP F 147 22.20 -9.69 19.99
CA ASP F 147 22.27 -8.32 19.48
C ASP F 147 20.94 -7.68 19.80
N ILE F 148 20.91 -6.36 19.86
CA ILE F 148 19.60 -5.73 19.98
C ILE F 148 19.39 -5.02 18.68
N ILE F 149 18.17 -5.09 18.14
CA ILE F 149 17.87 -4.31 16.94
C ILE F 149 16.58 -3.57 16.92
N GLU F 150 16.32 -2.94 15.78
CA GLU F 150 15.12 -2.15 15.54
C GLU F 150 14.48 -2.49 14.18
N ILE F 151 13.92 -3.68 14.07
CA ILE F 151 13.16 -4.11 12.94
C ILE F 151 11.81 -3.41 12.77
N SER F 152 11.67 -2.55 11.77
CA SER F 152 10.38 -1.85 11.51
C SER F 152 9.80 -1.06 12.69
N GLY F 153 10.61 -0.31 13.43
CA GLY F 153 10.09 0.45 14.56
C GLY F 153 9.97 -0.27 15.90
N LEU F 154 10.14 -1.59 15.88
CA LEU F 154 9.99 -2.47 17.05
C LEU F 154 11.35 -2.89 17.60
N GLU F 155 11.86 -2.27 18.66
CA GLU F 155 13.22 -2.60 19.09
C GLU F 155 13.25 -3.58 20.26
N GLY F 156 14.06 -4.63 20.14
CA GLY F 156 14.24 -5.59 21.22
C GLY F 156 15.46 -6.49 21.04
N LYS F 157 15.88 -7.11 22.14
CA LYS F 157 16.97 -8.08 22.04
C LYS F 157 16.45 -9.38 21.53
N VAL F 158 17.25 -10.00 20.67
CA VAL F 158 16.87 -11.24 19.98
C VAL F 158 16.97 -12.48 20.89
N GLU F 159 15.94 -13.33 20.83
CA GLU F 159 15.84 -14.54 21.60
C GLU F 159 15.74 -15.81 20.81
N ALA F 160 15.27 -15.74 19.57
CA ALA F 160 15.02 -16.95 18.76
C ALA F 160 15.17 -16.82 17.26
N LEU F 161 15.79 -17.82 16.64
CA LEU F 161 15.81 -17.94 15.18
C LEU F 161 15.22 -19.31 14.81
N ASN F 162 13.90 -19.28 14.73
CA ASN F 162 13.02 -20.37 14.42
C ASN F 162 13.25 -20.69 12.90
N PHE F 163 12.69 -21.82 12.50
CA PHE F 163 12.84 -22.20 11.12
C PHE F 163 12.32 -21.08 10.14
N PHE F 164 11.09 -20.65 10.40
CA PHE F 164 10.37 -19.49 9.83
C PHE F 164 10.27 -18.22 10.61
N ASN F 165 10.46 -18.29 11.92
CA ASN F 165 10.18 -17.19 12.82
C ASN F 165 11.34 -16.75 13.49
N THR F 166 11.28 -15.52 13.92
CA THR F 166 12.32 -14.87 14.69
C THR F 166 11.75 -14.38 16.00
N SER F 167 12.41 -14.42 17.13
CA SER F 167 11.66 -13.98 18.30
C SER F 167 12.42 -12.84 19.00
N LEU F 168 11.77 -11.75 19.42
CA LEU F 168 12.47 -10.77 20.24
C LEU F 168 11.83 -10.71 21.59
N ARG F 169 12.63 -10.68 22.66
CA ARG F 169 12.09 -10.23 23.96
C ARG F 169 12.35 -8.70 23.99
N LEU F 170 11.23 -7.97 24.00
CA LEU F 170 11.16 -6.52 23.88
C LEU F 170 11.72 -5.90 25.14
N HIS F 171 11.97 -4.58 25.14
CA HIS F 171 12.20 -3.87 26.40
C HIS F 171 10.92 -3.88 27.19
N ASP F 172 9.83 -4.16 26.51
CA ASP F 172 8.56 -4.38 27.18
C ASP F 172 8.71 -5.68 28.00
N GLY F 173 9.38 -6.67 27.42
CA GLY F 173 9.53 -7.97 28.05
C GLY F 173 8.58 -9.07 27.57
N ARG F 174 7.68 -8.75 26.65
CA ARG F 174 6.96 -9.82 26.01
C ARG F 174 7.80 -10.28 24.88
N LEU F 175 7.44 -11.41 24.26
CA LEU F 175 8.22 -11.95 23.13
C LEU F 175 7.47 -11.90 21.85
N ALA F 176 7.86 -10.98 20.96
CA ALA F 176 7.29 -10.89 19.61
C ALA F 176 7.87 -12.03 18.78
N VAL F 177 7.10 -12.57 17.84
CA VAL F 177 7.43 -13.68 16.95
C VAL F 177 7.31 -13.30 15.47
N LEU F 178 8.34 -12.63 14.99
CA LEU F 178 8.42 -12.06 13.67
C LEU F 178 8.74 -13.00 12.56
N PRO F 179 7.80 -13.30 11.62
CA PRO F 179 8.08 -14.32 10.58
C PRO F 179 9.28 -13.95 9.68
N ASN F 180 10.18 -14.91 9.39
CA ASN F 180 11.50 -14.64 8.76
C ASN F 180 11.35 -13.81 7.50
N ARG F 181 10.28 -14.10 6.75
CA ARG F 181 9.90 -13.41 5.52
C ARG F 181 9.99 -11.90 5.62
N SER F 182 9.43 -11.42 6.74
CA SER F 182 9.33 -10.01 7.13
C SER F 182 10.62 -9.34 7.40
N VAL F 183 11.44 -10.12 8.10
CA VAL F 183 12.70 -9.70 8.66
C VAL F 183 13.78 -9.54 7.65
N ALA F 184 13.92 -10.59 6.83
CA ALA F 184 14.96 -10.72 5.81
C ALA F 184 14.87 -9.57 4.80
N ASN F 185 13.74 -8.87 4.76
CA ASN F 185 13.57 -7.80 3.80
C ASN F 185 13.42 -6.37 4.31
N SER F 186 13.28 -6.20 5.59
CA SER F 186 13.14 -4.86 6.09
C SER F 186 14.50 -4.38 6.50
N ASN F 187 14.60 -3.09 6.83
CA ASN F 187 15.85 -2.51 7.32
C ASN F 187 16.13 -2.99 8.74
N ILE F 188 17.09 -3.91 8.84
CA ILE F 188 17.55 -4.41 10.09
C ILE F 188 18.53 -3.50 10.77
N ILE F 189 18.12 -2.78 11.82
CA ILE F 189 19.01 -1.83 12.47
C ILE F 189 19.70 -2.34 13.77
N ASN F 190 20.92 -2.80 13.59
CA ASN F 190 21.75 -3.39 14.65
C ASN F 190 22.23 -2.20 15.50
N SER F 191 22.04 -2.29 16.82
CA SER F 191 22.48 -1.23 17.74
C SER F 191 23.74 -1.72 18.40
N ASN F 192 23.82 -3.04 18.47
CA ASN F 192 24.91 -3.77 19.09
C ASN F 192 26.21 -3.86 18.28
N ASN F 193 26.13 -3.59 16.98
CA ASN F 193 27.22 -3.89 16.09
C ASN F 193 28.24 -2.70 16.10
N THR F 194 27.80 -1.56 16.65
CA THR F 194 28.72 -0.43 16.94
C THR F 194 28.68 0.04 18.40
N ALA F 195 29.85 0.15 19.05
CA ALA F 195 29.95 0.30 20.51
C ALA F 195 29.51 1.64 21.14
N CYS F 196 29.41 2.71 20.36
CA CYS F 196 29.00 4.07 20.85
C CYS F 196 27.85 4.71 20.13
N ARG F 197 26.97 5.40 20.86
CA ARG F 197 25.77 6.04 20.24
C ARG F 197 25.51 7.49 20.65
N ARG F 198 25.06 8.28 19.69
CA ARG F 198 24.77 9.70 19.93
C ARG F 198 23.53 9.81 20.78
N ILE F 199 23.40 10.98 21.39
CA ILE F 199 22.31 11.39 22.28
C ILE F 199 21.91 12.78 21.94
N GLU F 200 20.64 13.12 22.17
CA GLU F 200 20.17 14.46 21.83
C GLU F 200 19.12 15.14 22.67
N TRP F 201 19.25 16.46 22.62
CA TRP F 201 18.26 17.49 23.03
C TRP F 201 17.89 18.64 22.18
N VAL F 202 16.77 19.21 22.63
CA VAL F 202 16.37 20.54 22.34
C VAL F 202 15.96 21.17 23.65
N CYS F 203 16.93 21.54 24.47
CA CYS F 203 16.70 22.19 25.79
C CYS F 203 16.38 23.69 25.70
N GLY F 204 15.09 24.00 25.87
CA GLY F 204 14.59 25.36 25.87
C GLY F 204 15.14 26.16 27.02
N VAL F 205 15.69 27.34 26.73
CA VAL F 205 16.14 28.29 27.76
C VAL F 205 15.28 29.54 27.90
N GLY F 206 15.63 30.43 28.84
CA GLY F 206 14.99 31.74 28.92
C GLY F 206 15.41 32.18 27.57
N TYR F 207 14.43 32.75 26.87
CA TYR F 207 14.63 33.19 25.51
C TYR F 207 15.53 34.48 25.52
N GLY F 208 15.76 35.04 26.70
CA GLY F 208 16.60 36.22 26.91
C GLY F 208 18.04 36.04 27.45
N SER F 209 18.46 34.80 27.78
CA SER F 209 19.83 34.45 28.25
C SER F 209 20.94 34.52 27.13
N ASP F 210 22.23 34.48 27.48
CA ASP F 210 23.26 34.78 26.45
C ASP F 210 23.76 33.54 25.68
N ILE F 211 24.06 33.80 24.41
CA ILE F 211 24.53 32.84 23.42
C ILE F 211 25.69 31.99 23.92
N GLU F 212 26.42 32.53 24.89
CA GLU F 212 27.64 31.92 25.42
C GLU F 212 27.53 31.59 26.89
N LEU F 213 26.59 32.23 27.58
CA LEU F 213 26.36 31.92 28.99
C LEU F 213 26.02 30.46 29.13
N VAL F 214 24.88 30.14 28.55
CA VAL F 214 24.40 28.78 28.49
C VAL F 214 25.39 27.88 27.72
N HIS F 215 26.04 28.45 26.70
CA HIS F 215 27.02 27.72 25.87
C HIS F 215 28.22 27.22 26.73
N LYS F 216 28.36 27.84 27.91
CA LYS F 216 29.40 27.43 28.81
C LYS F 216 28.80 26.66 29.93
N THR F 217 27.60 27.00 30.42
CA THR F 217 27.01 26.20 31.53
C THR F 217 26.84 24.73 31.11
N ILE F 218 26.38 24.54 29.88
CA ILE F 218 26.35 23.19 29.30
C ILE F 218 27.75 22.65 29.02
N LYS F 219 28.66 23.41 28.37
CA LYS F 219 30.02 22.91 28.16
C LYS F 219 30.70 22.49 29.50
N ASP F 220 30.18 23.01 30.61
CA ASP F 220 30.67 22.67 31.94
C ASP F 220 30.00 21.44 32.47
N VAL F 221 28.68 21.35 32.33
CA VAL F 221 27.96 20.16 32.82
C VAL F 221 28.35 18.89 32.00
N ILE F 222 28.66 19.08 30.71
CA ILE F 222 29.21 18.03 29.84
C ILE F 222 30.43 17.37 30.46
N ASP F 223 31.39 18.22 30.83
CA ASP F 223 32.62 17.74 31.37
C ASP F 223 32.39 17.06 32.71
N THR F 224 31.54 17.67 33.57
CA THR F 224 31.29 17.16 34.93
C THR F 224 30.68 15.77 34.86
N MET F 225 30.32 15.34 33.65
CA MET F 225 29.70 14.04 33.54
C MET F 225 30.80 12.99 33.40
N GLU F 226 30.50 11.97 34.21
CA GLU F 226 31.28 10.78 34.38
C GLU F 226 31.12 9.85 33.22
N LYS F 227 29.86 9.72 32.82
CA LYS F 227 29.46 8.90 31.70
C LYS F 227 29.45 9.73 30.39
N ILE F 228 30.60 10.11 29.86
CA ILE F 228 30.67 10.90 28.63
C ILE F 228 31.96 10.79 27.89
N ASP F 229 31.92 10.84 26.58
CA ASP F 229 33.14 10.71 25.82
C ASP F 229 33.62 12.09 25.34
N LYS F 230 34.92 12.29 25.41
CA LYS F 230 35.55 13.52 24.94
C LYS F 230 36.19 13.37 23.55
N ASN F 231 36.58 12.13 23.20
CA ASN F 231 37.08 11.76 21.87
C ASN F 231 35.94 11.92 20.84
N MET F 232 34.69 11.68 21.28
CA MET F 232 33.51 11.95 20.42
C MET F 232 33.03 13.38 20.63
N PRO F 233 32.87 14.12 19.53
CA PRO F 233 32.53 15.55 19.63
C PRO F 233 31.20 15.83 20.34
N THR F 234 31.03 17.09 20.75
CA THR F 234 29.73 17.61 21.19
C THR F 234 29.32 18.89 20.36
N PHE F 235 28.13 18.89 19.70
CA PHE F 235 27.63 20.09 18.96
C PHE F 235 26.51 20.82 19.66
N ILE F 236 26.88 21.73 20.56
CA ILE F 236 25.91 22.45 21.38
C ILE F 236 25.74 23.92 21.05
N GLY F 237 24.85 24.17 20.11
CA GLY F 237 24.50 25.51 19.71
C GLY F 237 23.03 25.77 19.70
N ILE F 238 22.68 27.03 19.45
CA ILE F 238 21.31 27.45 19.22
C ILE F 238 20.73 26.89 17.95
N THR F 239 19.85 25.93 18.14
CA THR F 239 19.23 25.31 17.00
C THR F 239 18.14 26.13 16.35
N ASP F 240 17.20 26.65 17.14
CA ASP F 240 16.16 27.47 16.53
C ASP F 240 15.41 28.40 17.46
N PHE F 241 14.90 29.45 16.81
CA PHE F 241 14.02 30.40 17.42
C PHE F 241 12.87 29.56 17.88
N GLY F 242 12.47 29.69 19.14
CA GLY F 242 11.27 29.02 19.60
C GLY F 242 10.05 29.94 19.67
N SER F 243 8.88 29.35 19.85
CA SER F 243 7.69 30.13 20.09
C SER F 243 7.63 30.89 21.43
N SER F 244 7.95 30.22 22.51
CA SER F 244 7.88 30.85 23.80
C SER F 244 9.23 30.72 24.55
N SER F 245 10.10 29.89 23.98
CA SER F 245 11.41 29.56 24.55
C SER F 245 12.44 29.51 23.43
N LEU F 246 13.69 29.84 23.72
CA LEU F 246 14.75 29.56 22.77
C LEU F 246 15.25 28.11 22.95
N ASN F 247 15.56 27.49 21.83
CA ASN F 247 15.87 26.07 21.83
C ASN F 247 17.31 25.70 21.51
N PHE F 248 17.98 25.06 22.49
CA PHE F 248 19.36 24.58 22.29
C PHE F 248 19.44 23.09 22.00
N THR F 249 20.04 22.71 20.88
CA THR F 249 20.35 21.32 20.68
C THR F 249 21.55 20.96 21.45
N ILE F 250 21.50 19.77 22.01
CA ILE F 250 22.70 19.18 22.58
C ILE F 250 22.95 17.84 21.87
N ARG F 251 24.05 17.73 21.11
CA ARG F 251 24.45 16.47 20.47
C ARG F 251 25.57 16.03 21.38
N VAL F 252 25.49 14.83 22.00
CA VAL F 252 26.63 14.25 22.80
C VAL F 252 26.87 12.76 22.55
N TRP F 253 28.08 12.22 22.71
CA TRP F 253 28.15 10.76 22.58
C TRP F 253 28.35 9.98 23.87
N ALA F 254 27.98 8.68 23.86
CA ALA F 254 28.19 7.82 25.04
C ALA F 254 28.38 6.32 24.62
N LYS F 255 28.60 5.50 25.63
CA LYS F 255 28.88 4.10 25.40
C LYS F 255 27.69 3.22 25.67
N ILE F 256 27.55 2.16 24.88
CA ILE F 256 26.38 1.29 24.82
C ILE F 256 26.21 0.59 26.17
N GLU F 257 27.35 0.42 26.83
CA GLU F 257 27.50 -0.38 28.03
C GLU F 257 26.64 0.06 29.21
N ASP F 258 26.56 1.35 29.51
CA ASP F 258 25.81 1.74 30.69
C ASP F 258 24.61 2.58 30.30
N GLY F 259 24.61 3.07 29.08
CA GLY F 259 23.60 4.05 28.75
C GLY F 259 22.07 4.05 28.56
N ILE F 260 21.54 3.15 27.71
CA ILE F 260 20.11 2.90 27.29
C ILE F 260 19.95 4.44 27.03
N PHE F 261 18.82 4.81 27.60
CA PHE F 261 18.20 6.07 27.95
C PHE F 261 18.68 6.73 29.22
N ASN F 262 19.26 5.94 30.11
CA ASN F 262 19.76 6.34 31.46
C ASN F 262 20.62 7.63 31.47
N VAL F 263 21.80 7.56 30.82
CA VAL F 263 22.69 8.71 30.68
C VAL F 263 21.97 10.01 30.32
N ARG F 264 20.99 9.92 29.43
CA ARG F 264 20.24 11.11 29.04
C ARG F 264 19.43 11.66 30.18
N SER F 265 18.92 10.75 31.00
CA SER F 265 18.11 11.17 32.11
C SER F 265 19.01 11.84 33.15
N GLU F 266 20.21 11.32 33.40
CA GLU F 266 21.06 12.06 34.35
C GLU F 266 21.59 13.36 33.74
N LEU F 267 21.89 13.35 32.43
CA LEU F 267 22.39 14.54 31.75
C LEU F 267 21.46 15.67 31.95
N ILE F 268 20.19 15.35 31.78
CA ILE F 268 19.23 16.38 32.04
C ILE F 268 19.16 16.73 33.56
N GLU F 269 19.34 15.76 34.46
CA GLU F 269 19.20 16.07 35.86
C GLU F 269 20.28 17.05 36.33
N ARG F 270 21.39 17.12 35.58
CA ARG F 270 22.49 18.05 35.90
C ARG F 270 22.34 19.33 35.07
N ILE F 271 21.94 19.26 33.80
CA ILE F 271 21.62 20.49 33.07
C ILE F 271 20.39 21.19 33.61
N LYS F 272 19.69 20.55 34.52
CA LYS F 272 18.73 21.27 35.35
C LYS F 272 19.40 21.78 36.58
N ASN F 273 20.02 20.87 37.32
CA ASN F 273 20.68 21.32 38.52
C ASN F 273 21.55 22.57 38.26
N ALA F 274 22.09 22.72 37.06
CA ALA F 274 22.92 23.87 36.71
C ALA F 274 22.13 25.01 36.07
N LEU F 275 21.31 24.76 35.05
CA LEU F 275 20.53 25.89 34.47
C LEU F 275 19.59 26.56 35.41
N ASP F 276 19.06 25.78 36.34
CA ASP F 276 18.21 26.28 37.42
C ASP F 276 19.06 27.16 38.33
N ALA F 277 20.33 26.75 38.46
CA ALA F 277 21.26 27.41 39.36
C ALA F 277 21.84 28.74 38.86
N ASN F 278 21.92 28.96 37.56
CA ASN F 278 22.62 30.15 37.05
C ASN F 278 21.68 31.34 36.80
N HIS F 279 20.53 31.33 37.47
CA HIS F 279 19.55 32.40 37.30
C HIS F 279 19.25 32.57 35.79
N ILE F 280 19.36 31.45 35.07
CA ILE F 280 19.01 31.26 33.66
C ILE F 280 17.61 30.66 33.63
N GLU F 281 16.64 31.33 32.99
CA GLU F 281 15.22 30.89 33.00
C GLU F 281 14.82 29.81 32.03
N ILE F 282 14.08 28.80 32.47
CA ILE F 282 13.40 27.99 31.49
C ILE F 282 11.96 28.43 31.42
N PRO F 283 11.49 28.90 30.25
CA PRO F 283 10.20 29.62 30.31
C PRO F 283 8.99 28.69 30.14
N PHE F 284 7.91 28.97 30.87
CA PHE F 284 6.58 28.45 30.58
C PHE F 284 6.15 29.25 29.41
N ASN F 285 5.23 28.71 28.63
CA ASN F 285 4.86 29.34 27.39
C ASN F 285 4.54 30.80 27.52
N LYS F 286 5.30 31.62 26.81
CA LYS F 286 5.13 33.05 26.89
C LYS F 286 4.15 33.54 25.82
N LEU F 287 3.38 34.54 26.23
CA LEU F 287 2.26 35.08 25.47
C LEU F 287 2.15 36.58 25.68
N ASP F 288 2.07 37.31 24.56
CA ASP F 288 2.06 38.78 24.57
C ASP F 288 0.61 39.30 24.34
N ILE F 289 -0.13 39.52 25.43
CA ILE F 289 -1.53 39.96 25.30
C ILE F 289 -1.66 41.42 25.00
N ALA F 290 -2.41 41.73 23.96
CA ALA F 290 -2.78 43.11 23.77
C ALA F 290 -4.26 43.21 24.11
N ILE F 291 -4.69 44.32 24.70
CA ILE F 291 -6.09 44.43 25.12
C ILE F 291 -6.75 45.66 24.52
N LYS F 292 -8.00 45.47 24.10
CA LYS F 292 -8.88 46.47 23.49
C LYS F 292 -10.32 46.08 23.66
N ASN F 293 -11.21 47.02 23.97
CA ASN F 293 -12.61 46.66 24.19
C ASN F 293 -13.49 46.98 22.96
N GLN F 294 -14.69 46.40 22.94
CA GLN F 294 -15.63 46.58 21.84
C GLN F 294 -17.09 46.53 22.28
N PHE G 42 12.85 -60.86 -22.55
CA PHE G 42 12.41 -59.55 -22.03
C PHE G 42 13.46 -58.69 -21.30
N GLY G 43 14.57 -59.29 -20.96
CA GLY G 43 15.54 -58.70 -20.06
C GLY G 43 16.37 -57.41 -20.09
N ILE G 44 16.89 -57.02 -21.27
CA ILE G 44 17.79 -55.84 -21.39
C ILE G 44 17.26 -54.55 -20.80
N ILE G 45 16.03 -54.15 -21.08
CA ILE G 45 15.46 -52.95 -20.47
C ILE G 45 15.61 -53.00 -18.96
N LEU G 46 15.08 -54.10 -18.44
CA LEU G 46 14.99 -54.46 -17.02
C LEU G 46 16.36 -54.38 -16.31
N ILE G 47 17.39 -54.47 -17.14
CA ILE G 47 18.77 -54.51 -16.70
C ILE G 47 19.43 -53.14 -16.91
N LYS G 48 19.20 -52.57 -18.10
CA LYS G 48 19.63 -51.25 -18.57
C LYS G 48 19.19 -50.23 -17.54
N ALA G 49 18.13 -50.58 -16.82
CA ALA G 49 17.63 -49.71 -15.78
C ALA G 49 18.56 -49.62 -14.61
N VAL G 50 18.86 -50.73 -13.99
CA VAL G 50 19.77 -50.71 -12.87
C VAL G 50 21.22 -50.45 -13.32
N ILE G 51 21.46 -50.59 -14.61
CA ILE G 51 22.70 -50.15 -15.22
C ILE G 51 22.80 -48.64 -15.08
N VAL G 52 21.83 -47.97 -15.70
CA VAL G 52 21.71 -46.51 -15.73
C VAL G 52 21.56 -45.88 -14.37
N PHE G 53 20.55 -46.38 -13.69
CA PHE G 53 20.18 -45.93 -12.39
C PHE G 53 21.33 -45.85 -11.41
N CYS G 54 22.21 -46.83 -11.48
CA CYS G 54 23.37 -46.87 -10.60
C CYS G 54 24.48 -46.03 -11.20
N ILE G 55 24.62 -46.09 -12.51
CA ILE G 55 25.64 -45.31 -13.22
C ILE G 55 25.58 -43.84 -12.74
N GLY G 56 24.38 -43.30 -12.74
CA GLY G 56 24.21 -41.94 -12.26
C GLY G 56 24.22 -41.86 -10.74
N PHE G 57 23.71 -42.93 -10.16
CA PHE G 57 23.50 -42.98 -8.71
C PHE G 57 24.83 -42.81 -7.93
N TYR G 58 25.90 -43.33 -8.50
CA TYR G 58 27.23 -43.01 -7.99
C TYR G 58 27.53 -41.49 -8.11
N PHE G 59 27.16 -40.98 -9.29
CA PHE G 59 27.47 -39.60 -9.66
C PHE G 59 26.77 -38.63 -8.65
N SER G 60 25.92 -39.22 -7.80
CA SER G 60 25.34 -38.50 -6.62
C SER G 60 26.43 -38.34 -5.51
N PHE G 61 27.24 -39.36 -5.26
CA PHE G 61 28.39 -39.16 -4.39
C PHE G 61 29.38 -38.14 -4.97
N PHE G 62 29.85 -38.33 -6.21
CA PHE G 62 30.90 -37.38 -6.73
C PHE G 62 30.38 -35.93 -6.86
N LEU G 63 29.07 -35.73 -6.93
CA LEU G 63 28.61 -34.33 -6.98
C LEU G 63 27.99 -33.90 -5.67
N ARG G 64 27.91 -34.80 -4.71
CA ARG G 64 27.62 -34.33 -3.38
C ARG G 64 28.93 -33.89 -2.76
N ASN G 65 29.94 -34.60 -3.16
CA ASN G 65 31.31 -34.35 -2.75
C ASN G 65 32.25 -33.55 -3.71
N LYS G 66 31.72 -32.95 -4.79
CA LYS G 66 32.44 -31.90 -5.56
C LYS G 66 31.62 -30.63 -5.37
N THR G 67 30.54 -30.82 -4.61
CA THR G 67 29.75 -29.75 -4.05
C THR G 67 30.47 -29.46 -2.74
N MET G 68 30.62 -30.51 -1.95
CA MET G 68 31.40 -30.45 -0.73
C MET G 68 32.89 -30.16 -1.05
N LYS G 69 33.36 -30.42 -2.26
CA LYS G 69 34.78 -30.19 -2.57
C LYS G 69 35.17 -28.78 -2.97
N LEU G 70 34.50 -28.18 -3.96
CA LEU G 70 34.99 -26.86 -4.30
C LEU G 70 34.24 -25.72 -3.56
N LEU G 71 33.20 -26.06 -2.79
CA LEU G 71 32.44 -25.08 -1.97
C LEU G 71 32.32 -25.19 -0.44
N SER G 72 32.27 -26.42 0.10
CA SER G 72 32.11 -26.56 1.57
C SER G 72 33.21 -26.02 2.44
N LYS G 73 33.03 -26.17 3.76
CA LYS G 73 34.02 -25.79 4.78
C LYS G 73 33.95 -24.26 5.07
N LYS G 74 32.92 -23.59 4.56
CA LYS G 74 32.60 -22.13 4.70
C LYS G 74 31.65 -22.23 5.87
N ASP G 75 30.73 -23.20 5.89
CA ASP G 75 29.83 -23.27 7.04
C ASP G 75 29.13 -24.66 6.98
N GLU G 76 28.58 -25.11 8.13
CA GLU G 76 27.86 -26.39 8.32
C GLU G 76 26.53 -26.40 7.60
N ILE G 77 25.85 -25.28 7.84
CA ILE G 77 24.64 -24.84 7.19
C ILE G 77 24.83 -24.87 5.65
N LEU G 78 25.81 -24.12 5.16
CA LEU G 78 26.09 -24.02 3.72
C LEU G 78 26.62 -25.31 3.07
N ALA G 79 27.50 -26.03 3.80
CA ALA G 79 28.15 -27.19 3.21
C ALA G 79 27.17 -28.33 3.18
N ASN G 80 26.23 -28.36 4.12
CA ASN G 80 25.27 -29.46 4.08
C ASN G 80 23.96 -29.06 3.48
N PHE G 81 23.85 -27.78 3.10
CA PHE G 81 22.68 -27.37 2.37
C PHE G 81 22.93 -27.50 0.85
N VAL G 82 24.04 -26.94 0.34
CA VAL G 82 24.34 -27.15 -1.09
C VAL G 82 24.74 -28.62 -1.33
N ALA G 83 25.23 -29.30 -0.29
CA ALA G 83 25.43 -30.73 -0.47
C ALA G 83 24.21 -31.56 -0.17
N GLN G 84 23.20 -31.02 0.47
CA GLN G 84 22.01 -31.86 0.55
C GLN G 84 21.15 -31.68 -0.73
N VAL G 85 20.76 -30.45 -1.01
CA VAL G 85 20.05 -30.14 -2.23
C VAL G 85 20.72 -30.59 -3.52
N THR G 86 22.01 -30.27 -3.77
CA THR G 86 22.57 -30.65 -5.08
C THR G 86 22.49 -32.15 -5.21
N PHE G 87 22.65 -32.77 -4.06
CA PHE G 87 22.54 -34.20 -4.01
C PHE G 87 21.12 -34.72 -4.36
N ILE G 88 20.14 -34.48 -3.46
CA ILE G 88 18.77 -35.00 -3.56
C ILE G 88 18.16 -34.75 -4.96
N LEU G 89 18.62 -33.64 -5.54
CA LEU G 89 18.22 -33.23 -6.89
C LEU G 89 18.75 -34.14 -7.96
N ILE G 90 20.09 -34.33 -7.94
CA ILE G 90 20.83 -35.22 -8.87
C ILE G 90 20.37 -36.66 -8.74
N LEU G 91 19.76 -36.90 -7.59
CA LEU G 91 19.13 -38.16 -7.28
C LEU G 91 17.81 -38.37 -7.97
N ILE G 92 16.93 -37.37 -7.80
CA ILE G 92 15.59 -37.40 -8.36
C ILE G 92 15.59 -37.25 -9.89
N ILE G 93 16.63 -36.62 -10.39
CA ILE G 93 16.85 -36.64 -11.80
C ILE G 93 17.26 -38.05 -12.26
N THR G 94 18.11 -38.72 -11.47
CA THR G 94 18.54 -40.09 -11.83
C THR G 94 17.43 -41.15 -11.72
N THR G 95 16.62 -41.07 -10.70
CA THR G 95 15.48 -41.94 -10.67
C THR G 95 14.59 -41.74 -11.91
N ILE G 96 14.13 -40.50 -12.12
CA ILE G 96 13.29 -40.23 -13.28
C ILE G 96 13.85 -40.74 -14.58
N ILE G 97 15.13 -40.48 -14.80
CA ILE G 97 15.81 -40.92 -16.01
C ILE G 97 15.85 -42.47 -16.14
N ALA G 98 16.05 -43.12 -15.00
CA ALA G 98 16.16 -44.57 -14.96
C ALA G 98 14.79 -45.20 -15.24
N LEU G 99 13.72 -44.54 -14.79
CA LEU G 99 12.38 -45.03 -15.11
C LEU G 99 12.05 -44.74 -16.55
N SER G 100 12.79 -43.81 -17.13
CA SER G 100 12.51 -43.47 -18.52
C SER G 100 13.11 -44.54 -19.40
N THR G 101 14.26 -45.08 -19.04
CA THR G 101 14.84 -46.12 -19.89
C THR G 101 14.00 -47.38 -19.92
N LEU G 102 13.22 -47.60 -18.86
CA LEU G 102 12.27 -48.74 -18.79
C LEU G 102 11.01 -48.59 -19.63
N GLY G 103 10.69 -47.35 -20.05
CA GLY G 103 9.52 -47.10 -20.89
C GLY G 103 8.28 -46.55 -20.18
N VAL G 104 8.51 -46.09 -18.96
CA VAL G 104 7.51 -45.51 -18.08
C VAL G 104 7.14 -44.03 -18.37
N GLN G 105 5.86 -43.63 -18.23
CA GLN G 105 5.50 -42.25 -18.47
C GLN G 105 5.99 -41.31 -17.36
N THR G 106 7.02 -40.54 -17.64
CA THR G 106 7.59 -39.67 -16.61
C THR G 106 6.98 -38.25 -16.70
N THR G 107 5.91 -38.13 -17.48
CA THR G 107 5.28 -36.84 -17.68
C THR G 107 4.60 -36.50 -16.34
N SER G 108 4.16 -37.54 -15.63
CA SER G 108 3.46 -37.30 -14.38
C SER G 108 4.36 -36.75 -13.22
N ILE G 109 5.54 -37.33 -13.14
CA ILE G 109 6.52 -36.92 -12.18
C ILE G 109 7.15 -35.63 -12.60
N ILE G 110 7.55 -35.49 -13.87
CA ILE G 110 8.11 -34.22 -14.29
C ILE G 110 7.09 -33.10 -13.97
N THR G 111 5.78 -33.29 -14.19
CA THR G 111 4.81 -32.28 -13.76
C THR G 111 4.86 -31.91 -12.30
N VAL G 112 5.09 -32.92 -11.46
CA VAL G 112 5.25 -32.57 -10.08
C VAL G 112 6.56 -31.87 -9.84
N LEU G 113 7.67 -32.36 -10.38
CA LEU G 113 9.01 -31.73 -10.23
C LEU G 113 9.06 -30.30 -10.73
N GLY G 114 8.32 -30.09 -11.78
CA GLY G 114 8.12 -28.77 -12.29
C GLY G 114 7.43 -27.94 -11.25
N THR G 115 6.23 -28.37 -10.91
CA THR G 115 5.44 -27.52 -10.06
C THR G 115 6.02 -27.40 -8.66
N VAL G 116 7.02 -28.18 -8.34
CA VAL G 116 7.78 -27.98 -7.10
C VAL G 116 8.81 -26.90 -7.25
N GLY G 117 9.65 -27.12 -8.26
CA GLY G 117 10.74 -26.25 -8.57
C GLY G 117 10.19 -24.86 -8.68
N ILE G 118 8.95 -24.74 -9.15
CA ILE G 118 8.27 -23.45 -9.24
C ILE G 118 7.94 -22.76 -7.95
N ALA G 119 7.56 -23.55 -6.94
CA ALA G 119 7.31 -22.95 -5.63
C ALA G 119 8.69 -22.51 -5.03
N VAL G 120 9.69 -23.16 -5.58
CA VAL G 120 11.00 -22.79 -5.15
C VAL G 120 11.42 -21.48 -5.80
N ALA G 121 11.20 -21.38 -7.11
CA ALA G 121 11.51 -20.21 -7.94
C ALA G 121 10.93 -19.04 -7.24
N LEU G 122 9.77 -19.31 -6.69
CA LEU G 122 9.06 -18.28 -6.00
C LEU G 122 9.48 -17.85 -4.61
N ALA G 123 9.95 -18.79 -3.83
CA ALA G 123 10.36 -18.33 -2.52
C ALA G 123 11.57 -17.36 -2.63
N LEU G 124 12.43 -17.60 -3.63
CA LEU G 124 13.72 -16.91 -3.77
C LEU G 124 13.65 -15.79 -4.72
N LYS G 125 12.47 -15.26 -4.90
CA LYS G 125 12.32 -14.25 -5.90
C LYS G 125 13.03 -12.99 -5.35
N ASP G 126 12.52 -12.60 -4.21
CA ASP G 126 12.93 -11.44 -3.49
C ASP G 126 14.38 -11.38 -2.99
N TYR G 127 14.89 -12.55 -2.62
CA TYR G 127 16.25 -12.69 -2.18
C TYR G 127 17.22 -12.53 -3.32
N LEU G 128 16.94 -13.26 -4.38
CA LEU G 128 17.75 -13.19 -5.56
C LEU G 128 17.62 -11.83 -6.32
N SER G 129 16.63 -11.03 -5.90
CA SER G 129 16.44 -9.70 -6.46
C SER G 129 17.17 -8.70 -5.57
N SER G 130 17.55 -9.16 -4.37
CA SER G 130 18.50 -8.39 -3.53
C SER G 130 19.92 -8.67 -4.11
N ILE G 131 20.17 -9.90 -4.50
CA ILE G 131 21.42 -10.26 -5.10
C ILE G 131 21.72 -9.52 -6.37
N ALA G 132 20.89 -9.72 -7.39
CA ALA G 132 21.13 -8.97 -8.59
C ALA G 132 20.87 -7.50 -8.36
N GLY G 133 20.28 -7.18 -7.21
CA GLY G 133 20.20 -5.80 -6.79
C GLY G 133 21.59 -5.33 -6.60
N GLY G 134 22.32 -6.05 -5.78
CA GLY G 134 23.69 -5.69 -5.57
C GLY G 134 24.47 -5.72 -6.85
N ILE G 135 24.28 -6.73 -7.65
CA ILE G 135 25.06 -6.82 -8.84
C ILE G 135 25.05 -5.59 -9.73
N ILE G 136 23.84 -5.10 -9.91
CA ILE G 136 23.58 -3.85 -10.59
C ILE G 136 24.18 -2.67 -9.85
N LEU G 137 24.12 -2.72 -8.51
CA LEU G 137 24.58 -1.65 -7.58
C LEU G 137 26.05 -1.37 -7.59
N ILE G 138 26.76 -2.50 -7.57
CA ILE G 138 28.19 -2.57 -7.67
C ILE G 138 28.62 -2.14 -9.05
N ILE G 139 27.98 -2.75 -10.03
CA ILE G 139 28.44 -2.54 -11.38
C ILE G 139 28.22 -1.13 -11.95
N LEU G 140 27.01 -0.59 -11.71
CA LEU G 140 26.55 0.68 -12.29
C LEU G 140 26.66 1.86 -11.38
N HIS G 141 27.40 1.72 -10.30
CA HIS G 141 27.23 2.61 -9.18
C HIS G 141 27.20 4.11 -9.40
N PRO G 142 26.12 4.76 -8.95
CA PRO G 142 26.12 6.22 -8.73
C PRO G 142 26.32 6.50 -7.27
N PHE G 143 26.70 5.42 -6.65
CA PHE G 143 27.04 5.38 -5.27
C PHE G 143 28.26 4.56 -4.90
N LYS G 144 29.13 5.00 -3.98
CA LYS G 144 30.31 4.18 -3.63
C LYS G 144 30.65 4.44 -2.17
N LYS G 145 31.35 3.51 -1.51
CA LYS G 145 31.60 3.63 -0.06
C LYS G 145 32.34 4.87 0.44
N GLY G 146 31.71 5.56 1.38
CA GLY G 146 32.30 6.72 2.00
C GLY G 146 31.38 7.87 1.73
N ASP G 147 30.52 7.68 0.73
CA ASP G 147 29.55 8.72 0.41
C ASP G 147 28.50 8.77 1.56
N ILE G 148 27.83 9.89 1.72
CA ILE G 148 26.73 9.85 2.65
C ILE G 148 25.49 10.00 1.80
N ILE G 149 24.48 9.22 2.15
CA ILE G 149 23.21 9.38 1.48
C ILE G 149 21.95 9.43 2.31
N GLU G 150 20.81 9.54 1.61
CA GLU G 150 19.51 9.58 2.24
C GLU G 150 18.53 8.64 1.58
N ILE G 151 18.77 7.36 1.75
CA ILE G 151 17.83 6.33 1.35
C ILE G 151 16.54 6.21 2.12
N SER G 152 15.43 6.61 1.50
CA SER G 152 14.15 6.52 2.18
C SER G 152 14.04 7.26 3.54
N GLY G 153 14.57 8.48 3.63
CA GLY G 153 14.43 9.22 4.88
C GLY G 153 15.49 8.94 5.92
N LEU G 154 16.27 7.90 5.67
CA LEU G 154 17.30 7.40 6.59
C LEU G 154 18.71 7.83 6.12
N GLU G 155 19.29 8.88 6.70
CA GLU G 155 20.57 9.36 6.17
C GLU G 155 21.76 8.91 7.00
N GLY G 156 22.76 8.37 6.30
CA GLY G 156 23.97 7.91 6.96
C GLY G 156 25.10 7.65 5.98
N LYS G 157 26.32 7.62 6.50
CA LYS G 157 27.46 7.25 5.64
C LYS G 157 27.51 5.75 5.47
N VAL G 158 27.86 5.34 4.26
CA VAL G 158 27.89 3.94 3.88
C VAL G 158 29.11 3.18 4.37
N GLU G 159 28.88 1.99 4.92
CA GLU G 159 29.94 1.13 5.46
C GLU G 159 30.10 -0.23 4.81
N ALA G 160 29.04 -0.70 4.17
CA ALA G 160 29.06 -2.03 3.59
C ALA G 160 28.22 -2.24 2.34
N LEU G 161 28.80 -2.98 1.39
CA LEU G 161 28.10 -3.51 0.23
C LEU G 161 28.27 -5.04 0.23
N ASN G 162 27.44 -5.63 1.08
CA ASN G 162 27.29 -7.05 1.20
C ASN G 162 26.81 -7.64 -0.20
N PHE G 163 26.56 -8.94 -0.19
CA PHE G 163 26.21 -9.60 -1.40
C PHE G 163 24.72 -9.15 -1.67
N PHE G 164 23.93 -9.15 -0.57
CA PHE G 164 22.47 -8.86 -0.51
C PHE G 164 22.14 -7.60 0.21
N ASN G 165 23.04 -7.18 1.05
CA ASN G 165 22.83 -6.14 2.02
C ASN G 165 23.76 -5.04 1.82
N THR G 166 23.44 -3.93 2.44
CA THR G 166 24.10 -2.65 2.33
C THR G 166 24.15 -2.16 3.76
N SER G 167 25.23 -1.53 4.21
CA SER G 167 25.14 -1.14 5.61
C SER G 167 25.48 0.36 5.76
N LEU G 168 24.72 1.09 6.58
CA LEU G 168 25.05 2.48 6.86
C LEU G 168 25.36 2.61 8.30
N ARG G 169 26.42 3.32 8.63
CA ARG G 169 26.55 3.77 10.01
C ARG G 169 25.88 5.15 9.98
N LEU G 170 24.81 5.25 10.74
CA LEU G 170 23.96 6.42 10.81
C LEU G 170 24.71 7.56 11.49
N HIS G 171 24.19 8.78 11.44
CA HIS G 171 24.71 9.79 12.36
C HIS G 171 24.35 9.43 13.81
N ASP G 172 23.40 8.52 13.96
CA ASP G 172 23.13 7.96 15.26
C ASP G 172 24.32 7.15 15.67
N GLY G 173 24.94 6.47 14.74
CA GLY G 173 26.06 5.65 15.08
C GLY G 173 25.76 4.17 15.23
N ARG G 174 24.52 3.76 15.08
CA ARG G 174 24.27 2.34 14.92
C ARG G 174 24.35 2.05 13.45
N LEU G 175 24.39 0.75 13.10
CA LEU G 175 24.54 0.33 11.69
C LEU G 175 23.34 -0.36 11.18
N ALA G 176 22.60 0.34 10.30
CA ALA G 176 21.43 -0.22 9.60
C ALA G 176 21.90 -1.15 8.48
N VAL G 177 21.13 -2.21 8.25
CA VAL G 177 21.44 -3.23 7.24
C VAL G 177 20.36 -3.41 6.24
N LEU G 178 20.37 -2.51 5.27
CA LEU G 178 19.38 -2.38 4.20
C LEU G 178 19.47 -3.34 3.02
N PRO G 179 18.51 -4.26 2.86
CA PRO G 179 18.66 -5.28 1.82
C PRO G 179 18.77 -4.66 0.42
N ASN G 180 19.66 -5.13 -0.47
CA ASN G 180 19.98 -4.48 -1.78
C ASN G 180 18.72 -4.24 -2.60
N ARG G 181 17.77 -5.17 -2.49
CA ARG G 181 16.47 -5.10 -3.16
C ARG G 181 15.80 -3.78 -3.09
N SER G 182 15.76 -3.31 -1.84
CA SER G 182 15.21 -2.04 -1.36
C SER G 182 15.92 -0.85 -1.85
N VAL G 183 17.22 -0.99 -1.89
CA VAL G 183 18.08 0.11 -2.23
C VAL G 183 18.07 0.46 -3.71
N ALA G 184 18.26 -0.58 -4.50
CA ALA G 184 18.42 -0.43 -5.95
C ALA G 184 17.19 0.22 -6.55
N ASN G 185 16.09 0.24 -5.78
CA ASN G 185 14.79 0.77 -6.27
C ASN G 185 14.20 2.02 -5.64
N SER G 186 14.80 2.53 -4.57
CA SER G 186 14.31 3.78 -4.01
C SER G 186 15.18 4.93 -4.50
N ASN G 187 14.76 6.14 -4.17
CA ASN G 187 15.50 7.32 -4.52
C ASN G 187 16.71 7.43 -3.66
N ILE G 188 17.88 7.12 -4.23
CA ILE G 188 19.18 7.25 -3.56
C ILE G 188 19.75 8.65 -3.57
N ILE G 189 19.68 9.36 -2.45
CA ILE G 189 20.07 10.78 -2.47
C ILE G 189 21.47 11.05 -1.97
N ASN G 190 22.38 11.15 -2.92
CA ASN G 190 23.79 11.31 -2.66
C ASN G 190 23.96 12.74 -2.19
N SER G 191 24.64 12.95 -1.07
CA SER G 191 24.86 14.32 -0.55
C SER G 191 26.31 14.65 -0.88
N ASN G 192 27.10 13.59 -1.00
CA ASN G 192 28.52 13.68 -1.24
C ASN G 192 28.92 13.98 -2.67
N ASN G 193 27.98 13.84 -3.60
CA ASN G 193 28.41 13.85 -4.97
C ASN G 193 28.42 15.27 -5.48
N THR G 194 27.75 16.17 -4.75
CA THR G 194 27.85 17.63 -4.96
C THR G 194 28.46 18.48 -3.83
N ALA G 195 29.57 19.19 -4.07
CA ALA G 195 30.40 19.88 -3.06
C ALA G 195 29.76 20.94 -2.11
N CYS G 196 28.68 21.61 -2.55
CA CYS G 196 27.94 22.68 -1.80
C CYS G 196 26.43 22.49 -1.57
N ARG G 197 25.95 22.89 -0.39
CA ARG G 197 24.51 22.74 -0.06
C ARG G 197 23.80 23.95 0.53
N ARG G 198 22.57 24.12 0.11
CA ARG G 198 21.78 25.23 0.59
C ARG G 198 21.43 24.97 2.06
N ILE G 199 21.06 26.07 2.70
CA ILE G 199 20.69 26.14 4.09
C ILE G 199 19.46 27.04 4.18
N GLU G 200 18.61 26.81 5.19
CA GLU G 200 17.44 27.65 5.31
C GLU G 200 16.90 27.98 6.70
N TRP G 201 16.21 29.12 6.69
CA TRP G 201 15.29 29.67 7.73
C TRP G 201 13.97 30.25 7.37
N VAL G 202 13.19 30.36 8.46
CA VAL G 202 12.08 31.26 8.59
C VAL G 202 12.25 31.93 9.95
N CYS G 203 13.13 32.94 9.99
CA CYS G 203 13.44 33.74 11.19
C CYS G 203 12.37 34.80 11.48
N GLY G 204 11.51 34.51 12.46
CA GLY G 204 10.45 35.40 12.93
C GLY G 204 11.02 36.67 13.53
N VAL G 205 10.50 37.81 13.09
CA VAL G 205 10.80 39.17 13.59
C VAL G 205 9.66 39.91 14.24
N GLY G 206 10.00 41.04 14.92
CA GLY G 206 8.98 41.91 15.52
C GLY G 206 8.22 42.03 14.24
N TYR G 207 6.92 41.89 14.36
CA TYR G 207 6.06 41.94 13.22
C TYR G 207 5.93 43.43 12.74
N GLY G 208 6.37 44.37 13.57
CA GLY G 208 6.47 45.80 13.24
C GLY G 208 7.77 46.44 12.71
N SER G 209 8.86 45.68 12.64
CA SER G 209 10.22 46.07 12.19
C SER G 209 10.26 46.40 10.68
N ASP G 210 11.22 47.20 10.17
CA ASP G 210 11.17 47.54 8.71
C ASP G 210 11.72 46.49 7.70
N ILE G 211 11.03 46.46 6.55
CA ILE G 211 11.29 45.58 5.40
C ILE G 211 12.76 45.54 4.99
N GLU G 212 13.48 46.61 5.32
CA GLU G 212 14.87 46.82 4.90
C GLU G 212 15.81 46.90 6.09
N LEU G 213 15.26 47.22 7.26
CA LEU G 213 16.07 47.26 8.46
C LEU G 213 16.73 45.88 8.67
N VAL G 214 15.84 44.91 8.89
CA VAL G 214 16.23 43.53 9.05
C VAL G 214 16.93 43.01 7.77
N HIS G 215 16.46 43.49 6.61
CA HIS G 215 17.00 43.11 5.29
C HIS G 215 18.48 43.47 5.16
N LYS G 216 18.93 44.38 6.03
CA LYS G 216 20.33 44.76 6.04
C LYS G 216 20.99 44.15 7.27
N THR G 217 20.30 44.02 8.41
CA THR G 217 20.99 43.41 9.59
C THR G 217 21.46 41.96 9.24
N ILE G 218 20.57 41.25 8.54
CA ILE G 218 20.95 39.95 8.00
C ILE G 218 21.98 40.06 6.87
N LYS G 219 21.81 40.93 5.86
CA LYS G 219 22.83 41.07 4.79
C LYS G 219 24.24 41.42 5.37
N ASP G 220 24.25 41.92 6.61
CA ASP G 220 25.47 42.25 7.33
C ASP G 220 26.04 41.05 8.08
N VAL G 221 25.17 40.32 8.78
CA VAL G 221 25.57 39.12 9.51
C VAL G 221 26.03 37.99 8.52
N ILE G 222 25.40 37.94 7.34
CA ILE G 222 25.80 37.08 6.21
C ILE G 222 27.28 37.25 5.89
N ASP G 223 27.67 38.51 5.66
CA ASP G 223 29.03 38.82 5.27
C ASP G 223 30.02 38.53 6.40
N THR G 224 29.64 38.88 7.64
CA THR G 224 30.52 38.72 8.82
C THR G 224 30.79 37.24 9.06
N MET G 225 30.09 36.40 8.32
CA MET G 225 30.29 34.98 8.50
C MET G 225 31.44 34.54 7.60
N GLU G 226 32.23 33.76 8.33
CA GLU G 226 33.42 33.11 7.92
C GLU G 226 33.19 31.93 7.02
N LYS G 227 32.25 31.14 7.48
CA LYS G 227 31.85 30.02 6.70
C LYS G 227 30.61 30.29 5.84
N ILE G 228 30.87 30.85 4.67
CA ILE G 228 29.79 31.34 3.78
C ILE G 228 30.27 31.66 2.37
N ASP G 229 29.47 31.33 1.37
CA ASP G 229 29.88 31.58 0.00
C ASP G 229 29.18 32.80 -0.56
N LYS G 230 29.96 33.59 -1.31
CA LYS G 230 29.49 34.80 -1.99
C LYS G 230 29.18 34.55 -3.48
N ASN G 231 29.85 33.57 -4.07
CA ASN G 231 29.58 33.13 -5.45
C ASN G 231 28.19 32.44 -5.54
N MET G 232 27.75 31.82 -4.43
CA MET G 232 26.40 31.27 -4.32
C MET G 232 25.45 32.32 -3.73
N PRO G 233 24.31 32.54 -4.41
CA PRO G 233 23.32 33.56 -3.99
C PRO G 233 22.75 33.38 -2.60
N THR G 234 22.31 34.49 -2.02
CA THR G 234 21.38 34.51 -0.91
C THR G 234 19.99 35.14 -1.17
N PHE G 235 18.89 34.42 -0.96
CA PHE G 235 17.51 34.97 -1.11
C PHE G 235 16.77 35.30 0.18
N ILE G 236 17.05 36.47 0.75
CA ILE G 236 16.53 36.88 2.04
C ILE G 236 15.47 37.97 2.05
N GLY G 237 14.23 37.52 1.91
CA GLY G 237 13.08 38.38 1.93
C GLY G 237 12.00 37.93 2.88
N ILE G 238 10.96 38.76 2.98
CA ILE G 238 9.77 38.38 3.76
C ILE G 238 9.02 37.32 3.07
N THR G 239 8.99 36.18 3.71
CA THR G 239 8.39 35.06 3.07
C THR G 239 6.90 35.17 3.31
N ASP G 240 6.48 35.22 4.57
CA ASP G 240 5.02 35.25 4.88
C ASP G 240 4.55 36.04 6.10
N PHE G 241 3.32 36.53 5.99
CA PHE G 241 2.63 37.14 7.11
C PHE G 241 2.60 36.04 8.13
N GLY G 242 2.98 36.31 9.36
CA GLY G 242 2.86 35.32 10.41
C GLY G 242 1.68 35.57 11.30
N SER G 243 1.35 34.58 12.10
CA SER G 243 0.29 34.73 13.10
C SER G 243 0.62 35.69 14.22
N SER G 244 1.79 35.57 14.75
CA SER G 244 2.08 36.47 15.83
C SER G 244 3.40 37.22 15.55
N SER G 245 4.08 36.76 14.50
CA SER G 245 5.41 37.26 14.13
C SER G 245 5.44 37.32 12.65
N LEU G 246 6.24 38.23 12.12
CA LEU G 246 6.54 38.27 10.70
C LEU G 246 7.67 37.29 10.41
N ASN G 247 7.60 36.61 9.27
CA ASN G 247 8.52 35.56 8.93
C ASN G 247 9.47 35.78 7.77
N PHE G 248 10.78 35.81 8.07
CA PHE G 248 11.81 35.98 7.01
C PHE G 248 12.48 34.69 6.61
N THR G 249 12.41 34.31 5.34
CA THR G 249 13.23 33.20 4.91
C THR G 249 14.63 33.66 4.74
N ILE G 250 15.56 32.78 5.11
CA ILE G 250 16.96 32.95 4.76
C ILE G 250 17.43 31.74 3.96
N ARG G 251 17.74 31.95 2.68
CA ARG G 251 18.31 30.90 1.82
C ARG G 251 19.79 31.26 1.76
N VAL G 252 20.72 30.38 2.18
CA VAL G 252 22.17 30.66 2.02
C VAL G 252 22.93 29.43 1.61
N TRP G 253 24.05 29.56 0.93
CA TRP G 253 24.81 28.34 0.69
C TRP G 253 26.08 28.16 1.51
N ALA G 254 26.52 26.92 1.64
CA ALA G 254 27.80 26.65 2.37
C ALA G 254 28.49 25.37 1.80
N LYS G 255 29.67 25.06 2.34
CA LYS G 255 30.45 23.92 1.86
C LYS G 255 30.30 22.70 2.75
N ILE G 256 30.18 21.52 2.12
CA ILE G 256 30.07 20.18 2.76
C ILE G 256 31.13 19.88 3.82
N GLU G 257 32.29 20.50 3.62
CA GLU G 257 33.53 20.31 4.36
C GLU G 257 33.42 20.55 5.86
N ASP G 258 32.75 21.61 6.26
CA ASP G 258 32.62 21.95 7.68
C ASP G 258 31.31 22.53 8.04
N GLY G 259 30.35 22.01 7.33
CA GLY G 259 28.97 22.41 7.43
C GLY G 259 27.93 21.68 8.23
N ILE G 260 27.07 21.01 7.46
CA ILE G 260 25.95 20.26 7.98
C ILE G 260 25.26 21.46 8.64
N PHE G 261 25.03 21.22 9.91
CA PHE G 261 24.41 21.91 11.00
C PHE G 261 25.10 22.94 11.81
N ASN G 262 26.42 22.91 11.70
CA ASN G 262 27.32 23.78 12.43
C ASN G 262 27.11 25.20 12.01
N VAL G 263 27.29 25.33 10.72
CA VAL G 263 27.12 26.55 10.00
C VAL G 263 25.77 27.17 10.36
N ARG G 264 24.69 26.39 10.26
CA ARG G 264 23.37 26.96 10.49
C ARG G 264 23.25 27.39 11.97
N SER G 265 23.76 26.56 12.89
CA SER G 265 23.63 26.93 14.29
C SER G 265 24.40 28.21 14.57
N GLU G 266 25.60 28.38 13.99
CA GLU G 266 26.35 29.62 14.26
C GLU G 266 25.70 30.77 13.55
N LEU G 267 25.16 30.51 12.37
CA LEU G 267 24.47 31.55 11.64
C LEU G 267 23.38 32.13 12.49
N ILE G 268 22.63 31.24 13.11
CA ILE G 268 21.61 31.73 13.97
C ILE G 268 22.26 32.42 15.20
N GLU G 269 23.40 31.93 15.72
CA GLU G 269 24.00 32.53 16.93
C GLU G 269 24.45 33.98 16.72
N ARG G 270 24.60 34.35 15.45
CA ARG G 270 25.03 35.71 15.08
C ARG G 270 23.81 36.50 14.60
N ILE G 271 22.83 35.86 13.96
CA ILE G 271 21.54 36.54 13.67
C ILE G 271 20.65 36.77 14.95
N LYS G 272 21.03 36.16 16.04
CA LYS G 272 20.49 36.58 17.30
C LYS G 272 21.37 37.65 17.89
N ASN G 273 22.69 37.37 17.98
CA ASN G 273 23.60 38.38 18.53
C ASN G 273 23.38 39.77 17.89
N ALA G 274 22.95 39.79 16.63
CA ALA G 274 22.64 41.03 15.94
C ALA G 274 21.17 41.43 16.04
N LEU G 275 20.21 40.55 15.74
CA LEU G 275 18.80 41.00 15.87
C LEU G 275 18.39 41.41 17.26
N ASP G 276 18.97 40.75 18.25
CA ASP G 276 18.76 41.10 19.65
C ASP G 276 19.35 42.50 19.87
N ALA G 277 20.44 42.78 19.13
CA ALA G 277 21.23 43.99 19.26
C ALA G 277 20.62 45.26 18.63
N ASN G 278 19.78 45.12 17.62
CA ASN G 278 19.30 46.31 16.93
C ASN G 278 17.94 46.83 17.40
N HIS G 279 17.54 46.49 18.63
CA HIS G 279 16.26 46.93 19.19
C HIS G 279 15.10 46.51 18.22
N ILE G 280 15.34 45.38 17.51
CA ILE G 280 14.41 44.64 16.62
C ILE G 280 13.82 43.47 17.43
N GLU G 281 12.50 43.43 17.58
CA GLU G 281 11.90 42.41 18.46
C GLU G 281 11.67 41.05 17.87
N ILE G 282 12.02 39.98 18.58
CA ILE G 282 11.44 38.70 18.18
C ILE G 282 10.25 38.36 19.07
N PRO G 283 9.06 38.20 18.48
CA PRO G 283 7.92 38.23 19.39
C PRO G 283 7.54 36.87 19.92
N PHE G 284 7.15 36.86 21.21
CA PHE G 284 6.38 35.75 21.77
C PHE G 284 5.01 35.94 21.20
N ASN G 285 4.29 34.84 21.12
CA ASN G 285 3.03 34.82 20.45
C ASN G 285 2.11 35.93 20.89
N LYS G 286 1.74 36.78 19.94
CA LYS G 286 0.90 37.92 20.22
C LYS G 286 -0.57 37.53 20.07
N LEU G 287 -1.36 38.13 20.95
CA LEU G 287 -2.79 37.88 21.10
C LEU G 287 -3.58 39.15 21.47
N ASP G 288 -4.64 39.45 20.71
CA ASP G 288 -5.38 40.69 20.84
C ASP G 288 -6.68 40.42 21.57
N ILE G 289 -6.64 40.58 22.87
CA ILE G 289 -7.80 40.25 23.68
C ILE G 289 -8.83 41.34 23.63
N ALA G 290 -10.06 40.96 23.35
CA ALA G 290 -11.11 41.88 23.55
C ALA G 290 -11.90 41.40 24.77
N ILE G 291 -12.43 42.32 25.59
CA ILE G 291 -13.17 41.88 26.79
C ILE G 291 -14.60 42.43 26.85
N LYS G 292 -15.53 41.58 27.28
CA LYS G 292 -16.96 41.88 27.42
C LYS G 292 -17.59 40.93 28.44
N ASN G 293 -18.47 41.42 29.32
CA ASN G 293 -19.04 40.55 30.36
C ASN G 293 -20.45 40.04 29.98
N GLN G 294 -20.90 38.99 30.66
CA GLN G 294 -22.21 38.38 30.41
C GLN G 294 -22.84 37.80 31.66
#